data_4D7E
#
_entry.id   4D7E
#
_cell.length_a   80.640
_cell.length_b   121.920
_cell.length_c   91.860
_cell.angle_alpha   90.00
_cell.angle_beta   97.72
_cell.angle_gamma   90.00
#
_symmetry.space_group_name_H-M   'P 1 21 1'
#
loop_
_entity.id
_entity.type
_entity.pdbx_description
1 polymer 'L-LYS MONOOXYGENASE'
2 non-polymer 'FLAVIN-ADENINE DINUCLEOTIDE'
3 water water
#
_entity_poly.entity_id   1
_entity_poly.type   'polypeptide(L)'
_entity_poly.pdbx_seq_one_letter_code
;METLLVVGAGPKALAVAAKSHVLRQLGLSAPRVIAVEAHAVGGNWLASGGWTDGRHRLGTSPEKDIGFPYHSTWARGHNR
EINEAMMAFSWTSFLVEHGTYAEWIDRGRPSPQHHVWAKYLQWVARKIDLELVLGKVRTIRQRPTDGGAGWSVEVAGADG
ATTELEADGLMITGPGQSTKALAAHPRVLSIAEFWDLAGKRKLPISSRAAVIGGGETAGSALDELVRHEMLTISVISPMA
TIYTRGESYFENSLFSDPTKWNALSIQERRDVIRRTDRGVFSVRVQESLLGDNRVHHLQGRVTRIVGQGDGVAVTLRNEM
RADQVHNFDLVVDATGGQPLWFLDLFDSESADLLELAVGGPLTQQRIESSIGYDLAVTGLGAKLYLPNMAALAQGPGFPN
LSCLGELSDRVLRAEPARVRAGARQLAAQ
;
_entity_poly.pdbx_strand_id   A,B,C,D
#
# COMPACT_ATOMS: atom_id res chain seq x y z
N MET A 1 48.59 4.14 -7.22
CA MET A 1 47.86 4.06 -8.53
C MET A 1 47.90 5.44 -9.22
N GLU A 2 48.51 5.58 -10.39
CA GLU A 2 48.39 6.87 -11.08
C GLU A 2 47.09 6.91 -11.82
N THR A 3 46.87 5.94 -12.69
CA THR A 3 45.68 5.94 -13.52
C THR A 3 44.86 4.65 -13.25
N LEU A 4 43.54 4.82 -13.12
CA LEU A 4 42.60 3.73 -13.08
C LEU A 4 41.69 3.80 -14.30
N LEU A 5 41.74 2.77 -15.12
CA LEU A 5 40.94 2.75 -16.31
C LEU A 5 39.68 1.89 -16.04
N VAL A 6 38.55 2.31 -16.59
CA VAL A 6 37.29 1.64 -16.34
C VAL A 6 36.68 1.24 -17.66
N VAL A 7 36.19 0.02 -17.73
CA VAL A 7 35.53 -0.46 -18.90
C VAL A 7 34.06 -0.27 -18.66
N GLY A 8 33.53 0.84 -19.20
CA GLY A 8 32.12 1.18 -19.10
C GLY A 8 31.95 2.43 -18.25
N ALA A 9 31.02 3.31 -18.67
CA ALA A 9 30.65 4.52 -17.91
C ALA A 9 29.22 4.39 -17.43
N GLY A 10 29.06 3.61 -16.38
CA GLY A 10 27.83 3.44 -15.67
C GLY A 10 28.00 3.83 -14.22
N PRO A 11 27.10 3.37 -13.38
CA PRO A 11 27.10 3.80 -12.01
C PRO A 11 28.46 3.61 -11.35
N LYS A 12 29.10 2.48 -11.61
CA LYS A 12 30.35 2.10 -10.93
C LYS A 12 31.52 3.00 -11.33
N ALA A 13 31.73 3.12 -12.62
CA ALA A 13 32.69 4.07 -13.16
C ALA A 13 32.56 5.47 -12.57
N LEU A 14 31.33 5.91 -12.41
CA LEU A 14 31.08 7.25 -11.95
C LEU A 14 31.25 7.29 -10.46
N ALA A 15 30.91 6.20 -9.80
CA ALA A 15 31.06 6.14 -8.37
C ALA A 15 32.52 6.31 -8.00
N VAL A 16 33.37 5.62 -8.73
CA VAL A 16 34.82 5.67 -8.48
C VAL A 16 35.39 7.00 -8.98
N ALA A 17 34.95 7.49 -10.14
CA ALA A 17 35.43 8.79 -10.62
C ALA A 17 35.03 9.91 -9.67
N ALA A 18 33.86 9.83 -9.08
CA ALA A 18 33.40 10.94 -8.25
C ALA A 18 34.05 10.92 -6.89
N LYS A 19 34.28 9.73 -6.34
CA LYS A 19 34.98 9.61 -5.09
C LYS A 19 36.43 10.09 -5.30
N SER A 20 36.95 9.80 -6.50
CA SER A 20 38.30 10.20 -6.87
C SER A 20 38.40 11.72 -6.88
N HIS A 21 37.46 12.31 -7.58
CA HIS A 21 37.34 13.77 -7.69
C HIS A 21 37.25 14.50 -6.35
N VAL A 22 36.46 13.96 -5.42
CA VAL A 22 36.36 14.55 -4.08
C VAL A 22 37.65 14.35 -3.34
N LEU A 23 38.29 13.20 -3.56
CA LEU A 23 39.48 12.89 -2.80
C LEU A 23 40.60 13.83 -3.18
N ARG A 24 40.87 14.01 -4.47
CA ARG A 24 41.96 14.89 -4.82
C ARG A 24 41.60 16.31 -4.52
N GLN A 25 40.31 16.64 -4.55
CA GLN A 25 39.90 17.98 -4.20
C GLN A 25 40.28 18.25 -2.75
N LEU A 26 40.03 17.27 -1.89
CA LEU A 26 40.43 17.35 -0.49
C LEU A 26 41.94 17.34 -0.26
N GLY A 27 42.70 16.90 -1.24
CA GLY A 27 44.15 16.79 -1.16
C GLY A 27 44.63 15.37 -0.89
N LEU A 28 43.78 14.38 -1.04
CA LEU A 28 44.17 13.04 -0.68
C LEU A 28 44.67 12.34 -1.93
N SER A 29 45.31 11.19 -1.73
CA SER A 29 45.84 10.42 -2.83
C SER A 29 44.70 9.80 -3.65
N ALA A 30 44.84 9.82 -4.98
CA ALA A 30 43.65 9.75 -5.84
C ALA A 30 43.99 9.46 -7.31
N PRO A 31 43.66 8.24 -7.81
CA PRO A 31 43.90 7.90 -9.20
C PRO A 31 43.19 8.81 -10.17
N ARG A 32 43.74 8.97 -11.36
CA ARG A 32 43.07 9.62 -12.46
C ARG A 32 42.15 8.60 -13.10
N VAL A 33 40.84 8.81 -13.01
CA VAL A 33 39.86 7.82 -13.50
C VAL A 33 39.36 8.15 -14.90
N ILE A 34 39.66 7.28 -15.85
CA ILE A 34 39.29 7.40 -17.25
C ILE A 34 38.41 6.21 -17.56
N ALA A 35 37.22 6.50 -18.10
CA ALA A 35 36.28 5.46 -18.36
C ALA A 35 36.15 5.35 -19.86
N VAL A 36 36.12 4.11 -20.35
CA VAL A 36 35.98 3.84 -21.76
C VAL A 36 34.58 3.30 -22.05
N GLU A 37 33.83 4.01 -22.92
CA GLU A 37 32.41 3.70 -23.17
C GLU A 37 32.02 3.64 -24.64
N ALA A 38 31.32 2.60 -25.07
CA ALA A 38 31.08 2.42 -26.51
C ALA A 38 29.75 2.97 -26.96
N HIS A 39 28.90 3.27 -25.99
CA HIS A 39 27.61 3.76 -26.27
C HIS A 39 27.53 5.16 -25.71
N ALA A 40 27.34 5.26 -24.42
CA ALA A 40 26.97 6.52 -23.85
C ALA A 40 26.97 6.33 -22.36
N VAL A 41 27.18 7.41 -21.66
CA VAL A 41 27.27 7.36 -20.22
C VAL A 41 25.85 6.97 -19.87
N GLY A 42 25.73 5.96 -19.00
CA GLY A 42 24.42 5.51 -18.61
C GLY A 42 23.75 4.72 -19.71
N GLY A 43 24.53 4.26 -20.67
CA GLY A 43 24.04 3.63 -21.88
C GLY A 43 23.05 2.50 -21.72
N ASN A 44 23.28 1.68 -20.70
CA ASN A 44 22.49 0.48 -20.45
C ASN A 44 21.22 0.78 -19.68
N TRP A 45 21.06 2.01 -19.27
CA TRP A 45 19.80 2.42 -18.69
C TRP A 45 18.96 3.13 -19.77
N LEU A 46 19.53 3.29 -20.97
CA LEU A 46 18.75 3.81 -22.15
C LEU A 46 18.24 2.64 -23.00
N ALA A 47 17.04 2.81 -23.54
CA ALA A 47 16.43 1.87 -24.49
C ALA A 47 17.35 1.48 -25.64
N SER A 48 18.22 2.37 -26.06
CA SER A 48 19.13 2.00 -27.10
C SER A 48 20.19 1.06 -26.65
N GLY A 49 20.37 0.89 -25.35
CA GLY A 49 21.28 -0.11 -24.84
C GLY A 49 20.81 -1.53 -24.95
N GLY A 50 19.49 -1.73 -25.02
CA GLY A 50 18.90 -3.05 -25.29
C GLY A 50 18.52 -3.88 -24.07
N TRP A 51 18.86 -3.42 -22.87
CA TRP A 51 18.55 -4.19 -21.65
C TRP A 51 17.12 -3.86 -21.13
N THR A 52 16.63 -2.70 -21.54
CA THR A 52 15.42 -2.10 -21.01
C THR A 52 14.75 -1.34 -22.17
N ASP A 53 13.49 -0.91 -22.00
CA ASP A 53 12.87 0.01 -22.98
C ASP A 53 13.07 1.43 -22.56
N GLY A 54 13.62 1.60 -21.36
CA GLY A 54 13.91 2.93 -20.88
C GLY A 54 12.82 3.44 -19.99
N ARG A 55 11.69 2.74 -19.93
CA ARG A 55 10.49 3.32 -19.29
C ARG A 55 10.06 2.60 -18.04
N HIS A 56 10.55 1.40 -17.82
CA HIS A 56 10.45 0.77 -16.53
C HIS A 56 11.27 1.52 -15.46
N ARG A 57 10.93 1.22 -14.24
CA ARG A 57 11.25 2.04 -13.14
C ARG A 57 12.33 1.31 -12.38
N LEU A 58 13.28 2.07 -11.89
CA LEU A 58 14.33 1.59 -11.02
C LEU A 58 13.76 0.81 -9.88
N GLY A 59 14.25 -0.39 -9.66
CA GLY A 59 13.72 -1.16 -8.55
C GLY A 59 14.36 -0.86 -7.22
N THR A 60 15.54 -0.30 -7.23
CA THR A 60 16.07 0.23 -6.00
C THR A 60 15.77 1.74 -5.86
N SER A 61 15.64 2.20 -4.62
CA SER A 61 15.49 3.59 -4.35
C SER A 61 16.60 4.33 -5.03
N PRO A 62 16.25 5.51 -5.57
CA PRO A 62 17.25 6.30 -6.28
C PRO A 62 18.19 7.01 -5.29
N GLU A 63 17.79 7.11 -4.05
CA GLU A 63 18.78 7.54 -3.06
C GLU A 63 20.05 6.70 -3.09
N LYS A 64 19.94 5.45 -3.51
CA LYS A 64 21.10 4.58 -3.70
C LYS A 64 21.75 4.86 -4.99
N ASP A 65 22.47 5.95 -4.93
CA ASP A 65 23.05 6.62 -6.06
C ASP A 65 24.57 6.41 -6.01
N ILE A 66 25.35 7.30 -6.59
CA ILE A 66 26.69 6.96 -6.86
C ILE A 66 27.58 7.13 -5.63
N GLY A 67 27.11 7.79 -4.57
CA GLY A 67 27.84 7.88 -3.30
C GLY A 67 27.25 7.12 -2.10
N PHE A 68 26.08 6.55 -2.30
CA PHE A 68 25.36 5.97 -1.20
C PHE A 68 26.27 4.86 -0.69
N PRO A 69 26.34 4.66 0.60
CA PRO A 69 25.52 5.33 1.59
C PRO A 69 26.17 6.50 2.31
N TYR A 70 27.18 7.13 1.73
CA TYR A 70 27.78 8.30 2.43
C TYR A 70 28.29 7.99 3.88
N HIS A 71 28.83 6.78 4.06
CA HIS A 71 29.31 6.36 5.36
C HIS A 71 30.28 5.18 5.30
N SER A 72 31.52 5.40 5.72
CA SER A 72 32.47 4.31 6.01
C SER A 72 32.43 3.85 7.46
N THR A 73 32.67 2.57 7.68
CA THR A 73 32.80 2.05 9.04
C THR A 73 34.25 1.91 9.38
N TRP A 74 35.12 2.10 8.38
CA TRP A 74 36.53 1.77 8.53
C TRP A 74 37.41 2.89 7.98
N ALA A 75 37.12 3.43 6.79
CA ALA A 75 38.05 4.35 6.15
C ALA A 75 38.20 5.60 6.96
N ARG A 76 39.02 5.51 7.99
CA ARG A 76 39.34 6.65 8.83
C ARG A 76 39.94 7.80 8.03
N GLY A 77 39.74 8.99 8.57
CA GLY A 77 40.23 10.18 7.94
C GLY A 77 39.08 11.10 7.70
N HIS A 78 39.05 11.65 6.50
CA HIS A 78 38.26 12.84 6.24
C HIS A 78 36.82 12.47 5.89
N ASN A 79 36.24 11.55 6.64
CA ASN A 79 34.95 10.99 6.31
C ASN A 79 33.85 12.03 6.19
N ARG A 80 33.75 12.87 7.21
CA ARG A 80 32.69 13.83 7.23
C ARG A 80 32.80 14.67 5.97
N GLU A 81 33.99 15.13 5.62
CA GLU A 81 34.15 16.01 4.45
C GLU A 81 33.96 15.32 3.13
N ILE A 82 34.34 14.05 3.04
CA ILE A 82 34.17 13.26 1.85
C ILE A 82 32.66 13.07 1.58
N ASN A 83 31.93 12.68 2.63
CA ASN A 83 30.51 12.48 2.57
C ASN A 83 29.78 13.72 2.20
N GLU A 84 30.14 14.83 2.85
CA GLU A 84 29.53 16.11 2.54
C GLU A 84 29.76 16.48 1.05
N ALA A 85 30.99 16.39 0.55
CA ALA A 85 31.25 16.73 -0.84
C ALA A 85 30.57 15.79 -1.82
N MET A 86 30.50 14.51 -1.47
CA MET A 86 29.99 13.51 -2.39
C MET A 86 28.50 13.75 -2.60
N MET A 87 27.80 14.28 -1.61
CA MET A 87 26.38 14.59 -1.74
C MET A 87 26.06 15.58 -2.84
N ALA A 88 27.05 16.34 -3.28
CA ALA A 88 26.83 17.16 -4.48
C ALA A 88 26.44 16.32 -5.69
N PHE A 89 26.75 15.01 -5.70
CA PHE A 89 26.50 14.21 -6.86
C PHE A 89 25.37 13.21 -6.66
N SER A 90 24.48 13.50 -5.71
CA SER A 90 23.45 12.59 -5.38
C SER A 90 22.23 12.80 -6.29
N TRP A 91 21.36 11.80 -6.29
CA TRP A 91 20.05 11.91 -6.87
C TRP A 91 19.33 13.19 -6.43
N THR A 92 19.50 13.52 -5.18
CA THR A 92 18.81 14.65 -4.59
C THR A 92 19.32 15.91 -5.20
N SER A 93 20.63 15.99 -5.28
CA SER A 93 21.26 17.09 -5.94
C SER A 93 20.91 17.19 -7.38
N PHE A 94 20.85 16.06 -8.05
CA PHE A 94 20.38 16.01 -9.43
C PHE A 94 19.02 16.70 -9.58
N LEU A 95 18.07 16.35 -8.72
CA LEU A 95 16.77 16.94 -8.78
C LEU A 95 16.84 18.45 -8.51
N VAL A 96 17.58 18.85 -7.50
CA VAL A 96 17.65 20.23 -7.11
C VAL A 96 18.21 21.09 -8.21
N GLU A 97 19.28 20.64 -8.85
CA GLU A 97 19.80 21.38 -9.98
C GLU A 97 18.74 21.62 -11.03
N HIS A 98 17.91 20.63 -11.34
CA HIS A 98 16.96 20.72 -12.41
C HIS A 98 15.63 21.33 -11.99
N GLY A 99 15.43 21.71 -10.74
CA GLY A 99 14.16 22.32 -10.30
C GLY A 99 13.03 21.32 -10.13
N THR A 100 13.33 20.05 -10.06
CA THR A 100 12.26 19.08 -10.00
C THR A 100 12.10 18.40 -8.66
N TYR A 101 12.78 18.87 -7.62
CA TYR A 101 12.84 18.12 -6.37
C TYR A 101 11.55 18.11 -5.66
N ALA A 102 10.96 19.27 -5.56
CA ALA A 102 9.70 19.39 -4.89
C ALA A 102 8.66 18.54 -5.57
N GLU A 103 8.74 18.48 -6.91
CA GLU A 103 7.78 17.72 -7.70
C GLU A 103 7.92 16.25 -7.35
N TRP A 104 9.16 15.81 -7.30
CA TRP A 104 9.46 14.43 -6.99
C TRP A 104 8.92 14.05 -5.61
N ILE A 105 9.12 14.90 -4.61
CA ILE A 105 8.50 14.70 -3.30
C ILE A 105 6.99 14.75 -3.39
N ASP A 106 6.43 15.76 -4.01
CA ASP A 106 4.99 15.91 -4.00
C ASP A 106 4.35 14.80 -4.77
N ARG A 107 5.05 14.24 -5.76
CA ARG A 107 4.53 13.04 -6.45
C ARG A 107 4.79 11.75 -5.67
N GLY A 108 5.15 11.85 -4.41
CA GLY A 108 5.31 10.64 -3.58
C GLY A 108 6.56 9.83 -3.88
N ARG A 109 7.61 10.50 -4.36
CA ARG A 109 8.88 9.86 -4.62
C ARG A 109 8.78 8.69 -5.56
N PRO A 110 8.22 8.92 -6.72
CA PRO A 110 8.23 7.79 -7.63
C PRO A 110 9.66 7.38 -7.99
N SER A 111 9.87 6.10 -8.24
CA SER A 111 11.21 5.65 -8.68
C SER A 111 11.40 6.08 -10.11
N PRO A 112 12.59 6.53 -10.47
CA PRO A 112 12.69 7.06 -11.81
C PRO A 112 12.71 6.01 -12.89
N GLN A 113 12.26 6.36 -14.07
CA GLN A 113 12.32 5.45 -15.21
C GLN A 113 13.78 5.31 -15.54
N HIS A 114 14.14 4.23 -16.22
CA HIS A 114 15.56 3.98 -16.46
C HIS A 114 16.13 5.12 -17.21
N HIS A 115 15.46 5.61 -18.25
CA HIS A 115 16.09 6.73 -19.03
C HIS A 115 16.34 7.94 -18.14
N VAL A 116 15.51 8.17 -17.12
CA VAL A 116 15.78 9.21 -16.12
C VAL A 116 16.97 8.90 -15.28
N TRP A 117 17.18 7.63 -14.95
CA TRP A 117 18.45 7.26 -14.25
C TRP A 117 19.61 7.51 -15.18
N ALA A 118 19.45 7.27 -16.46
CA ALA A 118 20.57 7.45 -17.38
C ALA A 118 20.97 8.91 -17.37
N LYS A 119 19.96 9.78 -17.26
CA LYS A 119 20.20 11.24 -17.22
C LYS A 119 20.86 11.68 -15.92
N TYR A 120 20.49 11.04 -14.83
CA TYR A 120 21.15 11.26 -13.58
C TYR A 120 22.64 10.95 -13.77
N LEU A 121 22.95 9.84 -14.43
CA LEU A 121 24.34 9.40 -14.57
C LEU A 121 25.08 10.33 -15.51
N GLN A 122 24.39 10.72 -16.58
CA GLN A 122 24.97 11.68 -17.53
C GLN A 122 25.31 13.00 -16.89
N TRP A 123 24.43 13.43 -16.01
CA TRP A 123 24.64 14.61 -15.19
C TRP A 123 25.85 14.43 -14.23
N VAL A 124 25.90 13.34 -13.49
CA VAL A 124 27.10 13.11 -12.64
C VAL A 124 28.37 13.28 -13.50
N ALA A 125 28.44 12.67 -14.66
CA ALA A 125 29.64 12.74 -15.49
C ALA A 125 30.02 14.18 -15.83
N ARG A 126 29.06 15.01 -16.21
CA ARG A 126 29.35 16.45 -16.50
C ARG A 126 29.84 17.11 -15.23
N LYS A 127 29.26 16.74 -14.11
CA LYS A 127 29.58 17.45 -12.90
C LYS A 127 31.01 17.28 -12.46
N ILE A 128 31.61 16.14 -12.75
CA ILE A 128 33.00 15.88 -12.35
C ILE A 128 33.90 15.87 -13.57
N ASP A 129 33.37 16.32 -14.72
CA ASP A 129 34.11 16.33 -15.98
C ASP A 129 34.79 15.01 -16.15
N LEU A 130 33.98 13.97 -16.10
CA LEU A 130 34.51 12.64 -16.21
C LEU A 130 35.33 12.53 -17.47
N GLU A 131 36.50 11.93 -17.35
CA GLU A 131 37.44 11.79 -18.44
C GLU A 131 36.99 10.55 -19.16
N LEU A 132 36.65 10.68 -20.44
CA LEU A 132 35.90 9.65 -21.11
C LEU A 132 36.37 9.44 -22.51
N VAL A 133 36.49 8.17 -22.92
CA VAL A 133 36.91 7.81 -24.27
C VAL A 133 35.81 7.01 -24.92
N LEU A 134 35.32 7.47 -26.06
CA LEU A 134 34.27 6.73 -26.76
C LEU A 134 34.89 5.65 -27.59
N GLY A 135 34.41 4.43 -27.39
CA GLY A 135 34.89 3.32 -28.17
C GLY A 135 34.74 2.03 -27.40
N LYS A 136 34.77 0.92 -28.12
CA LYS A 136 34.56 -0.38 -27.54
C LYS A 136 35.94 -0.96 -27.20
N VAL A 137 36.11 -1.35 -25.95
CA VAL A 137 37.27 -2.11 -25.56
C VAL A 137 37.25 -3.42 -26.33
N ARG A 138 38.38 -3.72 -26.94
CA ARG A 138 38.50 -4.90 -27.77
C ARG A 138 39.43 -5.93 -27.13
N THR A 139 40.56 -5.47 -26.58
CA THR A 139 41.59 -6.36 -26.07
C THR A 139 42.20 -5.78 -24.80
N ILE A 140 42.43 -6.63 -23.80
CA ILE A 140 43.06 -6.23 -22.52
C ILE A 140 44.30 -7.06 -22.23
N ARG A 141 45.48 -6.43 -22.16
CA ARG A 141 46.74 -7.11 -21.83
C ARG A 141 47.49 -6.49 -20.64
N GLN A 142 48.14 -7.32 -19.82
CA GLN A 142 49.17 -6.88 -18.83
C GLN A 142 50.44 -6.37 -19.48
N GLY A 150 50.88 -2.63 -14.63
CA GLY A 150 49.99 -1.86 -15.50
C GLY A 150 49.04 -2.69 -16.39
N TRP A 151 48.29 -1.99 -17.24
CA TRP A 151 47.41 -2.60 -18.23
C TRP A 151 47.64 -1.85 -19.51
N SER A 152 47.47 -2.51 -20.65
CA SER A 152 47.36 -1.81 -21.94
C SER A 152 46.10 -2.33 -22.60
N VAL A 153 45.22 -1.44 -23.05
CA VAL A 153 43.91 -1.85 -23.61
C VAL A 153 43.56 -1.19 -24.99
N GLU A 154 43.09 -2.01 -25.92
CA GLU A 154 42.79 -1.60 -27.28
C GLU A 154 41.36 -1.15 -27.35
N VAL A 155 41.17 0.06 -27.86
CA VAL A 155 39.87 0.70 -27.95
C VAL A 155 39.58 1.08 -29.39
N ALA A 156 38.73 0.30 -30.04
CA ALA A 156 38.14 0.69 -31.32
C ALA A 156 37.23 1.86 -31.10
N GLY A 157 37.24 2.87 -32.01
CA GLY A 157 36.49 4.12 -31.80
C GLY A 157 35.62 4.58 -32.98
N ALA A 161 39.45 2.33 -36.83
CA ALA A 161 40.07 3.19 -35.82
C ALA A 161 40.51 2.34 -34.64
N THR A 162 41.53 2.79 -33.91
CA THR A 162 42.07 2.02 -32.78
C THR A 162 42.92 2.92 -31.89
N THR A 163 43.05 2.56 -30.62
CA THR A 163 44.01 3.19 -29.73
C THR A 163 44.49 2.24 -28.64
N GLU A 164 45.66 2.55 -28.10
CA GLU A 164 46.30 1.76 -27.07
C GLU A 164 46.40 2.68 -25.85
N LEU A 165 45.42 2.59 -24.97
CA LEU A 165 45.44 3.32 -23.69
C LEU A 165 46.07 2.43 -22.63
N GLU A 166 46.83 2.99 -21.72
CA GLU A 166 47.46 2.15 -20.70
C GLU A 166 47.31 2.79 -19.35
N ALA A 167 47.46 1.99 -18.30
CA ALA A 167 46.96 2.36 -16.97
C ALA A 167 47.44 1.40 -15.88
N ASP A 168 47.37 1.85 -14.65
CA ASP A 168 47.93 1.14 -13.52
C ASP A 168 46.94 0.15 -12.95
N GLY A 169 45.67 0.54 -12.91
CA GLY A 169 44.61 -0.36 -12.52
C GLY A 169 43.51 -0.39 -13.55
N LEU A 170 42.71 -1.43 -13.47
CA LEU A 170 41.58 -1.59 -14.36
C LEU A 170 40.37 -2.03 -13.58
N MET A 171 39.26 -1.33 -13.77
CA MET A 171 38.01 -1.81 -13.24
C MET A 171 37.08 -2.19 -14.38
N ILE A 172 36.59 -3.40 -14.33
CA ILE A 172 35.60 -3.89 -15.24
C ILE A 172 34.22 -3.69 -14.65
N THR A 173 33.32 -3.10 -15.47
CA THR A 173 31.93 -2.85 -15.08
C THR A 173 31.01 -3.34 -16.20
N GLY A 174 29.73 -3.51 -15.89
CA GLY A 174 28.75 -3.99 -16.85
C GLY A 174 28.37 -5.44 -16.89
N PRO A 175 27.23 -5.75 -17.50
CA PRO A 175 26.79 -7.13 -17.34
C PRO A 175 26.94 -7.98 -18.57
N GLY A 176 27.53 -7.43 -19.60
CA GLY A 176 27.69 -8.18 -20.81
C GLY A 176 27.01 -7.51 -21.98
N GLN A 177 26.62 -8.27 -22.97
CA GLN A 177 26.05 -7.71 -24.18
C GLN A 177 24.56 -8.02 -24.14
N SER A 178 23.74 -7.01 -24.35
CA SER A 178 22.29 -7.19 -24.37
C SER A 178 21.84 -7.99 -25.58
N THR A 179 22.67 -8.02 -26.63
CA THR A 179 22.32 -8.70 -27.85
C THR A 179 22.66 -10.19 -27.84
N LYS A 180 23.33 -10.66 -26.78
CA LYS A 180 23.76 -12.06 -26.68
C LYS A 180 22.73 -12.90 -25.96
N ALA A 181 22.22 -13.92 -26.61
CA ALA A 181 21.28 -14.81 -25.95
C ALA A 181 22.08 -16.00 -25.42
N LEU A 182 21.57 -16.65 -24.37
CA LEU A 182 22.24 -17.83 -23.78
C LEU A 182 22.31 -19.03 -24.74
N ALA A 183 21.53 -19.02 -25.82
CA ALA A 183 21.48 -20.07 -26.83
C ALA A 183 21.25 -19.46 -28.20
N ALA A 184 21.60 -20.17 -29.26
CA ALA A 184 21.49 -19.67 -30.62
C ALA A 184 20.35 -20.37 -31.37
N HIS A 185 19.29 -19.63 -31.65
CA HIS A 185 18.08 -20.15 -32.25
C HIS A 185 17.08 -19.01 -32.45
N PRO A 186 16.51 -18.90 -33.64
CA PRO A 186 15.53 -17.87 -34.04
C PRO A 186 14.40 -17.61 -33.05
N ARG A 187 13.98 -18.63 -32.32
CA ARG A 187 13.01 -18.44 -31.25
C ARG A 187 13.62 -18.16 -29.89
N VAL A 188 14.91 -17.90 -29.83
CA VAL A 188 15.51 -17.50 -28.55
C VAL A 188 15.99 -16.10 -28.70
N LEU A 189 15.34 -15.24 -27.96
CA LEU A 189 15.58 -13.84 -28.07
C LEU A 189 16.54 -13.37 -26.98
N SER A 190 17.55 -12.64 -27.40
CA SER A 190 18.21 -11.75 -26.50
C SER A 190 17.20 -10.73 -26.02
N ILE A 191 17.54 -10.04 -24.95
CA ILE A 191 16.65 -9.10 -24.32
C ILE A 191 16.54 -7.86 -25.26
N ALA A 192 17.60 -7.57 -26.00
CA ALA A 192 17.57 -6.53 -26.97
C ALA A 192 16.53 -6.82 -28.09
N GLU A 193 16.66 -7.98 -28.71
CA GLU A 193 15.76 -8.42 -29.72
C GLU A 193 14.35 -8.30 -29.15
N PHE A 194 14.16 -8.76 -27.92
CA PHE A 194 12.80 -8.77 -27.38
C PHE A 194 12.18 -7.35 -27.32
N TRP A 195 12.90 -6.40 -26.73
CA TRP A 195 12.39 -5.05 -26.65
C TRP A 195 12.05 -4.48 -28.00
N ASP A 196 12.95 -4.70 -28.93
CA ASP A 196 12.77 -4.22 -30.25
C ASP A 196 11.44 -4.74 -30.84
N LEU A 197 11.15 -6.02 -30.67
CA LEU A 197 9.97 -6.52 -31.30
C LEU A 197 8.72 -6.65 -30.41
N ALA A 198 8.81 -6.63 -29.08
CA ALA A 198 7.61 -6.34 -28.30
C ALA A 198 7.06 -4.93 -28.71
N GLY A 199 7.94 -4.00 -29.04
CA GLY A 199 7.55 -2.70 -29.50
C GLY A 199 6.77 -2.76 -30.83
N LYS A 200 7.20 -3.59 -31.78
CA LYS A 200 6.55 -3.67 -33.10
C LYS A 200 5.48 -4.78 -33.16
N ARG A 201 4.90 -5.10 -32.01
CA ARG A 201 4.06 -6.28 -31.91
C ARG A 201 4.57 -7.34 -32.91
N LYS A 202 5.84 -7.70 -32.79
CA LYS A 202 6.45 -8.67 -33.71
C LYS A 202 6.88 -9.96 -33.04
N LEU A 203 6.26 -10.25 -31.90
CA LEU A 203 6.42 -11.53 -31.25
C LEU A 203 5.39 -12.48 -31.84
N PRO A 204 5.81 -13.72 -32.15
CA PRO A 204 4.87 -14.77 -32.52
C PRO A 204 3.66 -14.84 -31.58
N ILE A 205 2.48 -15.11 -32.14
CA ILE A 205 1.22 -15.02 -31.37
C ILE A 205 0.69 -16.41 -30.97
N SER A 206 0.00 -16.47 -29.82
CA SER A 206 -0.43 -17.71 -29.15
C SER A 206 0.73 -18.63 -28.74
N SER A 207 1.90 -18.03 -28.60
CA SER A 207 3.07 -18.81 -28.30
C SER A 207 3.01 -19.33 -26.88
N ARG A 208 3.52 -20.54 -26.68
CA ARG A 208 3.88 -20.96 -25.36
C ARG A 208 5.23 -20.32 -25.19
N ALA A 209 5.27 -19.30 -24.36
CA ALA A 209 6.45 -18.48 -24.27
C ALA A 209 7.17 -18.60 -22.93
N ALA A 210 8.49 -18.34 -22.95
CA ALA A 210 9.32 -18.48 -21.75
C ALA A 210 10.17 -17.26 -21.51
N VAL A 211 10.24 -16.86 -20.25
CA VAL A 211 11.16 -15.83 -19.83
C VAL A 211 12.19 -16.44 -18.89
N ILE A 212 13.47 -16.17 -19.19
CA ILE A 212 14.58 -16.73 -18.46
C ILE A 212 15.20 -15.62 -17.66
N GLY A 213 15.04 -15.69 -16.33
CA GLY A 213 15.66 -14.73 -15.45
C GLY A 213 14.89 -14.49 -14.18
N GLY A 214 15.58 -13.93 -13.19
CA GLY A 214 14.99 -13.62 -11.87
C GLY A 214 15.16 -12.19 -11.37
N GLY A 215 15.80 -11.32 -12.13
CA GLY A 215 16.06 -9.94 -11.69
C GLY A 215 15.23 -8.85 -12.37
N GLU A 216 15.70 -7.62 -12.32
CA GLU A 216 14.94 -6.48 -12.83
C GLU A 216 14.81 -6.60 -14.35
N THR A 217 15.82 -7.15 -15.00
CA THR A 217 15.73 -7.31 -16.42
C THR A 217 14.52 -8.14 -16.76
N ALA A 218 14.36 -9.27 -16.09
CA ALA A 218 13.35 -10.21 -16.50
C ALA A 218 11.96 -9.80 -15.99
N GLY A 219 11.95 -8.93 -14.98
CA GLY A 219 10.74 -8.41 -14.38
C GLY A 219 10.04 -7.52 -15.36
N SER A 220 10.84 -6.66 -15.98
CA SER A 220 10.38 -5.79 -17.02
C SER A 220 9.84 -6.53 -18.23
N ALA A 221 10.67 -7.40 -18.78
CA ALA A 221 10.32 -8.17 -19.95
C ALA A 221 8.99 -8.90 -19.83
N LEU A 222 8.72 -9.43 -18.65
CA LEU A 222 7.52 -10.19 -18.37
C LEU A 222 6.26 -9.30 -18.17
N ASP A 223 6.45 -8.17 -17.50
CA ASP A 223 5.50 -7.09 -17.47
C ASP A 223 5.14 -6.69 -18.92
N GLU A 224 6.15 -6.65 -19.79
CA GLU A 224 5.92 -6.32 -21.16
C GLU A 224 5.35 -7.49 -21.94
N LEU A 225 5.68 -8.72 -21.54
CA LEU A 225 5.21 -9.89 -22.28
C LEU A 225 3.73 -10.23 -22.03
N VAL A 226 3.21 -10.07 -20.81
CA VAL A 226 1.79 -10.26 -20.60
C VAL A 226 0.91 -9.35 -21.48
N ARG A 227 1.50 -8.31 -22.07
CA ARG A 227 0.72 -7.34 -22.83
C ARG A 227 0.43 -7.93 -24.18
N HIS A 228 0.85 -9.20 -24.39
CA HIS A 228 0.71 -9.80 -25.71
C HIS A 228 -0.11 -11.07 -25.67
N GLU A 229 -0.64 -11.39 -26.84
CA GLU A 229 -1.50 -12.54 -27.03
C GLU A 229 -0.58 -13.74 -26.99
N MET A 230 -0.51 -14.34 -25.81
CA MET A 230 0.37 -15.44 -25.52
C MET A 230 -0.50 -16.49 -24.87
N LEU A 231 -0.34 -17.75 -25.26
CA LEU A 231 -1.12 -18.82 -24.68
C LEU A 231 -0.68 -19.05 -23.23
N THR A 232 0.61 -19.07 -23.02
CA THR A 232 1.15 -19.28 -21.68
C THR A 232 2.43 -18.52 -21.58
N ILE A 233 2.75 -18.10 -20.37
CA ILE A 233 4.00 -17.40 -20.14
C ILE A 233 4.66 -18.07 -18.97
N SER A 234 5.90 -18.50 -19.19
CA SER A 234 6.60 -19.32 -18.22
C SER A 234 7.87 -18.59 -17.78
N VAL A 235 7.96 -18.36 -16.47
CA VAL A 235 9.09 -17.67 -15.89
C VAL A 235 9.97 -18.75 -15.32
N ILE A 236 11.22 -18.73 -15.77
CA ILE A 236 12.24 -19.68 -15.38
C ILE A 236 13.34 -18.92 -14.69
N SER A 237 13.40 -19.05 -13.37
CA SER A 237 14.42 -18.36 -12.58
C SER A 237 15.13 -19.36 -11.70
N PRO A 238 16.32 -18.99 -11.17
CA PRO A 238 17.03 -19.97 -10.36
C PRO A 238 16.17 -20.46 -9.21
N MET A 239 15.20 -19.64 -8.80
CA MET A 239 14.43 -19.92 -7.60
C MET A 239 13.05 -19.27 -7.64
N ALA A 240 12.02 -20.11 -7.53
CA ALA A 240 10.59 -19.68 -7.57
C ALA A 240 10.18 -18.69 -6.49
N SER A 248 13.89 -8.90 5.43
CA SER A 248 14.47 -8.64 6.75
C SER A 248 15.46 -7.49 6.66
N TYR A 249 15.33 -6.52 7.56
CA TYR A 249 16.17 -5.33 7.54
C TYR A 249 17.64 -5.75 7.53
N PHE A 250 17.97 -6.77 8.29
CA PHE A 250 19.35 -7.19 8.39
C PHE A 250 19.92 -7.57 7.02
N GLU A 251 19.12 -8.21 6.18
CA GLU A 251 19.56 -8.61 4.85
C GLU A 251 19.78 -7.39 3.99
N ASN A 252 18.74 -6.59 3.93
CA ASN A 252 18.83 -5.35 3.19
C ASN A 252 20.09 -4.58 3.58
N SER A 253 20.35 -4.51 4.89
CA SER A 253 21.43 -3.71 5.42
C SER A 253 22.76 -4.22 4.90
N LEU A 254 22.84 -5.50 4.59
CA LEU A 254 24.09 -6.07 4.03
C LEU A 254 24.40 -5.64 2.63
N PHE A 255 23.36 -5.28 1.88
CA PHE A 255 23.62 -4.71 0.57
C PHE A 255 24.21 -3.33 0.73
N SER A 256 23.75 -2.61 1.73
CA SER A 256 24.24 -1.23 1.99
C SER A 256 25.56 -1.14 2.78
N ASP A 257 25.76 -2.11 3.66
CA ASP A 257 26.87 -2.11 4.59
C ASP A 257 27.28 -3.55 4.83
N PRO A 258 28.30 -4.02 4.10
CA PRO A 258 28.74 -5.39 4.25
C PRO A 258 29.94 -5.58 5.30
N THR A 259 30.17 -4.66 6.23
CA THR A 259 31.31 -4.82 7.15
C THR A 259 31.24 -6.19 7.78
N LYS A 260 30.07 -6.55 8.32
CA LYS A 260 29.86 -7.82 9.01
C LYS A 260 29.52 -9.03 8.11
N TRP A 261 29.96 -9.00 6.86
CA TRP A 261 29.49 -9.96 5.86
C TRP A 261 30.18 -11.28 6.00
N ASN A 262 31.51 -11.23 6.09
CA ASN A 262 32.33 -12.41 6.36
C ASN A 262 32.00 -13.11 7.68
N ALA A 263 31.44 -12.39 8.64
CA ALA A 263 30.89 -13.03 9.83
C ALA A 263 29.65 -13.90 9.49
N LEU A 264 29.54 -14.30 8.22
CA LEU A 264 28.63 -15.34 7.82
C LEU A 264 29.41 -16.42 7.09
N SER A 265 28.90 -17.63 7.19
CA SER A 265 29.47 -18.77 6.50
C SER A 265 29.27 -18.62 5.00
N ILE A 266 30.04 -19.38 4.22
CA ILE A 266 29.83 -19.39 2.78
C ILE A 266 28.35 -19.54 2.40
N GLN A 267 27.57 -20.36 3.10
CA GLN A 267 26.23 -20.68 2.60
C GLN A 267 25.15 -19.70 3.04
N GLU A 268 25.31 -19.11 4.21
CA GLU A 268 24.44 -18.01 4.63
C GLU A 268 24.55 -16.89 3.57
N ARG A 269 25.79 -16.54 3.24
CA ARG A 269 26.12 -15.55 2.23
C ARG A 269 25.69 -16.00 0.85
N ARG A 270 25.79 -17.27 0.56
CA ARG A 270 25.40 -17.80 -0.73
C ARG A 270 23.89 -17.78 -0.89
N ASP A 271 23.16 -17.81 0.22
CA ASP A 271 21.71 -17.69 0.21
C ASP A 271 21.28 -16.29 -0.09
N VAL A 272 21.92 -15.34 0.59
CA VAL A 272 21.53 -13.94 0.48
C VAL A 272 21.72 -13.50 -0.96
N ILE A 273 22.77 -14.00 -1.58
CA ILE A 273 23.00 -13.78 -2.98
C ILE A 273 22.01 -14.61 -3.81
N ARG A 274 21.69 -15.85 -3.43
CA ARG A 274 20.66 -16.56 -4.18
C ARG A 274 19.34 -15.77 -4.16
N ARG A 275 19.04 -15.12 -3.05
CA ARG A 275 17.81 -14.31 -2.90
C ARG A 275 17.89 -12.94 -3.63
N THR A 276 19.03 -12.64 -4.24
CA THR A 276 19.36 -11.27 -4.63
C THR A 276 18.69 -10.90 -5.91
N ASP A 277 18.80 -11.74 -6.95
CA ASP A 277 18.47 -11.25 -8.28
C ASP A 277 17.10 -10.63 -8.23
N ARG A 278 17.08 -9.33 -8.53
CA ARG A 278 16.12 -8.38 -7.95
C ARG A 278 14.68 -8.90 -7.69
N GLY A 279 13.78 -8.77 -8.68
CA GLY A 279 12.43 -9.29 -8.51
C GLY A 279 11.64 -9.37 -9.81
N VAL A 280 11.74 -10.50 -10.50
CA VAL A 280 10.77 -10.84 -11.56
C VAL A 280 9.38 -11.06 -10.97
N PHE A 281 9.33 -11.26 -9.67
CA PHE A 281 8.09 -11.28 -8.92
C PHE A 281 8.09 -10.14 -7.89
N SER A 282 8.71 -9.01 -8.26
CA SER A 282 8.62 -7.81 -7.43
C SER A 282 7.14 -7.51 -7.17
N VAL A 283 6.87 -6.83 -6.06
CA VAL A 283 5.49 -6.52 -5.70
C VAL A 283 4.76 -5.83 -6.86
N ARG A 284 5.42 -4.86 -7.51
CA ARG A 284 4.85 -4.18 -8.67
C ARG A 284 4.65 -5.14 -9.88
N VAL A 285 5.46 -6.19 -9.97
CA VAL A 285 5.32 -7.17 -11.07
C VAL A 285 4.30 -8.25 -10.73
N GLN A 286 4.45 -8.85 -9.56
CA GLN A 286 3.49 -9.86 -9.08
C GLN A 286 2.14 -9.22 -8.89
N GLU A 287 2.13 -7.90 -8.72
CA GLU A 287 0.90 -7.11 -8.71
C GLU A 287 0.05 -7.36 -9.93
N SER A 288 0.60 -7.02 -11.09
CA SER A 288 -0.13 -7.06 -12.35
C SER A 288 -0.09 -8.44 -13.03
N LEU A 289 0.33 -9.47 -12.28
CA LEU A 289 0.38 -10.85 -12.77
C LEU A 289 -0.54 -11.80 -12.02
N LEU A 290 -0.89 -11.43 -10.79
CA LEU A 290 -1.66 -12.28 -9.91
C LEU A 290 -3.08 -12.35 -10.45
N GLY A 291 -3.51 -13.57 -10.79
CA GLY A 291 -4.81 -13.78 -11.39
C GLY A 291 -4.63 -14.22 -12.82
N ASP A 292 -3.50 -13.85 -13.41
CA ASP A 292 -3.22 -14.19 -14.79
C ASP A 292 -2.88 -15.68 -14.89
N ASN A 293 -3.91 -16.47 -15.14
CA ASN A 293 -3.80 -17.92 -15.27
C ASN A 293 -3.05 -18.41 -16.52
N ARG A 294 -2.53 -17.50 -17.34
CA ARG A 294 -1.62 -17.88 -18.41
C ARG A 294 -0.20 -18.00 -17.88
N VAL A 295 0.08 -17.27 -16.80
CA VAL A 295 1.44 -17.15 -16.29
C VAL A 295 1.84 -18.22 -15.30
N HIS A 296 2.80 -19.06 -15.70
CA HIS A 296 3.36 -20.11 -14.84
C HIS A 296 4.76 -19.76 -14.37
N HIS A 297 5.12 -20.28 -13.19
CA HIS A 297 6.49 -20.24 -12.77
C HIS A 297 7.19 -21.60 -12.74
N LEU A 298 8.30 -21.68 -13.44
CA LEU A 298 9.22 -22.80 -13.38
C LEU A 298 10.46 -22.33 -12.61
N GLN A 299 11.07 -23.22 -11.83
CA GLN A 299 12.38 -22.90 -11.23
C GLN A 299 13.37 -23.89 -11.70
N GLY A 300 14.59 -23.44 -11.91
CA GLY A 300 15.67 -24.30 -12.37
C GLY A 300 16.87 -23.53 -12.90
N ARG A 301 18.00 -24.24 -12.99
CA ARG A 301 19.07 -23.84 -13.87
C ARG A 301 18.81 -24.52 -15.18
N VAL A 302 19.02 -23.79 -16.26
CA VAL A 302 18.82 -24.30 -17.59
C VAL A 302 20.06 -25.05 -18.00
N THR A 303 19.92 -26.32 -18.31
CA THR A 303 21.10 -27.16 -18.56
C THR A 303 21.30 -27.37 -20.04
N ARG A 304 20.24 -27.24 -20.82
CA ARG A 304 20.39 -27.01 -22.26
C ARG A 304 19.18 -26.52 -23.00
N ILE A 305 19.44 -26.07 -24.21
CA ILE A 305 18.40 -25.62 -25.08
C ILE A 305 18.70 -26.20 -26.47
N VAL A 306 17.65 -26.69 -27.12
CA VAL A 306 17.81 -27.21 -28.46
C VAL A 306 16.47 -27.12 -29.21
N GLY A 307 16.53 -27.07 -30.53
CA GLY A 307 15.33 -27.08 -31.38
C GLY A 307 14.47 -28.32 -31.18
N GLN A 308 13.16 -28.13 -31.24
CA GLN A 308 12.20 -29.21 -31.06
C GLN A 308 10.90 -28.71 -31.66
N GLY A 309 10.62 -29.10 -32.90
CA GLY A 309 9.48 -28.61 -33.66
C GLY A 309 9.74 -27.20 -34.20
N ASP A 310 8.68 -26.38 -34.26
CA ASP A 310 8.80 -24.95 -34.56
C ASP A 310 8.89 -24.32 -33.19
N GLY A 311 10.04 -24.53 -32.55
CA GLY A 311 10.21 -24.15 -31.15
C GLY A 311 11.44 -24.71 -30.47
N VAL A 312 11.51 -24.53 -29.16
CA VAL A 312 12.71 -24.89 -28.41
C VAL A 312 12.39 -25.77 -27.19
N ALA A 313 13.23 -26.78 -26.99
CA ALA A 313 13.21 -27.59 -25.79
C ALA A 313 14.28 -27.09 -24.82
N VAL A 314 13.88 -26.90 -23.58
CA VAL A 314 14.73 -26.34 -22.57
C VAL A 314 14.70 -27.28 -21.39
N THR A 315 15.86 -27.62 -20.87
CA THR A 315 15.98 -28.59 -19.81
C THR A 315 16.30 -27.86 -18.51
N LEU A 316 15.60 -28.21 -17.43
CA LEU A 316 15.83 -27.59 -16.13
C LEU A 316 16.18 -28.61 -15.05
N ARG A 317 17.17 -28.29 -14.20
CA ARG A 317 17.56 -29.19 -13.10
C ARG A 317 17.42 -28.54 -11.73
N ASN A 318 17.20 -29.35 -10.69
CA ASN A 318 17.29 -28.86 -9.33
C ASN A 318 18.03 -29.77 -8.33
N GLU A 319 18.42 -29.16 -7.22
CA GLU A 319 19.19 -29.78 -6.12
C GLU A 319 19.13 -31.32 -6.13
N MET A 320 17.98 -31.88 -5.75
CA MET A 320 17.76 -33.33 -5.85
C MET A 320 16.35 -33.61 -6.31
N ARG A 321 16.10 -33.20 -7.54
CA ARG A 321 14.92 -33.61 -8.29
C ARG A 321 15.41 -33.92 -9.68
N ALA A 322 14.64 -34.70 -10.44
CA ALA A 322 15.03 -35.04 -11.79
C ALA A 322 15.05 -33.77 -12.66
N ASP A 323 15.67 -33.90 -13.82
CA ASP A 323 15.61 -32.90 -14.84
C ASP A 323 14.21 -32.83 -15.40
N GLN A 324 13.80 -31.62 -15.79
CA GLN A 324 12.57 -31.42 -16.54
C GLN A 324 12.89 -30.80 -17.90
N VAL A 325 12.16 -31.23 -18.94
CA VAL A 325 12.20 -30.59 -20.26
C VAL A 325 10.85 -29.94 -20.56
N HIS A 326 10.87 -28.72 -21.11
CA HIS A 326 9.67 -28.05 -21.60
C HIS A 326 9.86 -27.51 -23.00
N ASN A 327 8.84 -27.64 -23.84
CA ASN A 327 8.82 -27.01 -25.15
C ASN A 327 8.23 -25.60 -25.09
N PHE A 328 8.89 -24.67 -25.77
CA PHE A 328 8.42 -23.32 -25.89
C PHE A 328 8.53 -22.87 -27.32
N ASP A 329 7.51 -22.16 -27.77
CA ASP A 329 7.57 -21.51 -29.06
C ASP A 329 8.42 -20.27 -29.02
N LEU A 330 8.59 -19.68 -27.85
CA LEU A 330 9.37 -18.50 -27.81
C LEU A 330 10.12 -18.45 -26.48
N VAL A 331 11.41 -18.14 -26.52
CA VAL A 331 12.16 -17.97 -25.28
C VAL A 331 12.82 -16.61 -25.25
N VAL A 332 12.68 -15.93 -24.13
CA VAL A 332 13.35 -14.67 -23.92
C VAL A 332 14.45 -14.80 -22.86
N ASP A 333 15.69 -14.56 -23.28
CA ASP A 333 16.81 -14.51 -22.37
C ASP A 333 16.83 -13.16 -21.67
N ALA A 334 16.16 -13.12 -20.53
CA ALA A 334 16.19 -12.00 -19.62
C ALA A 334 17.06 -12.32 -18.40
N THR A 335 18.09 -13.11 -18.64
CA THR A 335 19.08 -13.51 -17.63
C THR A 335 19.67 -12.35 -16.85
N GLY A 336 20.03 -11.32 -17.57
CA GLY A 336 20.67 -10.19 -16.95
C GLY A 336 22.11 -10.11 -17.32
N GLY A 337 22.53 -10.85 -18.32
CA GLY A 337 23.93 -10.80 -18.70
C GLY A 337 24.74 -12.07 -18.36
N GLN A 338 25.94 -12.12 -18.93
CA GLN A 338 26.82 -13.26 -18.88
C GLN A 338 28.00 -12.79 -18.03
N PRO A 339 28.02 -13.16 -16.74
CA PRO A 339 28.98 -12.50 -15.87
C PRO A 339 30.42 -12.57 -16.32
N LEU A 340 30.81 -13.61 -17.05
CA LEU A 340 32.19 -13.73 -17.52
C LEU A 340 32.39 -13.21 -18.91
N TRP A 341 31.46 -12.38 -19.40
CA TRP A 341 31.63 -11.76 -20.71
C TRP A 341 33.00 -11.13 -20.82
N PHE A 342 33.49 -10.54 -19.75
CA PHE A 342 34.69 -9.75 -19.86
C PHE A 342 35.93 -10.57 -20.20
N LEU A 343 35.94 -11.82 -19.80
CA LEU A 343 37.04 -12.75 -20.12
C LEU A 343 37.40 -12.74 -21.59
N ASP A 344 36.41 -12.80 -22.46
CA ASP A 344 36.65 -12.72 -23.90
C ASP A 344 37.39 -11.44 -24.34
N LEU A 345 37.56 -10.45 -23.47
CA LEU A 345 38.44 -9.30 -23.76
C LEU A 345 39.93 -9.55 -23.50
N PHE A 346 40.27 -10.46 -22.59
CA PHE A 346 41.67 -10.62 -22.19
C PHE A 346 42.41 -11.40 -23.25
N ASP A 347 43.68 -11.08 -23.49
CA ASP A 347 44.46 -11.85 -24.46
C ASP A 347 45.00 -13.08 -23.76
N SER A 348 45.64 -13.95 -24.53
CA SER A 348 46.12 -15.23 -24.02
C SER A 348 47.01 -15.08 -22.81
N GLU A 349 47.99 -14.18 -22.89
CA GLU A 349 48.96 -14.02 -21.80
C GLU A 349 48.20 -13.68 -20.53
N SER A 350 47.38 -12.63 -20.62
CA SER A 350 46.69 -12.06 -19.46
C SER A 350 45.77 -13.07 -18.78
N ALA A 351 44.97 -13.76 -19.59
CA ALA A 351 44.04 -14.78 -19.09
C ALA A 351 44.77 -15.86 -18.29
N ASP A 352 45.97 -16.21 -18.74
CA ASP A 352 46.85 -17.18 -18.06
C ASP A 352 47.36 -16.69 -16.72
N LEU A 353 47.90 -15.47 -16.74
CA LEU A 353 48.31 -14.81 -15.50
C LEU A 353 47.18 -14.82 -14.48
N LEU A 354 45.99 -14.48 -14.95
CA LEU A 354 44.79 -14.53 -14.13
C LEU A 354 44.48 -15.95 -13.66
N GLU A 355 44.76 -16.93 -14.49
CA GLU A 355 44.69 -18.34 -14.04
C GLU A 355 45.64 -18.63 -12.87
N LEU A 356 46.82 -18.04 -12.91
CA LEU A 356 47.79 -18.24 -11.82
C LEU A 356 47.24 -17.62 -10.55
N ALA A 357 46.79 -16.36 -10.66
CA ALA A 357 46.38 -15.64 -9.48
C ALA A 357 45.16 -16.33 -8.89
N VAL A 358 44.25 -16.73 -9.76
CA VAL A 358 42.98 -17.28 -9.33
C VAL A 358 43.17 -18.72 -8.84
N GLY A 359 44.17 -19.40 -9.38
CA GLY A 359 44.56 -20.71 -8.90
C GLY A 359 43.99 -21.85 -9.71
N GLY A 360 43.63 -21.62 -10.97
CA GLY A 360 43.04 -22.69 -11.77
C GLY A 360 42.13 -22.13 -12.81
N PRO A 361 41.50 -22.99 -13.62
CA PRO A 361 40.62 -22.53 -14.70
C PRO A 361 39.71 -21.40 -14.28
N LEU A 362 39.45 -20.47 -15.19
CA LEU A 362 38.69 -19.27 -14.87
C LEU A 362 37.22 -19.57 -14.91
N THR A 363 36.72 -20.18 -13.84
CA THR A 363 35.34 -20.29 -13.60
C THR A 363 34.90 -19.08 -12.78
N GLN A 364 33.61 -18.93 -12.70
CA GLN A 364 33.05 -17.85 -11.93
C GLN A 364 33.21 -18.13 -10.43
N GLN A 365 32.98 -19.36 -9.98
CA GLN A 365 33.20 -19.71 -8.54
C GLN A 365 34.64 -19.42 -8.09
N ARG A 366 35.59 -19.68 -8.98
CA ARG A 366 36.99 -19.44 -8.66
C ARG A 366 37.38 -17.99 -8.72
N ILE A 367 36.95 -17.26 -9.74
CA ILE A 367 37.29 -15.82 -9.74
C ILE A 367 36.65 -15.12 -8.54
N GLU A 368 35.41 -15.47 -8.26
CA GLU A 368 34.70 -14.93 -7.13
C GLU A 368 35.52 -15.01 -5.90
N SER A 369 36.01 -16.21 -5.58
CA SER A 369 36.69 -16.41 -4.26
C SER A 369 38.04 -15.70 -4.17
N SER A 370 38.60 -15.30 -5.30
CA SER A 370 39.85 -14.56 -5.36
C SER A 370 39.79 -13.09 -4.98
N ILE A 371 38.58 -12.54 -4.79
CA ILE A 371 38.43 -11.10 -4.74
C ILE A 371 38.55 -10.55 -3.32
N GLY A 372 39.54 -9.66 -3.16
CA GLY A 372 39.85 -9.06 -1.89
C GLY A 372 39.04 -7.84 -1.47
N TYR A 373 39.45 -7.30 -0.32
CA TYR A 373 38.83 -6.17 0.33
C TYR A 373 38.83 -4.99 -0.61
N ASP A 374 39.82 -4.86 -1.50
CA ASP A 374 39.83 -3.69 -2.39
C ASP A 374 38.99 -3.92 -3.68
N LEU A 375 38.28 -5.04 -3.73
CA LEU A 375 37.56 -5.53 -4.92
C LEU A 375 38.46 -6.00 -6.06
N ALA A 376 39.78 -6.08 -5.83
CA ALA A 376 40.75 -6.58 -6.84
C ALA A 376 41.07 -8.07 -6.71
N VAL A 377 41.36 -8.73 -7.82
CA VAL A 377 41.85 -10.10 -7.79
C VAL A 377 43.12 -10.17 -6.95
N THR A 378 43.08 -11.07 -5.99
CA THR A 378 44.17 -11.34 -5.11
C THR A 378 45.16 -12.29 -5.79
N GLY A 379 46.43 -11.90 -5.68
CA GLY A 379 47.57 -12.62 -6.24
C GLY A 379 48.02 -12.08 -7.59
N LEU A 380 47.17 -11.29 -8.25
CA LEU A 380 47.40 -10.96 -9.64
C LEU A 380 48.46 -9.92 -9.72
N GLY A 381 49.24 -10.01 -10.78
CA GLY A 381 50.31 -9.08 -11.04
C GLY A 381 49.89 -7.64 -10.84
N ALA A 382 48.74 -7.28 -11.42
CA ALA A 382 48.25 -5.90 -11.38
C ALA A 382 46.84 -5.83 -10.88
N LYS A 383 46.46 -4.60 -10.52
CA LYS A 383 45.17 -4.36 -9.93
C LYS A 383 44.04 -4.44 -10.97
N LEU A 384 43.32 -5.55 -10.90
CA LEU A 384 42.10 -5.79 -11.64
C LEU A 384 40.92 -5.80 -10.67
N TYR A 385 40.11 -4.74 -10.74
CA TYR A 385 38.94 -4.57 -9.89
C TYR A 385 37.71 -5.17 -10.60
N LEU A 386 37.15 -6.20 -9.94
CA LEU A 386 35.98 -6.93 -10.41
C LEU A 386 34.86 -6.80 -9.41
N PRO A 387 34.23 -5.65 -9.32
CA PRO A 387 33.10 -5.54 -8.40
C PRO A 387 31.92 -6.44 -8.76
N ASN A 388 31.77 -6.83 -10.00
CA ASN A 388 30.65 -7.72 -10.32
C ASN A 388 30.89 -9.14 -9.87
N MET A 389 32.09 -9.45 -9.40
CA MET A 389 32.38 -10.78 -8.95
C MET A 389 32.52 -10.82 -7.43
N ALA A 390 32.22 -9.69 -6.79
CA ALA A 390 32.70 -9.46 -5.46
C ALA A 390 31.68 -9.79 -4.42
N ALA A 391 30.56 -10.35 -4.81
CA ALA A 391 29.46 -10.51 -3.87
C ALA A 391 29.77 -11.51 -2.76
N LEU A 392 30.12 -12.73 -3.16
CA LEU A 392 30.40 -13.78 -2.17
C LEU A 392 31.51 -13.42 -1.13
N ALA A 393 32.64 -12.93 -1.61
CA ALA A 393 33.74 -12.62 -0.74
C ALA A 393 33.64 -11.30 -0.01
N GLN A 394 33.05 -10.28 -0.63
CA GLN A 394 33.06 -8.92 -0.07
C GLN A 394 31.70 -8.36 0.29
N GLY A 395 30.65 -8.66 -0.44
CA GLY A 395 29.31 -8.23 -0.02
C GLY A 395 28.33 -8.18 -1.17
N PRO A 396 27.05 -8.37 -0.86
CA PRO A 396 26.08 -8.64 -1.89
C PRO A 396 25.68 -7.41 -2.67
N GLY A 397 26.03 -6.22 -2.18
CA GLY A 397 25.71 -5.03 -2.90
C GLY A 397 26.71 -4.57 -3.92
N PHE A 398 27.90 -5.17 -3.92
CA PHE A 398 28.96 -4.62 -4.75
C PHE A 398 28.67 -4.80 -6.22
N PRO A 399 27.95 -5.82 -6.61
CA PRO A 399 27.68 -5.88 -8.06
C PRO A 399 26.54 -5.00 -8.58
N ASN A 400 25.80 -4.37 -7.68
CA ASN A 400 24.68 -3.61 -8.06
C ASN A 400 24.69 -2.11 -7.70
N LEU A 401 23.52 -1.51 -7.43
CA LEU A 401 23.48 -0.15 -6.94
C LEU A 401 23.34 0.00 -5.43
N SER A 402 23.49 -1.09 -4.69
CA SER A 402 23.26 -1.03 -3.25
C SER A 402 24.30 -0.21 -2.47
N CYS A 403 25.51 -0.01 -2.98
CA CYS A 403 26.53 0.58 -2.13
C CYS A 403 27.76 1.01 -2.89
N LEU A 404 27.55 1.95 -3.80
CA LEU A 404 28.53 2.41 -4.72
C LEU A 404 29.55 3.28 -3.99
N GLY A 405 29.11 3.92 -2.92
CA GLY A 405 29.98 4.75 -2.08
C GLY A 405 31.06 3.84 -1.44
N GLU A 406 30.62 2.69 -0.93
CA GLU A 406 31.52 1.70 -0.33
C GLU A 406 32.33 1.04 -1.44
N LEU A 407 31.71 0.83 -2.60
CA LEU A 407 32.48 0.31 -3.74
C LEU A 407 33.60 1.27 -4.10
N SER A 408 33.30 2.54 -4.21
CA SER A 408 34.38 3.54 -4.41
C SER A 408 35.42 3.57 -3.28
N ASP A 409 35.01 3.54 -2.03
CA ASP A 409 35.98 3.46 -0.91
C ASP A 409 36.86 2.24 -1.00
N ARG A 410 36.26 1.05 -1.13
CA ARG A 410 37.04 -0.17 -1.36
C ARG A 410 38.12 0.03 -2.40
N VAL A 411 37.76 0.60 -3.54
CA VAL A 411 38.66 0.66 -4.67
C VAL A 411 39.76 1.70 -4.52
N LEU A 412 39.48 2.76 -3.77
CA LEU A 412 40.34 3.92 -3.71
C LEU A 412 40.98 4.21 -2.36
N ARG A 413 40.67 3.42 -1.34
CA ARG A 413 41.11 3.68 0.00
C ARG A 413 41.43 2.32 0.64
N GLU B 2 -44.73 -13.10 -12.20
CA GLU B 2 -44.26 -14.50 -12.46
C GLU B 2 -43.06 -14.69 -13.44
N THR B 3 -42.75 -13.71 -14.28
CA THR B 3 -41.60 -13.80 -15.20
C THR B 3 -40.92 -12.46 -15.33
N LEU B 4 -39.58 -12.49 -15.25
CA LEU B 4 -38.76 -11.28 -15.21
C LEU B 4 -37.65 -11.41 -16.22
N LEU B 5 -37.66 -10.49 -17.17
CA LEU B 5 -36.65 -10.45 -18.21
C LEU B 5 -35.63 -9.38 -17.87
N VAL B 6 -34.36 -9.70 -18.07
CA VAL B 6 -33.27 -8.84 -17.67
C VAL B 6 -32.43 -8.58 -18.86
N VAL B 7 -32.20 -7.31 -19.17
CA VAL B 7 -31.31 -6.99 -20.24
C VAL B 7 -29.87 -7.02 -19.75
N GLY B 8 -29.18 -8.07 -20.17
CA GLY B 8 -27.75 -8.25 -19.87
C GLY B 8 -27.57 -9.28 -18.75
N ALA B 9 -26.50 -10.09 -18.83
CA ALA B 9 -26.17 -11.08 -17.79
C ALA B 9 -24.93 -10.68 -17.04
N GLY B 10 -25.04 -9.65 -16.18
CA GLY B 10 -23.92 -9.27 -15.32
C GLY B 10 -24.31 -9.22 -13.86
N PRO B 11 -23.61 -8.41 -13.06
CA PRO B 11 -23.83 -8.58 -11.62
C PRO B 11 -25.26 -8.48 -11.19
N LYS B 12 -26.01 -7.61 -11.84
CA LYS B 12 -27.32 -7.30 -11.34
C LYS B 12 -28.25 -8.43 -11.78
N ALA B 13 -28.18 -8.83 -13.04
CA ALA B 13 -28.96 -9.96 -13.50
C ALA B 13 -28.74 -11.13 -12.54
N LEU B 14 -27.47 -11.42 -12.26
CA LEU B 14 -27.13 -12.54 -11.34
C LEU B 14 -27.60 -12.30 -9.92
N ALA B 15 -27.46 -11.07 -9.46
CA ALA B 15 -28.03 -10.74 -8.14
C ALA B 15 -29.51 -11.19 -8.06
N VAL B 16 -30.30 -10.82 -9.06
CA VAL B 16 -31.73 -11.03 -8.98
C VAL B 16 -32.07 -12.48 -9.26
N ALA B 17 -31.38 -13.13 -10.17
CA ALA B 17 -31.72 -14.47 -10.61
C ALA B 17 -31.34 -15.52 -9.60
N ALA B 18 -30.32 -15.23 -8.80
CA ALA B 18 -29.88 -16.16 -7.75
C ALA B 18 -30.81 -16.09 -6.59
N LYS B 19 -31.18 -14.86 -6.22
CA LYS B 19 -32.19 -14.65 -5.22
C LYS B 19 -33.50 -15.29 -5.65
N SER B 20 -33.76 -15.28 -6.94
CA SER B 20 -34.95 -15.96 -7.45
C SER B 20 -34.79 -17.44 -7.18
N HIS B 21 -33.68 -17.98 -7.66
CA HIS B 21 -33.38 -19.42 -7.56
C HIS B 21 -33.42 -19.91 -6.13
N VAL B 22 -32.77 -19.16 -5.23
CA VAL B 22 -32.88 -19.41 -3.81
C VAL B 22 -34.36 -19.51 -3.41
N LEU B 23 -35.14 -18.47 -3.69
CA LEU B 23 -36.52 -18.35 -3.14
C LEU B 23 -37.46 -19.43 -3.65
N ARG B 24 -37.29 -19.81 -4.91
CA ARG B 24 -38.14 -20.81 -5.55
C ARG B 24 -37.83 -22.16 -4.92
N GLN B 25 -36.56 -22.52 -4.91
CA GLN B 25 -36.16 -23.74 -4.19
C GLN B 25 -36.61 -23.72 -2.71
N LEU B 26 -36.63 -22.56 -2.06
CA LEU B 26 -37.03 -22.44 -0.64
C LEU B 26 -38.50 -22.15 -0.39
N GLY B 27 -39.40 -22.81 -1.12
CA GLY B 27 -40.83 -22.53 -0.95
C GLY B 27 -41.32 -21.18 -1.49
N LEU B 28 -40.81 -20.07 -0.95
CA LEU B 28 -41.28 -18.72 -1.29
C LEU B 28 -41.48 -18.44 -2.79
N SER B 29 -42.34 -17.47 -3.12
CA SER B 29 -42.64 -17.22 -4.51
C SER B 29 -41.62 -16.26 -5.08
N ALA B 30 -41.23 -16.51 -6.33
CA ALA B 30 -40.48 -15.54 -7.10
C ALA B 30 -40.66 -15.79 -8.59
N PRO B 31 -40.34 -14.78 -9.41
CA PRO B 31 -40.49 -14.99 -10.84
C PRO B 31 -39.38 -15.83 -11.42
N ARG B 32 -39.71 -16.63 -12.42
CA ARG B 32 -38.70 -17.21 -13.29
C ARG B 32 -37.89 -16.01 -13.84
N VAL B 33 -36.56 -16.11 -13.85
CA VAL B 33 -35.75 -14.98 -14.25
C VAL B 33 -34.94 -15.35 -15.45
N ILE B 34 -35.18 -14.67 -16.57
CA ILE B 34 -34.46 -14.91 -17.81
C ILE B 34 -33.54 -13.74 -18.04
N ALA B 35 -32.33 -14.01 -18.49
CA ALA B 35 -31.39 -12.94 -18.73
C ALA B 35 -31.04 -13.04 -20.18
N VAL B 36 -31.10 -11.93 -20.91
CA VAL B 36 -30.70 -11.93 -22.30
C VAL B 36 -29.37 -11.27 -22.39
N GLU B 37 -28.43 -11.93 -23.05
CA GLU B 37 -27.07 -11.45 -23.00
C GLU B 37 -26.45 -11.53 -24.33
N ALA B 38 -25.93 -10.40 -24.82
CA ALA B 38 -25.45 -10.36 -26.21
C ALA B 38 -24.11 -11.01 -26.43
N HIS B 39 -23.33 -11.19 -25.38
CA HIS B 39 -21.95 -11.57 -25.48
C HIS B 39 -21.66 -12.72 -24.53
N ALA B 40 -21.68 -12.48 -23.22
CA ALA B 40 -21.44 -13.59 -22.28
C ALA B 40 -21.79 -13.18 -20.95
N VAL B 41 -21.95 -14.16 -20.09
CA VAL B 41 -22.15 -13.82 -18.70
C VAL B 41 -20.91 -13.07 -18.22
N GLY B 42 -21.09 -11.97 -17.51
CA GLY B 42 -19.98 -11.15 -17.11
C GLY B 42 -19.18 -10.54 -18.25
N GLY B 43 -19.76 -10.48 -19.45
CA GLY B 43 -19.00 -10.04 -20.63
C GLY B 43 -18.38 -8.66 -20.53
N ASN B 44 -19.02 -7.77 -19.80
CA ASN B 44 -18.47 -6.41 -19.68
C ASN B 44 -17.26 -6.33 -18.75
N TRP B 45 -16.89 -7.48 -18.18
CA TRP B 45 -15.68 -7.57 -17.33
C TRP B 45 -14.55 -8.28 -18.02
N LEU B 46 -14.81 -8.71 -19.25
CA LEU B 46 -13.83 -9.27 -20.12
C LEU B 46 -13.33 -8.24 -21.09
N ALA B 47 -12.13 -8.49 -21.62
CA ALA B 47 -11.49 -7.63 -22.59
C ALA B 47 -12.40 -7.46 -23.78
N SER B 48 -13.03 -8.58 -24.14
CA SER B 48 -13.86 -8.68 -25.34
C SER B 48 -15.13 -7.83 -25.22
N GLY B 49 -15.52 -7.43 -24.02
CA GLY B 49 -16.59 -6.47 -23.84
C GLY B 49 -16.27 -5.02 -24.19
N GLY B 50 -15.01 -4.72 -24.44
CA GLY B 50 -14.59 -3.41 -24.87
C GLY B 50 -14.46 -2.41 -23.74
N TRP B 51 -15.03 -2.69 -22.56
CA TRP B 51 -14.85 -1.75 -21.43
C TRP B 51 -13.54 -1.81 -20.62
N THR B 52 -12.82 -2.95 -20.65
CA THR B 52 -11.60 -3.13 -19.85
C THR B 52 -10.68 -4.01 -20.64
N ASP B 53 -9.40 -4.04 -20.27
CA ASP B 53 -8.51 -5.04 -20.84
C ASP B 53 -8.66 -6.34 -20.05
N GLY B 54 -9.43 -6.33 -18.98
CA GLY B 54 -9.72 -7.53 -18.28
C GLY B 54 -8.68 -7.85 -17.20
N ARG B 55 -7.60 -7.07 -17.19
CA ARG B 55 -6.44 -7.33 -16.33
C ARG B 55 -6.43 -6.34 -15.17
N HIS B 56 -7.10 -5.22 -15.31
CA HIS B 56 -7.20 -4.34 -14.17
C HIS B 56 -8.05 -4.91 -13.06
N ARG B 57 -7.84 -4.36 -11.87
CA ARG B 57 -8.49 -4.87 -10.70
C ARG B 57 -9.70 -4.06 -10.27
N LEU B 58 -10.70 -4.83 -9.88
CA LEU B 58 -11.88 -4.39 -9.24
C LEU B 58 -11.51 -3.48 -8.11
N GLY B 59 -12.16 -2.34 -8.08
CA GLY B 59 -11.96 -1.29 -7.11
C GLY B 59 -12.85 -1.31 -5.89
N THR B 60 -13.87 -2.14 -5.87
CA THR B 60 -14.60 -2.38 -4.64
C THR B 60 -14.14 -3.75 -4.06
N SER B 61 -14.24 -3.90 -2.74
CA SER B 61 -13.95 -5.15 -2.08
C SER B 61 -14.80 -6.23 -2.70
N PRO B 62 -14.18 -7.35 -3.09
CA PRO B 62 -14.94 -8.40 -3.77
C PRO B 62 -16.01 -9.03 -2.90
N GLU B 63 -15.94 -8.85 -1.57
CA GLU B 63 -17.02 -9.31 -0.70
C GLU B 63 -18.34 -8.64 -1.09
N LYS B 64 -18.28 -7.45 -1.69
CA LYS B 64 -19.46 -6.78 -2.24
C LYS B 64 -19.80 -7.51 -3.49
N ASP B 65 -20.57 -8.58 -3.33
CA ASP B 65 -20.87 -9.43 -4.44
C ASP B 65 -22.37 -9.52 -4.71
N ILE B 66 -22.72 -10.57 -5.43
CA ILE B 66 -24.06 -10.94 -5.80
C ILE B 66 -25.12 -10.91 -4.71
N GLY B 67 -24.77 -11.18 -3.46
CA GLY B 67 -25.75 -11.19 -2.36
C GLY B 67 -25.52 -10.18 -1.23
N PHE B 68 -24.51 -9.34 -1.37
CA PHE B 68 -24.11 -8.43 -0.32
C PHE B 68 -25.13 -7.32 -0.08
N PRO B 69 -25.45 -7.06 1.18
CA PRO B 69 -24.69 -7.57 2.35
C PRO B 69 -25.39 -8.65 3.17
N TYR B 70 -26.31 -9.39 2.57
CA TYR B 70 -26.98 -10.51 3.25
C TYR B 70 -27.72 -10.10 4.53
N HIS B 71 -28.44 -8.99 4.42
CA HIS B 71 -29.14 -8.46 5.59
C HIS B 71 -30.02 -7.31 5.16
N SER B 72 -31.25 -7.34 5.66
CA SER B 72 -32.19 -6.30 5.38
C SER B 72 -32.68 -5.73 6.70
N THR B 73 -32.54 -4.42 6.86
CA THR B 73 -33.26 -3.71 7.92
C THR B 73 -34.76 -4.02 7.85
N TRP B 74 -35.29 -4.14 6.63
CA TRP B 74 -36.72 -4.24 6.39
C TRP B 74 -37.22 -5.63 6.04
N ALA B 75 -36.59 -6.31 5.10
CA ALA B 75 -37.19 -7.54 4.56
C ALA B 75 -37.26 -8.63 5.62
N ARG B 76 -38.48 -9.12 5.87
CA ARG B 76 -38.70 -10.26 6.77
C ARG B 76 -39.31 -11.41 5.96
N GLY B 77 -39.48 -12.56 6.60
CA GLY B 77 -39.78 -13.81 5.90
C GLY B 77 -38.65 -14.74 6.30
N HIS B 78 -38.37 -15.77 5.49
CA HIS B 78 -37.35 -16.77 5.85
C HIS B 78 -35.91 -16.25 5.74
N ASN B 79 -35.57 -15.15 6.44
CA ASN B 79 -34.28 -14.43 6.24
C ASN B 79 -33.00 -15.23 6.49
N ARG B 80 -32.92 -15.93 7.61
CA ARG B 80 -31.76 -16.77 7.89
C ARG B 80 -31.59 -17.82 6.79
N GLU B 81 -32.68 -18.45 6.39
CA GLU B 81 -32.62 -19.50 5.36
C GLU B 81 -32.20 -18.94 3.99
N ILE B 82 -32.59 -17.69 3.71
CA ILE B 82 -32.26 -17.02 2.44
C ILE B 82 -30.81 -16.52 2.43
N ASN B 83 -30.39 -15.82 3.49
CA ASN B 83 -28.99 -15.46 3.65
C ASN B 83 -28.06 -16.67 3.65
N GLU B 84 -28.48 -17.74 4.30
CA GLU B 84 -27.69 -18.96 4.29
C GLU B 84 -27.65 -19.56 2.89
N ALA B 85 -28.79 -19.64 2.22
CA ALA B 85 -28.83 -20.08 0.82
C ALA B 85 -28.02 -19.13 -0.09
N MET B 86 -28.11 -17.83 0.18
CA MET B 86 -27.53 -16.84 -0.68
C MET B 86 -26.03 -16.82 -0.59
N MET B 87 -25.48 -17.03 0.61
CA MET B 87 -24.02 -17.08 0.80
C MET B 87 -23.32 -18.19 0.02
N ALA B 88 -24.06 -19.22 -0.38
CA ALA B 88 -23.55 -20.21 -1.32
C ALA B 88 -23.00 -19.58 -2.60
N PHE B 89 -23.54 -18.42 -3.00
CA PHE B 89 -23.14 -17.74 -4.24
C PHE B 89 -22.15 -16.56 -4.03
N SER B 90 -21.57 -16.48 -2.84
CA SER B 90 -20.67 -15.37 -2.51
C SER B 90 -19.33 -15.54 -3.18
N TRP B 91 -18.57 -14.45 -3.22
CA TRP B 91 -17.16 -14.49 -3.60
C TRP B 91 -16.41 -15.54 -2.75
N THR B 92 -16.57 -15.46 -1.44
CA THR B 92 -15.92 -16.42 -0.52
C THR B 92 -16.22 -17.86 -0.93
N SER B 93 -17.50 -18.18 -1.13
CA SER B 93 -17.87 -19.53 -1.53
C SER B 93 -17.23 -19.85 -2.82
N PHE B 94 -17.08 -18.85 -3.68
CA PHE B 94 -16.55 -19.13 -5.00
C PHE B 94 -15.10 -19.54 -4.79
N LEU B 95 -14.40 -18.80 -3.94
CA LEU B 95 -13.00 -19.12 -3.73
C LEU B 95 -12.89 -20.51 -3.12
N VAL B 96 -13.73 -20.80 -2.14
CA VAL B 96 -13.70 -22.10 -1.45
C VAL B 96 -13.98 -23.25 -2.41
N GLU B 97 -15.03 -23.17 -3.23
CA GLU B 97 -15.28 -24.27 -4.19
C GLU B 97 -14.09 -24.52 -5.12
N HIS B 98 -13.15 -23.60 -5.22
CA HIS B 98 -12.01 -23.74 -6.12
C HIS B 98 -10.72 -24.06 -5.42
N GLY B 99 -10.73 -24.08 -4.08
CA GLY B 99 -9.51 -24.35 -3.27
C GLY B 99 -8.57 -23.16 -3.10
N THR B 100 -8.98 -22.01 -3.63
CA THR B 100 -8.07 -20.89 -3.65
C THR B 100 -8.24 -19.90 -2.49
N TYR B 101 -9.17 -20.19 -1.58
CA TYR B 101 -9.48 -19.31 -0.46
C TYR B 101 -8.31 -19.13 0.52
N ALA B 102 -7.56 -20.19 0.78
CA ALA B 102 -6.36 -20.04 1.62
C ALA B 102 -5.40 -19.08 0.93
N GLU B 103 -5.18 -19.28 -0.38
CA GLU B 103 -4.27 -18.38 -1.10
C GLU B 103 -4.76 -16.91 -1.12
N TRP B 104 -6.06 -16.72 -1.30
CA TRP B 104 -6.59 -15.38 -1.33
C TRP B 104 -6.26 -14.69 -0.01
N ILE B 105 -6.68 -15.32 1.10
CA ILE B 105 -6.42 -14.75 2.42
C ILE B 105 -4.89 -14.58 2.59
N ASP B 106 -4.15 -15.60 2.28
CA ASP B 106 -2.72 -15.53 2.55
C ASP B 106 -2.04 -14.46 1.72
N ARG B 107 -2.57 -14.15 0.54
CA ARG B 107 -1.91 -13.15 -0.29
C ARG B 107 -2.28 -11.72 0.06
N GLY B 108 -3.13 -11.54 1.07
CA GLY B 108 -3.53 -10.21 1.52
C GLY B 108 -4.89 -9.77 0.93
N ARG B 109 -5.71 -10.74 0.54
CA ARG B 109 -6.98 -10.43 -0.08
C ARG B 109 -6.75 -9.52 -1.29
N PRO B 110 -5.89 -9.93 -2.22
CA PRO B 110 -5.77 -9.06 -3.40
C PRO B 110 -7.10 -8.89 -4.14
N SER B 111 -7.39 -7.67 -4.57
CA SER B 111 -8.61 -7.44 -5.36
C SER B 111 -8.50 -8.19 -6.71
N PRO B 112 -9.53 -8.91 -7.15
CA PRO B 112 -9.47 -9.66 -8.45
C PRO B 112 -9.37 -8.79 -9.69
N GLN B 113 -8.64 -9.27 -10.68
CA GLN B 113 -8.68 -8.79 -12.03
C GLN B 113 -10.11 -8.96 -12.55
N HIS B 114 -10.57 -7.99 -13.35
CA HIS B 114 -11.93 -8.02 -13.90
C HIS B 114 -12.26 -9.32 -14.49
N HIS B 115 -11.35 -9.90 -15.23
CA HIS B 115 -11.66 -11.17 -15.88
C HIS B 115 -11.87 -12.33 -14.89
N VAL B 116 -11.32 -12.20 -13.65
CA VAL B 116 -11.58 -13.16 -12.60
C VAL B 116 -12.94 -12.85 -12.02
N TRP B 117 -13.27 -11.58 -11.91
CA TRP B 117 -14.63 -11.22 -11.50
C TRP B 117 -15.60 -11.74 -12.56
N ALA B 118 -15.22 -11.79 -13.84
CA ALA B 118 -16.19 -12.42 -14.79
C ALA B 118 -16.31 -13.91 -14.50
N LYS B 119 -15.19 -14.57 -14.22
CA LYS B 119 -15.26 -15.99 -13.82
C LYS B 119 -16.17 -16.21 -12.61
N TYR B 120 -16.13 -15.32 -11.62
CA TYR B 120 -17.09 -15.43 -10.51
C TYR B 120 -18.54 -15.40 -11.00
N LEU B 121 -18.89 -14.37 -11.75
CA LEU B 121 -20.24 -14.17 -12.26
C LEU B 121 -20.65 -15.39 -13.01
N GLN B 122 -19.73 -15.87 -13.83
CA GLN B 122 -20.00 -17.03 -14.65
C GLN B 122 -20.24 -18.24 -13.79
N TRP B 123 -19.48 -18.35 -12.70
CA TRP B 123 -19.60 -19.50 -11.85
C TRP B 123 -20.95 -19.49 -11.19
N VAL B 124 -21.34 -18.34 -10.71
CA VAL B 124 -22.66 -18.18 -10.12
C VAL B 124 -23.72 -18.61 -11.13
N ALA B 125 -23.61 -18.15 -12.38
CA ALA B 125 -24.53 -18.60 -13.45
C ALA B 125 -24.62 -20.12 -13.59
N ARG B 126 -23.50 -20.79 -13.72
CA ARG B 126 -23.47 -22.28 -13.63
C ARG B 126 -24.17 -22.78 -12.36
N LYS B 127 -23.88 -22.17 -11.22
CA LYS B 127 -24.43 -22.68 -9.97
C LYS B 127 -25.94 -22.52 -9.77
N ILE B 128 -26.50 -21.42 -10.23
CA ILE B 128 -27.95 -21.23 -10.14
C ILE B 128 -28.66 -21.75 -11.40
N ASP B 129 -27.92 -22.32 -12.35
CA ASP B 129 -28.44 -22.71 -13.65
C ASP B 129 -29.27 -21.59 -14.30
N LEU B 130 -28.65 -20.41 -14.39
CA LEU B 130 -29.28 -19.24 -14.96
C LEU B 130 -29.95 -19.57 -16.25
N GLU B 131 -31.17 -19.11 -16.39
CA GLU B 131 -31.83 -19.20 -17.65
C GLU B 131 -31.31 -18.10 -18.53
N LEU B 132 -30.50 -18.46 -19.49
CA LEU B 132 -29.79 -17.50 -20.28
C LEU B 132 -30.22 -17.55 -21.73
N VAL B 133 -30.44 -16.39 -22.33
CA VAL B 133 -30.65 -16.31 -23.76
C VAL B 133 -29.54 -15.49 -24.41
N LEU B 134 -28.81 -16.12 -25.31
CA LEU B 134 -27.75 -15.50 -26.03
C LEU B 134 -28.30 -14.83 -27.27
N GLY B 135 -28.54 -13.54 -27.13
CA GLY B 135 -28.72 -12.63 -28.26
C GLY B 135 -28.76 -11.19 -27.74
N LYS B 136 -28.88 -10.24 -28.67
CA LYS B 136 -29.07 -8.80 -28.37
C LYS B 136 -30.52 -8.47 -28.27
N VAL B 137 -30.90 -7.84 -27.18
CA VAL B 137 -32.14 -7.12 -27.13
C VAL B 137 -32.06 -5.96 -28.09
N ARG B 138 -33.02 -5.88 -29.01
CA ARG B 138 -33.11 -4.82 -30.06
C ARG B 138 -34.20 -3.77 -29.79
N THR B 139 -35.33 -4.23 -29.30
CA THR B 139 -36.52 -3.46 -29.18
C THR B 139 -37.16 -3.97 -27.94
N ILE B 140 -37.66 -3.07 -27.10
CA ILE B 140 -38.52 -3.42 -25.96
C ILE B 140 -39.86 -2.79 -26.18
N ARG B 141 -40.92 -3.42 -25.72
CA ARG B 141 -42.24 -2.80 -25.82
C ARG B 141 -43.24 -3.37 -24.84
N GLN B 142 -44.07 -2.50 -24.28
CA GLN B 142 -45.18 -2.92 -23.41
C GLN B 142 -46.20 -3.78 -24.17
N ARG B 143 -46.89 -4.65 -23.44
CA ARG B 143 -48.00 -5.49 -23.97
C ARG B 143 -47.46 -6.60 -24.87
N GLY B 150 -47.25 -6.15 -19.10
CA GLY B 150 -45.97 -6.80 -19.35
C GLY B 150 -45.20 -6.22 -20.52
N TRP B 151 -44.30 -7.02 -21.09
CA TRP B 151 -43.28 -6.57 -22.03
C TRP B 151 -43.17 -7.63 -23.06
N SER B 152 -42.79 -7.23 -24.25
CA SER B 152 -42.38 -8.20 -25.23
C SER B 152 -41.10 -7.59 -25.71
N VAL B 153 -40.08 -8.39 -25.89
CA VAL B 153 -38.82 -7.81 -26.24
C VAL B 153 -38.23 -8.59 -27.37
N GLU B 154 -37.68 -7.87 -28.32
CA GLU B 154 -37.16 -8.48 -29.49
C GLU B 154 -35.70 -8.80 -29.27
N VAL B 155 -35.35 -10.06 -29.50
CA VAL B 155 -34.01 -10.52 -29.26
C VAL B 155 -33.49 -11.04 -30.57
N ALA B 156 -32.30 -10.63 -30.97
CA ALA B 156 -31.74 -11.08 -32.22
C ALA B 156 -30.54 -11.89 -31.92
N GLY B 157 -30.57 -13.15 -32.32
CA GLY B 157 -29.42 -14.01 -32.23
C GLY B 157 -28.37 -13.74 -33.29
N ALA B 158 -27.16 -14.24 -33.00
CA ALA B 158 -26.02 -14.20 -33.93
C ALA B 158 -26.30 -15.10 -35.15
N ASP B 159 -27.05 -16.17 -34.94
CA ASP B 159 -27.54 -17.01 -36.06
C ASP B 159 -28.43 -16.26 -37.09
N GLY B 160 -28.69 -14.97 -36.88
CA GLY B 160 -29.57 -14.17 -37.74
C GLY B 160 -31.05 -14.20 -37.31
N ALA B 161 -31.42 -15.24 -36.57
CA ALA B 161 -32.76 -15.38 -36.06
C ALA B 161 -33.07 -14.29 -35.08
N THR B 162 -34.36 -14.09 -34.88
CA THR B 162 -34.92 -13.00 -34.10
C THR B 162 -36.22 -13.50 -33.55
N THR B 163 -36.29 -13.58 -32.23
CA THR B 163 -37.49 -14.04 -31.58
C THR B 163 -37.92 -13.01 -30.58
N GLU B 164 -39.18 -13.15 -30.16
CA GLU B 164 -39.80 -12.23 -29.22
C GLU B 164 -40.12 -12.93 -27.91
N LEU B 165 -39.36 -12.62 -26.87
CA LEU B 165 -39.62 -13.09 -25.52
C LEU B 165 -40.64 -12.18 -24.87
N GLU B 166 -41.46 -12.76 -24.01
CA GLU B 166 -42.48 -11.99 -23.33
C GLU B 166 -42.27 -12.11 -21.86
N ALA B 167 -42.60 -11.07 -21.12
CA ALA B 167 -42.45 -11.11 -19.71
C ALA B 167 -43.34 -10.13 -19.03
N ASP B 168 -43.48 -10.30 -17.72
CA ASP B 168 -44.33 -9.46 -16.90
C ASP B 168 -43.57 -8.24 -16.45
N GLY B 169 -42.28 -8.47 -16.19
CA GLY B 169 -41.38 -7.45 -15.68
C GLY B 169 -40.07 -7.46 -16.41
N LEU B 170 -39.35 -6.35 -16.33
CA LEU B 170 -38.18 -6.14 -17.13
C LEU B 170 -37.15 -5.35 -16.34
N MET B 171 -35.91 -5.81 -16.29
CA MET B 171 -34.90 -4.99 -15.66
C MET B 171 -33.84 -4.62 -16.65
N ILE B 172 -33.47 -3.38 -16.64
CA ILE B 172 -32.39 -2.92 -17.43
C ILE B 172 -31.10 -2.94 -16.60
N THR B 173 -30.04 -3.52 -17.17
CA THR B 173 -28.71 -3.43 -16.58
C THR B 173 -27.70 -3.04 -17.62
N GLY B 174 -26.53 -2.68 -17.12
CA GLY B 174 -25.42 -2.39 -18.00
C GLY B 174 -25.30 -0.90 -18.26
N PRO B 175 -24.11 -0.44 -18.68
CA PRO B 175 -23.92 1.01 -18.66
C PRO B 175 -23.92 1.61 -20.03
N GLY B 176 -24.11 0.81 -21.08
CA GLY B 176 -24.26 1.39 -22.39
C GLY B 176 -23.56 0.54 -23.37
N GLN B 177 -22.88 1.14 -24.32
CA GLN B 177 -22.10 0.39 -25.25
C GLN B 177 -20.69 0.94 -25.20
N SER B 178 -19.74 0.02 -25.30
CA SER B 178 -18.36 0.39 -25.15
C SER B 178 -17.89 1.03 -26.41
N THR B 179 -18.61 0.78 -27.50
CA THR B 179 -18.28 1.31 -28.81
C THR B 179 -18.79 2.73 -29.03
N LYS B 180 -19.40 3.35 -28.04
CA LYS B 180 -20.06 4.60 -28.20
C LYS B 180 -19.34 5.76 -27.55
N ALA B 181 -18.51 6.48 -28.28
CA ALA B 181 -17.94 7.71 -27.73
C ALA B 181 -19.02 8.77 -27.61
N LEU B 182 -18.74 9.83 -26.86
CA LEU B 182 -19.76 10.85 -26.65
C LEU B 182 -19.79 11.87 -27.79
N ALA B 183 -19.02 11.59 -28.83
CA ALA B 183 -18.84 12.48 -29.91
C ALA B 183 -18.23 11.64 -31.02
N ALA B 184 -18.76 11.88 -32.21
CA ALA B 184 -18.44 11.13 -33.41
C ALA B 184 -17.39 11.96 -34.08
N HIS B 185 -16.20 11.39 -34.18
CA HIS B 185 -15.03 12.06 -34.72
C HIS B 185 -13.96 11.00 -34.59
N PRO B 186 -13.11 10.83 -35.61
CA PRO B 186 -12.19 9.67 -35.53
C PRO B 186 -11.04 9.82 -34.51
N ARG B 187 -10.74 11.06 -34.12
CA ARG B 187 -9.83 11.38 -33.04
C ARG B 187 -10.49 11.40 -31.65
N VAL B 188 -11.82 11.30 -31.59
CA VAL B 188 -12.47 10.95 -30.33
C VAL B 188 -12.62 9.44 -30.34
N LEU B 189 -12.20 8.76 -29.27
CA LEU B 189 -12.17 7.31 -29.30
C LEU B 189 -13.14 6.77 -28.30
N SER B 190 -14.03 5.89 -28.70
CA SER B 190 -14.81 5.15 -27.71
C SER B 190 -13.85 4.29 -26.88
N ILE B 191 -14.27 3.89 -25.71
CA ILE B 191 -13.39 3.11 -24.81
C ILE B 191 -12.95 1.82 -25.51
N ALA B 192 -13.86 1.18 -26.23
CA ALA B 192 -13.51 -0.01 -26.97
C ALA B 192 -12.48 0.21 -28.05
N GLU B 193 -12.52 1.34 -28.76
CA GLU B 193 -11.54 1.57 -29.84
C GLU B 193 -10.19 1.75 -29.18
N PHE B 194 -10.20 2.47 -28.06
CA PHE B 194 -9.04 2.59 -27.22
C PHE B 194 -8.31 1.26 -26.90
N TRP B 195 -9.04 0.30 -26.33
CA TRP B 195 -8.46 -0.98 -26.07
C TRP B 195 -7.97 -1.63 -27.33
N ASP B 196 -8.69 -1.47 -28.40
CA ASP B 196 -8.27 -2.13 -29.62
C ASP B 196 -6.95 -1.55 -30.10
N LEU B 197 -6.93 -0.24 -30.19
CA LEU B 197 -5.78 0.51 -30.61
C LEU B 197 -4.62 0.38 -29.61
N ALA B 198 -4.89 0.51 -28.31
CA ALA B 198 -3.86 0.30 -27.29
C ALA B 198 -3.23 -1.02 -27.54
N GLY B 199 -4.06 -2.06 -27.64
CA GLY B 199 -3.60 -3.42 -27.87
C GLY B 199 -2.74 -3.53 -29.12
N LYS B 200 -3.04 -2.73 -30.15
CA LYS B 200 -2.25 -2.78 -31.37
C LYS B 200 -1.03 -1.85 -31.37
N ARG B 201 -0.83 -1.11 -30.29
CA ARG B 201 0.15 -0.03 -30.26
C ARG B 201 -0.02 0.90 -31.48
N LYS B 202 -1.27 1.22 -31.79
CA LYS B 202 -1.63 2.11 -32.89
C LYS B 202 -2.27 3.38 -32.35
N LEU B 203 -1.80 3.85 -31.20
CA LEU B 203 -2.17 5.18 -30.72
C LEU B 203 -1.04 6.12 -31.11
N PRO B 204 -1.35 7.17 -31.89
CA PRO B 204 -0.33 8.07 -32.49
C PRO B 204 0.75 8.59 -31.52
N ILE B 205 2.02 8.30 -31.81
CA ILE B 205 3.14 8.64 -30.93
C ILE B 205 3.22 10.17 -30.73
N SER B 206 3.42 10.57 -29.47
CA SER B 206 3.56 11.97 -29.05
C SER B 206 2.29 12.82 -29.22
N SER B 207 1.13 12.21 -29.00
CA SER B 207 -0.17 12.90 -29.00
C SER B 207 -0.44 13.63 -27.67
N ARG B 208 -1.13 14.77 -27.74
CA ARG B 208 -1.60 15.47 -26.55
C ARG B 208 -2.90 14.82 -26.14
N ALA B 209 -2.83 13.72 -25.43
CA ALA B 209 -4.01 12.88 -25.24
C ALA B 209 -4.86 13.32 -24.07
N ALA B 210 -6.17 13.05 -24.15
CA ALA B 210 -7.11 13.35 -23.08
C ALA B 210 -7.91 12.11 -22.75
N VAL B 211 -8.30 11.97 -21.50
CA VAL B 211 -9.13 10.85 -21.10
C VAL B 211 -10.22 11.51 -20.30
N ILE B 212 -11.47 11.30 -20.71
CA ILE B 212 -12.58 11.88 -20.02
C ILE B 212 -13.18 10.81 -19.17
N GLY B 213 -13.53 11.17 -17.96
CA GLY B 213 -14.03 10.20 -17.03
C GLY B 213 -13.26 10.24 -15.71
N GLY B 214 -13.94 9.81 -14.66
CA GLY B 214 -13.42 9.84 -13.33
C GLY B 214 -13.70 8.58 -12.51
N GLY B 215 -13.91 7.44 -13.15
CA GLY B 215 -14.16 6.19 -12.40
C GLY B 215 -13.23 5.08 -12.82
N GLU B 216 -13.71 3.86 -12.73
CA GLU B 216 -12.83 2.69 -12.91
C GLU B 216 -12.48 2.52 -14.38
N THR B 217 -13.41 2.94 -15.25
CA THR B 217 -13.23 2.82 -16.68
C THR B 217 -12.11 3.78 -17.07
N ALA B 218 -12.17 5.00 -16.54
CA ALA B 218 -11.13 5.95 -16.79
C ALA B 218 -9.80 5.53 -16.08
N GLY B 219 -9.90 5.16 -14.81
CA GLY B 219 -8.71 4.58 -14.09
C GLY B 219 -7.94 3.51 -14.89
N SER B 220 -8.61 2.45 -15.34
CA SER B 220 -7.94 1.41 -16.18
C SER B 220 -7.25 1.96 -17.43
N ALA B 221 -7.85 2.92 -18.09
CA ALA B 221 -7.39 3.34 -19.42
C ALA B 221 -6.25 4.31 -19.30
N LEU B 222 -6.32 5.17 -18.29
CA LEU B 222 -5.16 5.99 -17.88
C LEU B 222 -3.94 5.12 -17.59
N ASP B 223 -4.19 4.05 -16.87
CA ASP B 223 -3.13 3.08 -16.58
C ASP B 223 -2.60 2.35 -17.83
N GLU B 224 -3.43 2.06 -18.83
CA GLU B 224 -2.86 1.56 -20.11
C GLU B 224 -2.08 2.66 -20.79
N LEU B 225 -2.63 3.86 -20.85
CA LEU B 225 -2.17 4.90 -21.76
C LEU B 225 -0.79 5.51 -21.34
N VAL B 226 -0.52 5.52 -20.06
CA VAL B 226 0.80 5.84 -19.59
C VAL B 226 1.89 4.93 -20.21
N ARG B 227 1.51 3.74 -20.67
CA ARG B 227 2.46 2.84 -21.34
C ARG B 227 2.74 3.16 -22.79
N HIS B 228 2.08 4.18 -23.35
CA HIS B 228 2.31 4.51 -24.74
C HIS B 228 3.03 5.79 -24.74
N GLU B 229 3.79 6.01 -25.80
CA GLU B 229 4.62 7.20 -25.92
C GLU B 229 3.72 8.40 -26.25
N MET B 230 2.85 8.78 -25.31
CA MET B 230 2.09 10.00 -25.40
C MET B 230 2.95 11.11 -24.87
N LEU B 231 2.72 12.30 -25.40
CA LEU B 231 3.45 13.51 -25.02
C LEU B 231 2.84 14.07 -23.76
N THR B 232 1.54 14.28 -23.76
CA THR B 232 0.82 14.62 -22.54
C THR B 232 -0.44 13.85 -22.44
N ILE B 233 -0.96 13.81 -21.23
CA ILE B 233 -2.12 13.02 -20.91
C ILE B 233 -2.92 13.78 -19.88
N SER B 234 -3.97 14.42 -20.34
CA SER B 234 -4.78 15.19 -19.44
C SER B 234 -6.02 14.38 -19.10
N VAL B 235 -6.40 14.47 -17.84
CA VAL B 235 -7.49 13.71 -17.28
C VAL B 235 -8.58 14.73 -17.01
N ILE B 236 -9.78 14.47 -17.50
CA ILE B 236 -10.88 15.38 -17.29
C ILE B 236 -11.99 14.68 -16.54
N SER B 237 -12.31 15.20 -15.36
CA SER B 237 -13.42 14.72 -14.54
C SER B 237 -14.04 15.88 -13.76
N PRO B 238 -15.30 15.73 -13.31
CA PRO B 238 -15.97 16.80 -12.59
C PRO B 238 -15.90 16.64 -11.06
N TYR B 249 -16.84 6.88 6.51
CA TYR B 249 -17.68 5.72 6.81
C TYR B 249 -19.21 5.90 6.60
N PHE B 250 -19.77 7.00 7.10
CA PHE B 250 -21.20 7.19 7.08
C PHE B 250 -21.63 7.08 5.61
N GLU B 251 -20.98 7.87 4.77
CA GLU B 251 -21.09 7.79 3.30
C GLU B 251 -21.01 6.34 2.80
N ASN B 252 -19.84 5.74 2.92
CA ASN B 252 -19.62 4.35 2.55
C ASN B 252 -20.81 3.44 2.89
N SER B 253 -21.32 3.65 4.09
CA SER B 253 -22.43 2.87 4.63
C SER B 253 -23.71 3.05 3.77
N LEU B 254 -23.90 4.26 3.26
CA LEU B 254 -25.08 4.52 2.46
C LEU B 254 -25.08 3.71 1.16
N PHE B 255 -23.89 3.36 0.69
CA PHE B 255 -23.74 2.48 -0.46
C PHE B 255 -24.18 1.04 -0.24
N SER B 256 -24.01 0.57 0.98
CA SER B 256 -24.33 -0.83 1.33
C SER B 256 -25.73 -0.92 1.93
N ASP B 257 -26.15 0.19 2.53
CA ASP B 257 -27.38 0.23 3.25
C ASP B 257 -28.03 1.62 3.09
N PRO B 258 -28.93 1.73 2.10
CA PRO B 258 -29.65 2.98 1.81
C PRO B 258 -30.84 3.26 2.71
N THR B 259 -31.25 2.30 3.52
CA THR B 259 -32.32 2.50 4.49
C THR B 259 -32.46 3.90 5.08
N LYS B 260 -31.35 4.59 5.36
CA LYS B 260 -31.39 5.97 5.86
C LYS B 260 -30.98 7.02 4.81
N TRP B 261 -31.35 6.77 3.55
CA TRP B 261 -30.95 7.62 2.42
C TRP B 261 -31.95 8.77 2.30
N ASN B 262 -33.23 8.44 2.52
CA ASN B 262 -34.31 9.44 2.53
C ASN B 262 -34.19 10.49 3.63
N ALA B 263 -33.47 10.19 4.71
CA ALA B 263 -33.22 11.20 5.73
C ALA B 263 -32.10 12.18 5.30
N LEU B 264 -32.11 12.61 4.04
CA LEU B 264 -31.05 13.46 3.47
C LEU B 264 -31.60 14.32 2.36
N SER B 265 -31.14 15.56 2.24
CA SER B 265 -31.65 16.47 1.23
C SER B 265 -31.12 16.09 -0.15
N ILE B 266 -31.80 16.57 -1.19
CA ILE B 266 -31.37 16.39 -2.58
C ILE B 266 -29.96 16.95 -2.83
N GLN B 267 -29.61 18.11 -2.29
CA GLN B 267 -28.22 18.56 -2.46
C GLN B 267 -27.28 17.65 -1.63
N GLU B 268 -27.76 17.10 -0.52
CA GLU B 268 -26.99 16.10 0.22
C GLU B 268 -26.87 14.82 -0.60
N ARG B 269 -27.98 14.32 -1.12
CA ARG B 269 -27.99 13.05 -1.85
C ARG B 269 -27.27 13.18 -3.17
N ARG B 270 -27.39 14.34 -3.80
CA ARG B 270 -26.70 14.62 -5.07
C ARG B 270 -25.20 14.71 -4.91
N ASP B 271 -24.73 15.10 -3.73
CA ASP B 271 -23.28 15.31 -3.54
C ASP B 271 -22.56 14.05 -3.08
N VAL B 272 -23.31 12.98 -2.82
CA VAL B 272 -22.71 11.67 -2.56
C VAL B 272 -22.58 10.95 -3.91
N ILE B 273 -23.63 11.07 -4.71
CA ILE B 273 -23.64 10.51 -6.05
C ILE B 273 -22.52 11.14 -6.90
N ARG B 274 -22.15 12.40 -6.63
CA ARG B 274 -21.10 13.06 -7.41
C ARG B 274 -19.71 12.65 -6.98
N ARG B 275 -19.52 12.40 -5.69
CA ARG B 275 -18.25 11.88 -5.20
C ARG B 275 -18.08 10.43 -5.69
N THR B 276 -19.19 9.80 -6.12
CA THR B 276 -19.15 8.42 -6.65
C THR B 276 -18.09 8.17 -7.72
N ASP B 277 -17.83 9.15 -8.58
CA ASP B 277 -16.69 9.09 -9.52
C ASP B 277 -15.45 8.33 -8.94
N VAL B 280 -12.61 8.49 -7.04
CA VAL B 280 -11.82 8.62 -8.26
C VAL B 280 -11.14 7.26 -8.60
N PHE B 281 -9.82 7.16 -8.46
CA PHE B 281 -9.08 6.00 -8.95
C PHE B 281 -8.45 5.14 -7.87
N SER B 282 -8.04 3.97 -8.31
CA SER B 282 -7.40 3.00 -7.48
C SER B 282 -6.19 3.65 -6.83
N VAL B 283 -5.82 3.14 -5.65
CA VAL B 283 -4.59 3.52 -4.98
C VAL B 283 -3.39 3.08 -5.85
N ARG B 284 -3.53 1.94 -6.52
CA ARG B 284 -2.47 1.36 -7.37
C ARG B 284 -2.22 2.27 -8.57
N VAL B 285 -3.32 2.60 -9.22
CA VAL B 285 -3.33 3.39 -10.45
C VAL B 285 -2.94 4.82 -10.17
N GLN B 286 -3.43 5.32 -9.03
CA GLN B 286 -3.11 6.66 -8.52
C GLN B 286 -1.62 6.87 -8.47
N GLU B 287 -0.89 5.87 -8.00
CA GLU B 287 0.55 5.97 -7.90
C GLU B 287 1.15 6.09 -9.29
N SER B 288 0.87 5.12 -10.14
CA SER B 288 1.37 5.16 -11.52
C SER B 288 1.07 6.49 -12.23
N LEU B 289 -0.04 7.15 -11.85
CA LEU B 289 -0.36 8.47 -12.38
C LEU B 289 0.28 9.57 -11.58
N LEU B 290 0.29 9.47 -10.26
CA LEU B 290 0.95 10.49 -9.42
C LEU B 290 2.36 10.67 -9.89
N GLY B 291 3.03 9.59 -10.25
CA GLY B 291 4.45 9.62 -10.57
C GLY B 291 4.75 9.62 -12.03
N ASP B 292 3.87 10.25 -12.81
CA ASP B 292 4.10 10.49 -14.23
C ASP B 292 3.94 11.97 -14.54
N ASN B 293 5.04 12.63 -14.83
CA ASN B 293 5.06 14.04 -15.20
C ASN B 293 4.13 14.46 -16.36
N ARG B 294 3.80 13.55 -17.28
CA ARG B 294 2.87 13.88 -18.36
C ARG B 294 1.40 13.96 -17.94
N VAL B 295 1.03 13.26 -16.88
CA VAL B 295 -0.36 13.19 -16.51
C VAL B 295 -0.73 14.37 -15.64
N HIS B 296 -1.68 15.16 -16.10
CA HIS B 296 -2.22 16.28 -15.33
C HIS B 296 -3.72 16.10 -15.21
N HIS B 297 -4.35 16.68 -14.19
CA HIS B 297 -5.79 16.64 -14.02
C HIS B 297 -6.42 17.98 -14.39
N LEU B 298 -7.53 17.93 -15.12
CA LEU B 298 -8.27 19.12 -15.54
C LEU B 298 -9.68 19.08 -14.98
N GLN B 299 -10.11 20.19 -14.39
CA GLN B 299 -11.41 20.25 -13.71
C GLN B 299 -12.45 20.92 -14.61
N GLY B 300 -13.72 20.66 -14.30
CA GLY B 300 -14.86 21.25 -15.03
C GLY B 300 -15.61 20.19 -15.79
N ARG B 301 -16.63 20.60 -16.55
CA ARG B 301 -17.41 19.66 -17.35
C ARG B 301 -17.33 19.94 -18.86
N VAL B 302 -17.17 18.86 -19.62
CA VAL B 302 -17.12 18.93 -21.07
C VAL B 302 -18.40 19.54 -21.61
N THR B 303 -18.39 20.86 -21.76
CA THR B 303 -19.52 21.55 -22.38
C THR B 303 -19.51 21.34 -23.88
N ARG B 304 -18.33 21.14 -24.47
CA ARG B 304 -18.20 21.11 -25.92
C ARG B 304 -16.94 20.40 -26.43
N ILE B 305 -17.17 19.43 -27.31
CA ILE B 305 -16.12 18.82 -28.15
C ILE B 305 -16.40 19.16 -29.62
N VAL B 306 -15.39 19.64 -30.33
CA VAL B 306 -15.49 19.78 -31.78
C VAL B 306 -14.13 19.56 -32.43
N GLY B 307 -14.14 18.90 -33.59
CA GLY B 307 -12.95 18.76 -34.41
C GLY B 307 -12.37 20.11 -34.73
N GLN B 308 -11.04 20.18 -34.84
CA GLN B 308 -10.34 21.44 -35.00
C GLN B 308 -9.11 21.19 -35.89
N GLY B 309 -9.39 20.61 -37.06
CA GLY B 309 -8.38 20.31 -38.06
C GLY B 309 -7.67 19.03 -37.71
N ASP B 310 -6.36 19.14 -37.50
CA ASP B 310 -5.52 18.02 -37.13
C ASP B 310 -5.99 17.39 -35.81
N GLY B 311 -6.39 18.23 -34.84
CA GLY B 311 -6.75 17.76 -33.49
C GLY B 311 -8.24 17.70 -33.18
N VAL B 312 -8.57 18.03 -31.93
CA VAL B 312 -9.94 18.06 -31.44
C VAL B 312 -9.92 19.12 -30.35
N ALA B 313 -10.99 19.92 -30.25
CA ALA B 313 -11.04 21.00 -29.26
C ALA B 313 -12.10 20.72 -28.23
N VAL B 314 -11.71 20.76 -26.97
CA VAL B 314 -12.61 20.47 -25.87
C VAL B 314 -12.75 21.67 -24.98
N THR B 315 -13.99 22.01 -24.66
CA THR B 315 -14.29 23.17 -23.88
C THR B 315 -14.73 22.73 -22.47
N LEU B 316 -14.33 23.51 -21.47
CA LEU B 316 -14.65 23.22 -20.07
C LEU B 316 -15.19 24.49 -19.41
N ASP B 323 -15.39 29.55 -18.85
CA ASP B 323 -14.97 28.41 -19.66
C ASP B 323 -13.45 28.37 -19.83
N GLN B 324 -12.98 27.25 -20.39
CA GLN B 324 -11.60 27.11 -20.87
C GLN B 324 -11.58 26.12 -22.02
N VAL B 325 -10.74 26.39 -23.02
CA VAL B 325 -10.66 25.55 -24.21
C VAL B 325 -9.37 24.78 -24.18
N HIS B 326 -9.45 23.48 -24.45
CA HIS B 326 -8.26 22.68 -24.66
C HIS B 326 -8.30 21.92 -25.97
N ASN B 327 -7.14 21.84 -26.61
CA ASN B 327 -6.91 21.03 -27.77
C ASN B 327 -6.12 19.77 -27.47
N PHE B 328 -6.47 18.70 -28.18
CA PHE B 328 -5.86 17.41 -28.02
C PHE B 328 -5.76 16.70 -29.35
N ASP B 329 -4.72 15.90 -29.53
CA ASP B 329 -4.54 15.12 -30.74
C ASP B 329 -5.34 13.83 -30.64
N LEU B 330 -5.93 13.58 -29.47
CA LEU B 330 -6.65 12.35 -29.25
C LEU B 330 -7.41 12.38 -27.96
N VAL B 331 -8.69 12.05 -28.01
CA VAL B 331 -9.53 12.01 -26.80
C VAL B 331 -10.17 10.65 -26.63
N VAL B 332 -10.15 10.19 -25.38
CA VAL B 332 -10.63 8.86 -25.01
C VAL B 332 -11.80 9.00 -24.10
N ASP B 333 -12.95 8.48 -24.50
CA ASP B 333 -14.16 8.57 -23.69
C ASP B 333 -14.20 7.41 -22.75
N ALA B 334 -13.79 7.65 -21.50
CA ALA B 334 -13.80 6.62 -20.49
C ALA B 334 -14.69 7.06 -19.37
N THR B 335 -15.79 7.68 -19.74
CA THR B 335 -16.84 8.07 -18.86
C THR B 335 -17.46 6.86 -18.15
N GLY B 336 -17.43 5.70 -18.78
CA GLY B 336 -18.06 4.55 -18.15
C GLY B 336 -19.52 4.38 -18.44
N GLY B 337 -19.96 4.94 -19.54
CA GLY B 337 -21.34 4.76 -19.95
C GLY B 337 -22.15 6.03 -20.16
N GLN B 338 -23.21 5.87 -20.90
CA GLN B 338 -24.14 6.93 -21.19
C GLN B 338 -25.45 6.40 -20.63
N PRO B 339 -25.92 7.02 -19.56
CA PRO B 339 -26.94 6.29 -18.80
C PRO B 339 -28.33 6.13 -19.39
N LEU B 340 -28.68 6.94 -20.38
CA LEU B 340 -29.96 6.79 -21.05
C LEU B 340 -29.85 5.92 -22.27
N TRP B 341 -28.78 5.14 -22.36
CA TRP B 341 -28.56 4.32 -23.54
C TRP B 341 -29.73 3.39 -23.81
N PHE B 342 -30.35 2.90 -22.76
CA PHE B 342 -31.45 1.96 -22.88
C PHE B 342 -32.69 2.49 -23.63
N LEU B 343 -32.94 3.78 -23.54
CA LEU B 343 -34.07 4.39 -24.22
C LEU B 343 -34.00 4.04 -25.68
N ASP B 344 -32.82 4.04 -26.27
CA ASP B 344 -32.70 3.57 -27.65
C ASP B 344 -33.30 2.18 -27.95
N LEU B 345 -33.68 1.40 -26.93
CA LEU B 345 -34.31 0.08 -27.16
C LEU B 345 -35.85 0.15 -27.18
N PHE B 346 -36.41 1.17 -26.59
CA PHE B 346 -37.83 1.22 -26.50
C PHE B 346 -38.36 1.64 -27.86
N ASP B 347 -39.55 1.17 -28.23
CA ASP B 347 -40.23 1.71 -29.43
C ASP B 347 -41.02 2.97 -29.06
N SER B 348 -41.48 3.71 -30.06
CA SER B 348 -42.13 4.99 -29.80
C SER B 348 -43.24 4.86 -28.77
N GLU B 349 -44.14 3.90 -28.96
CA GLU B 349 -45.21 3.64 -28.01
C GLU B 349 -44.74 3.56 -26.55
N SER B 350 -43.79 2.66 -26.28
CA SER B 350 -43.28 2.49 -24.91
C SER B 350 -42.53 3.72 -24.42
N ALA B 351 -41.79 4.39 -25.31
CA ALA B 351 -41.10 5.66 -24.97
C ALA B 351 -42.08 6.73 -24.51
N ASP B 352 -43.16 6.88 -25.27
CA ASP B 352 -44.23 7.86 -24.96
C ASP B 352 -44.90 7.47 -23.68
N LEU B 353 -45.11 6.17 -23.59
CA LEU B 353 -45.77 5.59 -22.47
C LEU B 353 -45.01 5.85 -21.19
N LEU B 354 -43.67 5.90 -21.31
CA LEU B 354 -42.77 6.21 -20.18
C LEU B 354 -42.64 7.73 -19.95
N GLU B 355 -42.69 8.47 -21.06
CA GLU B 355 -42.69 9.92 -21.01
C GLU B 355 -43.89 10.40 -20.20
N LEU B 356 -44.97 9.62 -20.25
CA LEU B 356 -46.21 9.94 -19.54
C LEU B 356 -46.07 9.62 -18.07
N ALA B 357 -45.69 8.39 -17.78
CA ALA B 357 -45.33 8.01 -16.40
C ALA B 357 -44.32 8.96 -15.79
N VAL B 358 -43.33 9.38 -16.55
CA VAL B 358 -42.23 10.11 -15.92
C VAL B 358 -42.54 11.57 -15.74
N GLY B 359 -43.55 12.04 -16.47
CA GLY B 359 -44.19 13.34 -16.26
C GLY B 359 -43.60 14.47 -17.08
N GLY B 360 -42.82 14.13 -18.09
CA GLY B 360 -42.16 15.14 -18.95
C GLY B 360 -41.29 14.44 -19.98
N PRO B 361 -40.36 15.17 -20.63
CA PRO B 361 -39.40 14.46 -21.50
C PRO B 361 -38.44 13.61 -20.70
N LEU B 362 -37.72 12.74 -21.41
CA LEU B 362 -36.91 11.68 -20.82
C LEU B 362 -35.49 12.17 -20.53
N THR B 363 -35.37 12.97 -19.49
CA THR B 363 -34.09 13.43 -19.05
C THR B 363 -33.68 12.48 -17.97
N GLN B 364 -32.40 12.51 -17.64
CA GLN B 364 -31.88 11.83 -16.46
C GLN B 364 -32.70 12.19 -15.24
N GLN B 365 -32.76 13.49 -14.96
CA GLN B 365 -33.39 14.01 -13.75
C GLN B 365 -34.80 13.46 -13.58
N ARG B 366 -35.57 13.58 -14.67
CA ARG B 366 -36.95 13.14 -14.69
C ARG B 366 -37.08 11.66 -14.46
N ILE B 367 -36.34 10.89 -15.23
CA ILE B 367 -36.34 9.45 -15.02
C ILE B 367 -35.87 9.05 -13.61
N GLU B 368 -34.91 9.74 -13.02
CA GLU B 368 -34.44 9.34 -11.66
C GLU B 368 -35.56 9.58 -10.68
N SER B 369 -36.22 10.71 -10.86
CA SER B 369 -37.20 11.16 -9.90
C SER B 369 -38.36 10.20 -9.86
N SER B 370 -38.51 9.41 -10.90
CA SER B 370 -39.59 8.46 -10.96
C SER B 370 -39.29 7.11 -10.30
N ILE B 371 -38.10 6.86 -9.75
CA ILE B 371 -37.80 5.47 -9.34
C ILE B 371 -38.40 5.12 -8.00
N GLY B 372 -39.25 4.10 -8.02
CA GLY B 372 -39.87 3.58 -6.80
C GLY B 372 -39.00 2.68 -5.93
N TYR B 373 -39.59 2.26 -4.81
CA TYR B 373 -38.86 1.55 -3.78
C TYR B 373 -38.45 0.16 -4.20
N ASP B 374 -39.25 -0.46 -5.07
CA ASP B 374 -38.84 -1.70 -5.73
C ASP B 374 -37.90 -1.47 -6.93
N LEU B 375 -37.42 -0.23 -7.08
CA LEU B 375 -36.51 0.19 -8.15
C LEU B 375 -37.17 0.36 -9.51
N ALA B 376 -38.51 0.20 -9.57
CA ALA B 376 -39.23 0.38 -10.84
C ALA B 376 -39.81 1.79 -11.07
N VAL B 377 -40.01 2.14 -12.33
CA VAL B 377 -40.65 3.42 -12.63
C VAL B 377 -42.04 3.44 -11.99
N THR B 378 -42.28 4.48 -11.17
CA THR B 378 -43.56 4.62 -10.50
C THR B 378 -44.62 5.09 -11.50
N GLY B 379 -45.77 4.40 -11.45
CA GLY B 379 -46.91 4.71 -12.26
C GLY B 379 -46.75 4.27 -13.68
N LEU B 380 -46.30 3.05 -13.89
CA LEU B 380 -46.20 2.55 -15.25
C LEU B 380 -46.90 1.20 -15.38
N GLY B 381 -47.46 0.94 -16.56
CA GLY B 381 -48.37 -0.18 -16.74
C GLY B 381 -47.74 -1.49 -16.42
N ALA B 382 -46.51 -1.67 -16.87
CA ALA B 382 -45.77 -2.87 -16.59
C ALA B 382 -44.57 -2.48 -15.73
N LYS B 383 -43.95 -3.49 -15.13
CA LYS B 383 -42.79 -3.24 -14.26
C LYS B 383 -41.49 -3.02 -15.06
N LEU B 384 -40.84 -1.89 -14.82
CA LEU B 384 -39.58 -1.59 -15.45
C LEU B 384 -38.62 -1.29 -14.32
N TYR B 385 -37.66 -2.19 -14.12
CA TYR B 385 -36.69 -2.04 -13.04
C TYR B 385 -35.52 -1.34 -13.63
N LEU B 386 -35.20 -0.17 -13.10
CA LEU B 386 -34.07 0.63 -13.57
C LEU B 386 -33.06 0.92 -12.42
N PRO B 387 -32.35 -0.13 -11.95
CA PRO B 387 -31.41 0.06 -10.86
C PRO B 387 -30.38 1.14 -11.11
N ASN B 388 -29.86 1.19 -12.31
CA ASN B 388 -28.89 2.22 -12.70
C ASN B 388 -29.37 3.65 -12.60
N MET B 389 -30.69 3.85 -12.63
CA MET B 389 -31.27 5.17 -12.46
C MET B 389 -31.65 5.48 -11.03
N ALA B 390 -31.42 4.54 -10.12
CA ALA B 390 -32.03 4.60 -8.79
C ALA B 390 -31.24 5.37 -7.79
N ALA B 391 -30.12 5.97 -8.14
CA ALA B 391 -29.30 6.42 -7.06
C ALA B 391 -30.04 7.43 -6.21
N LEU B 392 -30.49 8.52 -6.84
CA LEU B 392 -30.98 9.69 -6.13
C LEU B 392 -32.14 9.35 -5.22
N ALA B 393 -33.05 8.51 -5.71
CA ALA B 393 -34.32 8.28 -5.04
C ALA B 393 -34.26 7.17 -4.04
N GLN B 394 -33.49 6.11 -4.32
CA GLN B 394 -33.46 4.92 -3.45
C GLN B 394 -32.15 4.67 -2.75
N GLY B 395 -31.03 4.95 -3.42
CA GLY B 395 -29.71 4.85 -2.76
C GLY B 395 -28.55 4.77 -3.75
N PRO B 396 -27.40 5.28 -3.37
CA PRO B 396 -26.31 5.48 -4.32
C PRO B 396 -25.53 4.18 -4.69
N GLY B 397 -25.84 3.07 -4.03
CA GLY B 397 -25.24 1.81 -4.34
C GLY B 397 -25.89 0.98 -5.41
N PHE B 398 -27.14 1.28 -5.73
CA PHE B 398 -27.88 0.44 -6.67
C PHE B 398 -27.30 0.36 -8.07
N PRO B 399 -26.62 1.41 -8.54
CA PRO B 399 -26.06 1.38 -9.88
C PRO B 399 -24.83 0.56 -10.03
N ASN B 400 -24.19 0.28 -8.91
CA ASN B 400 -22.89 -0.30 -8.94
C ASN B 400 -22.88 -1.63 -8.12
N LEU B 401 -21.72 -2.10 -7.65
CA LEU B 401 -21.61 -3.40 -6.97
C LEU B 401 -21.76 -3.28 -5.45
N SER B 402 -22.24 -2.13 -4.98
CA SER B 402 -22.19 -1.81 -3.55
C SER B 402 -23.26 -2.46 -2.72
N CYS B 403 -24.42 -2.78 -3.31
CA CYS B 403 -25.50 -3.44 -2.57
C CYS B 403 -26.39 -4.39 -3.37
N LEU B 404 -25.77 -5.34 -4.08
CA LEU B 404 -26.53 -6.15 -5.01
C LEU B 404 -27.60 -6.95 -4.33
N GLY B 405 -27.38 -7.30 -3.05
CA GLY B 405 -28.33 -8.12 -2.29
C GLY B 405 -29.56 -7.34 -1.87
N GLU B 406 -29.36 -6.05 -1.61
CA GLU B 406 -30.47 -5.19 -1.32
C GLU B 406 -31.27 -4.94 -2.62
N LEU B 407 -30.57 -4.79 -3.72
CA LEU B 407 -31.21 -4.62 -5.02
C LEU B 407 -32.10 -5.81 -5.26
N SER B 408 -31.55 -7.00 -5.14
CA SER B 408 -32.33 -8.18 -5.46
C SER B 408 -33.62 -8.21 -4.59
N ASP B 409 -33.48 -7.89 -3.31
CA ASP B 409 -34.62 -7.75 -2.38
C ASP B 409 -35.65 -6.76 -2.89
N ARG B 410 -35.18 -5.56 -3.21
CA ARG B 410 -36.08 -4.50 -3.62
C ARG B 410 -36.91 -4.95 -4.82
N VAL B 411 -36.34 -5.69 -5.76
CA VAL B 411 -37.06 -5.97 -6.99
C VAL B 411 -37.84 -7.27 -6.86
N LEU B 412 -37.61 -8.02 -5.79
CA LEU B 412 -38.23 -9.34 -5.64
C LEU B 412 -39.08 -9.56 -4.39
N ARG B 413 -38.77 -8.87 -3.30
CA ARG B 413 -39.38 -9.17 -1.99
C ARG B 413 -40.18 -8.01 -1.36
N ALA B 414 -40.00 -6.80 -1.89
CA ALA B 414 -40.85 -5.68 -1.51
C ALA B 414 -42.27 -5.93 -2.04
N GLU B 415 -43.25 -5.42 -1.30
CA GLU B 415 -44.67 -5.74 -1.53
C GLU B 415 -45.61 -4.55 -1.84
N PRO B 416 -45.54 -3.44 -1.06
CA PRO B 416 -46.54 -2.39 -1.22
C PRO B 416 -46.02 -1.10 -1.85
N ALA B 417 -46.96 -0.23 -2.23
CA ALA B 417 -46.69 1.14 -2.66
C ALA B 417 -47.93 1.68 -3.38
N GLU C 2 18.12 44.52 9.58
CA GLU C 2 19.57 44.14 9.54
C GLU C 2 19.94 43.41 10.83
N THR C 3 19.18 43.62 11.89
CA THR C 3 18.91 42.55 12.86
C THR C 3 17.49 42.03 12.62
N LEU C 4 17.25 40.75 12.88
CA LEU C 4 15.93 40.15 12.79
C LEU C 4 15.64 39.27 13.98
N LEU C 5 14.77 39.73 14.85
CA LEU C 5 14.44 38.97 16.03
C LEU C 5 13.37 38.01 15.62
N VAL C 6 13.46 36.77 16.14
CA VAL C 6 12.43 35.77 15.88
C VAL C 6 11.84 35.32 17.18
N VAL C 7 10.53 35.34 17.28
CA VAL C 7 9.85 34.77 18.42
C VAL C 7 9.69 33.29 18.18
N GLY C 8 10.48 32.49 18.90
CA GLY C 8 10.42 31.03 18.83
C GLY C 8 11.53 30.48 17.94
N ALA C 9 12.13 29.37 18.35
CA ALA C 9 13.22 28.71 17.60
C ALA C 9 12.75 27.36 17.06
N GLY C 10 11.88 27.41 16.05
CA GLY C 10 11.35 26.23 15.38
C GLY C 10 11.84 26.24 13.97
N PRO C 11 11.10 25.58 13.06
CA PRO C 11 11.54 25.49 11.69
C PRO C 11 11.65 26.81 11.01
N LYS C 12 10.74 27.71 11.32
CA LYS C 12 10.68 28.98 10.62
C LYS C 12 11.89 29.78 10.95
N ALA C 13 12.22 29.86 12.23
CA ALA C 13 13.43 30.60 12.62
C ALA C 13 14.65 29.99 12.01
N LEU C 14 14.68 28.67 11.93
CA LEU C 14 15.85 27.98 11.41
C LEU C 14 15.92 28.17 9.92
N ALA C 15 14.78 28.13 9.26
CA ALA C 15 14.76 28.36 7.82
C ALA C 15 15.42 29.68 7.53
N VAL C 16 15.03 30.68 8.29
CA VAL C 16 15.47 32.05 8.09
C VAL C 16 16.92 32.24 8.50
N ALA C 17 17.27 31.70 9.65
CA ALA C 17 18.64 31.72 10.11
C ALA C 17 19.58 31.05 9.12
N ALA C 18 19.25 29.83 8.71
CA ALA C 18 20.14 29.12 7.83
C ALA C 18 20.31 29.79 6.46
N LYS C 19 19.20 30.29 5.90
CA LYS C 19 19.27 30.98 4.61
C LYS C 19 20.10 32.26 4.72
N SER C 20 19.94 32.98 5.80
CA SER C 20 20.78 34.16 6.03
C SER C 20 22.29 33.81 6.08
N HIS C 21 22.59 32.74 6.78
CA HIS C 21 23.95 32.19 6.84
C HIS C 21 24.54 31.97 5.44
N VAL C 22 23.77 31.32 4.59
CA VAL C 22 24.20 31.01 3.26
C VAL C 22 24.35 32.25 2.40
N LEU C 23 23.52 33.26 2.66
CA LEU C 23 23.65 34.52 1.94
C LEU C 23 24.98 35.25 2.25
N ARG C 24 25.48 35.16 3.47
CA ARG C 24 26.72 35.87 3.74
C ARG C 24 27.88 35.09 3.14
N GLN C 25 27.82 33.78 3.20
CA GLN C 25 28.77 32.97 2.48
C GLN C 25 29.05 33.40 1.04
N LEU C 26 28.08 34.06 0.44
CA LEU C 26 28.08 34.28 -0.99
C LEU C 26 28.29 35.77 -1.30
N GLY C 27 28.44 36.57 -0.24
CA GLY C 27 28.73 37.99 -0.37
C GLY C 27 27.47 38.80 -0.49
N LEU C 28 26.34 38.12 -0.33
CA LEU C 28 25.08 38.74 -0.47
C LEU C 28 24.71 39.33 0.87
N SER C 29 23.77 40.27 0.79
CA SER C 29 23.28 41.02 1.91
C SER C 29 22.28 40.23 2.75
N ALA C 30 22.63 40.01 4.01
CA ALA C 30 21.97 39.06 4.88
C ALA C 30 21.73 39.68 6.25
N PRO C 31 20.47 39.82 6.65
CA PRO C 31 20.23 40.28 8.03
C PRO C 31 20.77 39.28 9.06
N ARG C 32 20.93 39.74 10.29
CA ARG C 32 21.37 38.93 11.41
C ARG C 32 20.20 38.37 12.18
N VAL C 33 20.10 37.06 12.32
CA VAL C 33 18.87 36.45 12.86
C VAL C 33 19.08 35.98 14.30
N ILE C 34 18.33 36.58 15.21
CA ILE C 34 18.37 36.22 16.61
C ILE C 34 17.04 35.60 16.93
N ALA C 35 17.06 34.41 17.51
CA ALA C 35 15.84 33.71 17.81
C ALA C 35 15.66 33.59 19.29
N VAL C 36 14.65 34.26 19.82
CA VAL C 36 14.32 34.17 21.23
C VAL C 36 13.54 32.90 21.41
N GLU C 37 13.93 32.07 22.36
CA GLU C 37 13.25 30.81 22.60
C GLU C 37 13.10 30.58 24.09
N ALA C 38 11.98 30.00 24.49
CA ALA C 38 11.66 29.90 25.91
C ALA C 38 11.93 28.56 26.52
N HIS C 39 12.14 27.55 25.69
CA HIS C 39 12.14 26.16 26.17
C HIS C 39 13.34 25.43 25.56
N ALA C 40 13.22 25.03 24.29
CA ALA C 40 14.36 24.53 23.55
C ALA C 40 14.15 24.70 22.07
N VAL C 41 15.23 24.64 21.32
CA VAL C 41 15.16 24.59 19.88
C VAL C 41 14.32 23.38 19.51
N GLY C 42 13.27 23.59 18.73
CA GLY C 42 12.41 22.47 18.33
C GLY C 42 11.48 22.05 19.45
N GLY C 43 11.31 22.97 20.40
CA GLY C 43 10.53 22.71 21.60
C GLY C 43 9.17 22.13 21.33
N ASN C 44 8.45 22.69 20.37
CA ASN C 44 7.06 22.24 20.16
C ASN C 44 6.90 20.84 19.63
N TRP C 45 7.99 20.27 19.16
CA TRP C 45 8.03 18.89 18.71
C TRP C 45 8.49 17.91 19.79
N LEU C 46 8.71 18.37 21.01
CA LEU C 46 9.08 17.47 22.11
C LEU C 46 7.90 17.24 23.04
N ALA C 47 7.74 16.02 23.53
CA ALA C 47 6.71 15.73 24.52
C ALA C 47 6.54 16.91 25.47
N SER C 48 7.67 17.36 25.99
CA SER C 48 7.70 18.45 26.96
C SER C 48 7.14 19.79 26.49
N GLY C 49 6.89 19.94 25.18
CA GLY C 49 6.26 21.16 24.66
C GLY C 49 4.75 21.15 24.88
N GLY C 50 4.15 19.97 24.95
CA GLY C 50 2.73 19.82 25.23
C GLY C 50 1.86 19.68 23.99
N TRP C 51 2.45 19.87 22.81
CA TRP C 51 1.69 19.78 21.55
C TRP C 51 1.64 18.36 21.08
N THR C 52 2.59 17.56 21.57
CA THR C 52 2.74 16.20 21.15
C THR C 52 3.27 15.36 22.30
N ASP C 53 3.30 14.05 22.08
CA ASP C 53 3.99 13.17 23.00
C ASP C 53 5.39 12.86 22.47
N GLY C 54 5.74 13.42 21.31
CA GLY C 54 7.09 13.25 20.80
C GLY C 54 7.35 11.95 20.07
N ARG C 55 6.44 10.98 20.23
CA ARG C 55 6.47 9.66 19.59
C ARG C 55 5.66 9.62 18.26
N HIS C 56 4.61 10.42 18.15
CA HIS C 56 3.85 10.41 16.94
C HIS C 56 4.66 10.92 15.80
N ARG C 57 4.37 10.39 14.62
CA ARG C 57 5.22 10.56 13.44
C ARG C 57 4.85 11.73 12.60
N LEU C 58 5.83 12.28 11.91
CA LEU C 58 5.65 13.50 11.14
C LEU C 58 4.66 13.26 10.03
N GLY C 59 3.88 14.29 9.72
CA GLY C 59 2.79 14.12 8.81
C GLY C 59 3.30 14.36 7.41
N THR C 60 4.18 15.32 7.24
CA THR C 60 4.71 15.56 5.93
C THR C 60 6.01 14.84 5.75
N SER C 61 6.40 14.68 4.51
CA SER C 61 7.64 14.08 4.11
C SER C 61 8.83 14.90 4.68
N PRO C 62 9.83 14.21 5.26
CA PRO C 62 10.88 14.90 6.00
C PRO C 62 11.87 15.62 5.08
N GLU C 63 11.85 15.31 3.79
CA GLU C 63 12.61 16.10 2.85
C GLU C 63 12.09 17.55 2.82
N LYS C 64 10.87 17.76 3.31
CA LYS C 64 10.33 19.13 3.48
C LYS C 64 10.83 19.70 4.78
N ASP C 65 12.03 20.25 4.63
CA ASP C 65 12.87 20.61 5.76
C ASP C 65 13.19 22.09 5.65
N ILE C 66 14.10 22.54 6.51
CA ILE C 66 14.55 23.92 6.66
C ILE C 66 14.83 24.63 5.35
N GLY C 67 15.28 23.89 4.35
CA GLY C 67 15.57 24.50 3.03
C GLY C 67 14.67 24.19 1.82
N PHE C 68 13.62 23.41 2.00
CA PHE C 68 12.80 22.85 0.88
C PHE C 68 11.93 23.97 0.34
N PRO C 69 11.79 24.14 -0.97
CA PRO C 69 12.17 23.19 -1.99
C PRO C 69 13.52 23.38 -2.69
N TYR C 70 14.39 24.23 -2.17
CA TYR C 70 15.75 24.36 -2.70
C TYR C 70 15.62 24.86 -4.12
N HIS C 71 14.82 25.89 -4.28
CA HIS C 71 14.52 26.44 -5.61
C HIS C 71 14.24 27.95 -5.46
N SER C 72 15.32 28.68 -5.18
CA SER C 72 15.24 30.12 -4.99
C SER C 72 15.14 30.83 -6.34
N THR C 73 14.38 31.94 -6.37
CA THR C 73 14.21 32.75 -7.56
C THR C 73 14.62 34.20 -7.25
N TRP C 74 15.77 34.33 -6.59
CA TRP C 74 16.38 35.60 -6.18
C TRP C 74 16.89 36.40 -7.36
N ALA C 75 17.80 37.34 -7.08
CA ALA C 75 18.75 37.81 -8.09
C ALA C 75 19.45 36.57 -8.69
N ARG C 76 19.39 36.50 -10.02
CA ARG C 76 19.45 35.24 -10.75
C ARG C 76 20.83 34.56 -10.67
N GLY C 77 21.85 35.37 -10.39
CA GLY C 77 23.23 34.91 -10.38
C GLY C 77 23.63 34.00 -9.23
N HIS C 78 22.82 33.94 -8.17
CA HIS C 78 23.19 33.14 -7.00
C HIS C 78 22.22 32.03 -6.63
N ASN C 79 21.18 31.82 -7.43
CA ASN C 79 20.10 30.92 -7.01
C ASN C 79 20.62 29.53 -6.86
N ARG C 80 21.25 29.02 -7.90
CA ARG C 80 21.80 27.67 -7.88
C ARG C 80 22.77 27.49 -6.72
N GLU C 81 23.53 28.50 -6.34
CA GLU C 81 24.49 28.35 -5.25
C GLU C 81 23.85 28.36 -3.90
N ILE C 82 22.86 29.24 -3.71
CA ILE C 82 22.07 29.25 -2.50
C ILE C 82 21.43 27.90 -2.25
N ASN C 83 20.78 27.34 -3.27
CA ASN C 83 20.11 26.05 -3.09
C ASN C 83 21.09 24.99 -2.68
N GLU C 84 22.25 24.95 -3.34
CA GLU C 84 23.24 23.90 -3.09
C GLU C 84 23.75 24.05 -1.70
N ALA C 85 24.10 25.29 -1.35
CA ALA C 85 24.66 25.57 -0.06
C ALA C 85 23.60 25.22 1.00
N MET C 86 22.33 25.44 0.71
CA MET C 86 21.27 25.14 1.68
C MET C 86 21.10 23.65 1.89
N MET C 87 21.47 22.84 0.95
CA MET C 87 21.34 21.42 1.17
C MET C 87 22.18 20.86 2.35
N ALA C 88 23.23 21.59 2.74
CA ALA C 88 24.00 21.20 3.91
C ALA C 88 23.13 21.05 5.15
N PHE C 89 21.92 21.65 5.18
CA PHE C 89 21.13 21.64 6.42
C PHE C 89 19.82 20.84 6.32
N SER C 90 19.74 20.05 5.27
CA SER C 90 18.61 19.24 4.99
C SER C 90 18.52 17.99 5.84
N TRP C 91 17.31 17.46 5.87
CA TRP C 91 17.02 16.23 6.56
C TRP C 91 18.07 15.22 6.12
N THR C 92 18.34 15.15 4.82
CA THR C 92 19.16 14.07 4.34
C THR C 92 20.61 14.21 4.76
N SER C 93 21.07 15.44 4.90
CA SER C 93 22.41 15.74 5.33
C SER C 93 22.61 15.41 6.83
N PHE C 94 21.56 15.68 7.60
CA PHE C 94 21.36 15.27 8.97
C PHE C 94 21.49 13.78 9.22
N LEU C 95 20.83 12.94 8.43
CA LEU C 95 20.99 11.52 8.60
C LEU C 95 22.38 11.05 8.18
N VAL C 96 22.89 11.59 7.09
CA VAL C 96 24.23 11.20 6.62
C VAL C 96 25.25 11.54 7.66
N GLU C 97 25.19 12.75 8.18
CA GLU C 97 26.18 13.06 9.21
C GLU C 97 26.08 12.14 10.45
N HIS C 98 24.90 11.57 10.72
CA HIS C 98 24.71 10.71 11.87
C HIS C 98 24.90 9.25 11.52
N GLY C 99 25.14 8.94 10.27
CA GLY C 99 25.33 7.53 9.88
C GLY C 99 24.04 6.71 9.74
N THR C 100 22.88 7.37 9.62
CA THR C 100 21.59 6.67 9.62
C THR C 100 20.90 6.65 8.25
N TYR C 101 21.56 7.21 7.24
CA TYR C 101 20.94 7.44 5.98
C TYR C 101 20.61 6.10 5.35
N ALA C 102 21.56 5.20 5.34
CA ALA C 102 21.31 3.90 4.79
C ALA C 102 20.16 3.19 5.48
N GLU C 103 20.09 3.31 6.78
CA GLU C 103 19.04 2.63 7.50
C GLU C 103 17.64 3.27 7.13
N TRP C 104 17.61 4.58 6.99
CA TRP C 104 16.37 5.30 6.65
C TRP C 104 15.83 4.80 5.33
N ILE C 105 16.70 4.76 4.34
CA ILE C 105 16.35 4.23 3.04
C ILE C 105 15.95 2.75 3.10
N ASP C 106 16.68 1.91 3.85
CA ASP C 106 16.41 0.44 3.86
C ASP C 106 15.16 0.10 4.64
N ARG C 107 14.76 0.95 5.55
CA ARG C 107 13.54 0.71 6.26
C ARG C 107 12.38 1.36 5.53
N GLY C 108 12.64 1.93 4.34
CA GLY C 108 11.61 2.39 3.46
C GLY C 108 11.18 3.82 3.81
N ARG C 109 12.17 4.62 4.17
CA ARG C 109 11.97 6.00 4.46
C ARG C 109 10.89 6.27 5.49
N PRO C 110 11.01 5.63 6.65
CA PRO C 110 9.93 5.84 7.57
C PRO C 110 9.86 7.32 7.98
N SER C 111 8.68 7.77 8.37
CA SER C 111 8.53 9.12 8.83
C SER C 111 8.93 9.24 10.28
N PRO C 112 9.70 10.26 10.59
CA PRO C 112 10.32 10.34 11.87
C PRO C 112 9.36 10.76 12.93
N GLN C 113 9.66 10.32 14.13
CA GLN C 113 8.90 10.77 15.25
C GLN C 113 9.12 12.25 15.47
N HIS C 114 8.13 12.92 16.06
CA HIS C 114 8.34 14.31 16.40
C HIS C 114 9.63 14.55 17.17
N HIS C 115 10.00 13.67 18.13
CA HIS C 115 11.20 13.96 18.90
C HIS C 115 12.41 13.94 17.98
N VAL C 116 12.44 13.05 17.00
CA VAL C 116 13.55 13.00 16.06
C VAL C 116 13.64 14.22 15.22
N TRP C 117 12.49 14.76 14.82
CA TRP C 117 12.45 16.02 14.09
C TRP C 117 12.95 17.12 14.99
N ALA C 118 12.56 17.11 16.24
CA ALA C 118 13.23 18.03 17.20
C ALA C 118 14.73 17.89 17.10
N LYS C 119 15.22 16.69 16.93
CA LYS C 119 16.68 16.50 16.86
C LYS C 119 17.23 17.01 15.54
N TYR C 120 16.46 16.92 14.47
CA TYR C 120 16.87 17.48 13.19
C TYR C 120 17.05 19.01 13.32
N LEU C 121 16.10 19.66 14.01
CA LEU C 121 16.13 21.12 14.15
C LEU C 121 17.28 21.59 15.08
N GLN C 122 17.46 20.91 16.19
CA GLN C 122 18.56 21.25 17.08
C GLN C 122 19.89 21.08 16.33
N TRP C 123 20.09 19.95 15.66
CA TRP C 123 21.20 19.82 14.72
C TRP C 123 21.31 20.97 13.73
N VAL C 124 20.23 21.35 13.07
CA VAL C 124 20.36 22.50 12.16
C VAL C 124 20.91 23.72 12.92
N ALA C 125 20.36 24.00 14.10
CA ALA C 125 20.75 25.17 14.94
C ALA C 125 22.26 25.25 15.23
N ARG C 126 22.81 24.14 15.69
CA ARG C 126 24.26 23.95 15.75
C ARG C 126 25.00 24.25 14.42
N LYS C 127 24.58 23.63 13.33
CA LYS C 127 25.31 23.80 12.06
C LYS C 127 25.35 25.21 11.50
N ILE C 128 24.45 26.09 11.97
CA ILE C 128 24.51 27.48 11.58
C ILE C 128 24.87 28.43 12.72
N ASP C 129 25.29 27.89 13.86
CA ASP C 129 25.61 28.73 15.01
C ASP C 129 24.58 29.84 15.23
N LEU C 130 23.37 29.35 15.43
CA LEU C 130 22.20 30.17 15.58
C LEU C 130 22.33 30.93 16.89
N GLU C 131 22.26 32.25 16.81
CA GLU C 131 22.24 33.07 18.01
C GLU C 131 20.88 32.88 18.62
N LEU C 132 20.86 32.51 19.88
CA LEU C 132 19.71 31.86 20.47
C LEU C 132 19.53 32.30 21.91
N VAL C 133 18.81 33.39 22.11
CA VAL C 133 18.48 33.85 23.45
C VAL C 133 17.45 32.91 24.09
N LEU C 134 17.80 32.36 25.25
CA LEU C 134 16.90 31.46 25.99
C LEU C 134 16.00 32.25 26.93
N GLY C 135 14.81 32.62 26.45
CA GLY C 135 13.80 33.18 27.32
C GLY C 135 12.42 33.29 26.70
N LYS C 136 11.49 33.82 27.48
CA LYS C 136 10.11 33.94 27.07
C LYS C 136 9.88 35.38 26.70
N VAL C 137 9.58 35.61 25.43
CA VAL C 137 9.17 36.92 24.99
C VAL C 137 7.91 37.27 25.78
N ARG C 138 7.96 38.41 26.45
CA ARG C 138 6.89 38.85 27.33
C ARG C 138 6.05 39.93 26.68
N THR C 139 6.70 40.86 25.99
CA THR C 139 6.01 42.01 25.44
C THR C 139 6.72 42.51 24.20
N ILE C 140 5.94 42.97 23.21
CA ILE C 140 6.48 43.44 21.94
C ILE C 140 6.11 44.90 21.77
N ARG C 141 7.09 45.73 21.38
CA ARG C 141 6.82 47.15 21.12
C ARG C 141 7.58 47.70 19.93
N GLN C 142 6.93 48.60 19.19
CA GLN C 142 7.61 49.47 18.24
C GLN C 142 8.38 50.58 18.95
N GLY C 150 11.83 49.91 13.61
CA GLY C 150 12.42 49.09 14.68
C GLY C 150 11.40 48.39 15.57
N TRP C 151 11.92 47.69 16.56
CA TRP C 151 11.12 46.89 17.49
C TRP C 151 11.90 46.82 18.81
N SER C 152 11.23 46.63 19.93
CA SER C 152 11.89 46.42 21.22
C SER C 152 11.08 45.36 21.96
N VAL C 153 11.71 44.26 22.34
CA VAL C 153 10.96 43.17 22.94
C VAL C 153 11.56 42.77 24.28
N GLU C 154 10.70 42.62 25.28
CA GLU C 154 11.18 42.36 26.62
C GLU C 154 11.07 40.88 26.86
N VAL C 155 12.21 40.26 27.13
CA VAL C 155 12.33 38.83 27.36
C VAL C 155 12.48 38.59 28.86
N ALA C 156 12.14 37.38 29.31
CA ALA C 156 12.33 36.98 30.70
C ALA C 156 12.92 35.58 30.79
N GLY C 157 14.07 35.43 31.45
CA GLY C 157 14.64 34.12 31.78
C GLY C 157 14.06 33.54 33.07
N ALA C 158 14.60 32.39 33.52
CA ALA C 158 14.07 31.63 34.67
C ALA C 158 12.63 31.18 34.46
N GLY C 160 16.70 34.50 35.40
CA GLY C 160 16.64 35.94 35.48
C GLY C 160 15.22 36.42 35.69
N ALA C 161 14.92 37.59 35.13
CA ALA C 161 13.54 38.11 35.05
C ALA C 161 13.27 39.05 33.87
N THR C 162 14.22 39.88 33.42
CA THR C 162 13.96 40.74 32.26
C THR C 162 15.12 41.40 31.51
N THR C 163 14.92 41.57 30.21
CA THR C 163 15.83 42.32 29.34
C THR C 163 15.09 42.79 28.08
N GLU C 164 15.50 43.92 27.52
CA GLU C 164 14.95 44.43 26.27
C GLU C 164 15.94 44.14 25.13
N LEU C 165 15.40 43.83 23.94
CA LEU C 165 16.19 43.59 22.72
C LEU C 165 15.64 44.43 21.58
N GLU C 166 16.52 45.14 20.86
CA GLU C 166 16.10 45.92 19.69
C GLU C 166 16.38 45.16 18.38
N ALA C 167 15.47 45.27 17.41
CA ALA C 167 15.65 44.69 16.08
C ALA C 167 14.91 45.51 15.01
N ASP C 168 15.43 45.47 13.78
CA ASP C 168 14.80 46.14 12.64
C ASP C 168 13.55 45.41 12.20
N GLY C 169 13.68 44.10 12.04
CA GLY C 169 12.54 43.24 11.70
C GLY C 169 12.18 42.33 12.86
N LEU C 170 10.94 41.83 12.84
CA LEU C 170 10.48 40.87 13.84
C LEU C 170 9.57 39.82 13.22
N MET C 171 9.93 38.54 13.37
CA MET C 171 9.12 37.44 12.89
C MET C 171 8.51 36.72 14.05
N ILE C 172 7.25 36.34 13.90
CA ILE C 172 6.53 35.61 14.90
C ILE C 172 6.38 34.21 14.37
N THR C 173 6.61 33.23 15.25
CA THR C 173 6.46 31.81 14.88
C THR C 173 5.77 31.08 15.99
N GLY C 174 5.38 29.85 15.71
CA GLY C 174 4.76 29.00 16.69
C GLY C 174 3.26 29.15 16.70
N PRO C 175 2.55 28.09 17.12
CA PRO C 175 1.10 28.03 17.05
C PRO C 175 0.39 28.52 18.29
N GLY C 176 1.11 29.17 19.18
CA GLY C 176 0.55 29.58 20.45
C GLY C 176 0.99 28.65 21.54
N GLN C 177 0.26 28.68 22.65
CA GLN C 177 0.64 27.98 23.86
C GLN C 177 -0.20 26.71 23.91
N SER C 178 0.42 25.61 24.35
CA SER C 178 -0.18 24.27 24.29
C SER C 178 -1.08 24.01 25.47
N THR C 179 -1.04 24.92 26.44
CA THR C 179 -1.75 24.81 27.70
C THR C 179 -3.12 25.53 27.69
N LYS C 180 -3.44 26.21 26.60
CA LYS C 180 -4.59 27.13 26.50
C LYS C 180 -5.59 26.64 25.47
N ALA C 181 -6.72 26.10 25.92
CA ALA C 181 -7.78 25.68 25.01
C ALA C 181 -8.58 26.87 24.44
N LEU C 182 -9.27 26.65 23.33
CA LEU C 182 -10.21 27.65 22.82
C LEU C 182 -11.29 28.09 23.82
N ALA C 183 -11.49 27.34 24.91
CA ALA C 183 -12.57 27.65 25.88
C ALA C 183 -12.28 27.13 27.29
N ALA C 184 -11.71 28.01 28.12
CA ALA C 184 -11.53 27.78 29.55
C ALA C 184 -12.69 27.05 30.23
N HIS C 185 -12.40 25.83 30.68
CA HIS C 185 -13.32 24.97 31.40
C HIS C 185 -12.55 23.70 31.82
N PRO C 186 -12.90 23.10 32.96
CA PRO C 186 -12.12 21.96 33.49
C PRO C 186 -12.23 20.66 32.67
N ARG C 187 -13.44 20.32 32.24
CA ARG C 187 -13.69 19.14 31.38
C ARG C 187 -13.25 19.39 29.94
N VAL C 188 -12.71 20.56 29.67
CA VAL C 188 -12.21 20.91 28.35
C VAL C 188 -10.72 20.88 28.47
N LEU C 189 -10.09 19.99 27.72
CA LEU C 189 -8.67 19.80 27.86
C LEU C 189 -7.93 20.57 26.77
N SER C 190 -7.01 21.44 27.15
CA SER C 190 -6.01 21.93 26.21
C SER C 190 -5.20 20.72 25.80
N ILE C 191 -4.57 20.80 24.66
CA ILE C 191 -3.76 19.67 24.17
C ILE C 191 -2.66 19.22 25.16
N ALA C 192 -2.03 20.16 25.88
CA ALA C 192 -1.00 19.85 26.93
C ALA C 192 -1.55 18.96 28.01
N GLU C 193 -2.71 19.39 28.48
CA GLU C 193 -3.48 18.67 29.45
C GLU C 193 -3.81 17.31 28.91
N PHE C 194 -4.28 17.23 27.66
CA PHE C 194 -4.56 15.92 27.11
C PHE C 194 -3.38 14.94 27.27
N TRP C 195 -2.21 15.28 26.72
CA TRP C 195 -1.05 14.39 26.80
C TRP C 195 -0.67 14.08 28.24
N ASP C 196 -0.68 15.11 29.10
CA ASP C 196 -0.27 14.88 30.47
C ASP C 196 -1.15 13.80 31.03
N LEU C 197 -2.43 14.04 30.87
CA LEU C 197 -3.43 13.31 31.56
C LEU C 197 -3.59 11.92 30.93
N ALA C 198 -3.47 11.85 29.61
CA ALA C 198 -3.48 10.55 28.94
C ALA C 198 -2.25 9.70 29.29
N GLY C 199 -1.12 10.37 29.55
CA GLY C 199 0.14 9.69 29.81
C GLY C 199 0.05 8.83 31.07
N LYS C 200 -0.69 9.34 32.05
CA LYS C 200 -0.87 8.64 33.33
C LYS C 200 -2.33 8.23 33.53
N ARG C 201 -2.91 7.69 32.46
CA ARG C 201 -4.28 7.15 32.44
C ARG C 201 -5.30 7.85 33.36
N LYS C 202 -5.20 9.18 33.47
CA LYS C 202 -6.07 10.01 34.33
C LYS C 202 -7.29 10.54 33.52
N LEU C 203 -7.70 9.72 32.57
CA LEU C 203 -8.61 10.09 31.53
C LEU C 203 -9.92 9.38 31.87
N PRO C 204 -10.93 10.12 32.36
CA PRO C 204 -12.11 9.48 32.96
C PRO C 204 -12.66 8.36 32.08
N ILE C 205 -12.57 7.13 32.60
CA ILE C 205 -13.08 5.93 31.93
C ILE C 205 -14.50 6.12 31.36
N SER C 206 -14.76 5.44 30.25
CA SER C 206 -16.06 5.43 29.55
C SER C 206 -16.70 6.82 29.26
N SER C 207 -15.88 7.87 29.21
CA SER C 207 -16.38 9.19 28.89
C SER C 207 -16.90 9.21 27.45
N ARG C 208 -17.91 10.03 27.23
CA ARG C 208 -18.42 10.31 25.90
C ARG C 208 -17.67 11.55 25.42
N ALA C 209 -16.62 11.35 24.63
CA ALA C 209 -15.60 12.38 24.41
C ALA C 209 -15.61 12.97 23.00
N ALA C 210 -14.98 14.12 22.88
CA ALA C 210 -14.88 14.85 21.64
C ALA C 210 -13.49 15.40 21.48
N VAL C 211 -12.94 15.26 20.28
CA VAL C 211 -11.73 15.97 19.90
C VAL C 211 -12.03 16.99 18.81
N ILE C 212 -11.56 18.21 19.02
CA ILE C 212 -11.73 19.31 18.08
C ILE C 212 -10.43 19.60 17.32
N GLY C 213 -10.55 19.65 16.00
CA GLY C 213 -9.40 19.80 15.12
C GLY C 213 -9.36 18.71 14.06
N GLY C 214 -8.56 18.94 13.03
CA GLY C 214 -8.33 17.91 12.04
C GLY C 214 -7.02 18.05 11.29
N GLY C 215 -6.01 18.64 11.95
CA GLY C 215 -4.63 18.58 11.47
C GLY C 215 -3.87 17.50 12.23
N GLU C 216 -2.54 17.55 12.18
CA GLU C 216 -1.74 16.51 12.84
C GLU C 216 -1.90 16.53 14.36
N THR C 217 -2.22 17.69 14.93
CA THR C 217 -2.43 17.77 16.36
C THR C 217 -3.56 16.82 16.75
N ALA C 218 -4.67 16.90 16.02
CA ALA C 218 -5.80 16.00 16.25
C ALA C 218 -5.52 14.54 15.90
N GLY C 219 -4.96 14.29 14.73
CA GLY C 219 -4.67 12.94 14.31
C GLY C 219 -4.01 12.16 15.46
N SER C 220 -2.86 12.66 15.92
CA SER C 220 -2.14 12.13 17.07
C SER C 220 -3.08 11.95 18.27
N ALA C 221 -3.62 13.06 18.75
CA ALA C 221 -4.39 13.01 19.98
C ALA C 221 -5.43 11.91 19.89
N LEU C 222 -6.07 11.80 18.71
CA LEU C 222 -7.11 10.82 18.45
C LEU C 222 -6.53 9.41 18.45
N ASP C 223 -5.37 9.28 17.80
CA ASP C 223 -4.62 8.05 17.83
C ASP C 223 -4.48 7.61 19.26
N GLU C 224 -4.15 8.57 20.12
CA GLU C 224 -3.93 8.25 21.51
C GLU C 224 -5.25 7.93 22.16
N LEU C 225 -6.21 8.83 22.04
CA LEU C 225 -7.48 8.69 22.72
C LEU C 225 -8.14 7.33 22.47
N VAL C 226 -7.86 6.74 21.32
CA VAL C 226 -8.46 5.47 20.96
C VAL C 226 -8.16 4.36 21.96
N ARG C 227 -6.94 4.31 22.48
CA ARG C 227 -6.57 3.15 23.30
C ARG C 227 -7.02 3.26 24.76
N HIS C 228 -7.57 4.42 25.12
CA HIS C 228 -8.28 4.61 26.40
C HIS C 228 -9.75 4.20 26.22
N GLU C 229 -10.38 3.73 27.28
CA GLU C 229 -11.74 3.17 27.21
C GLU C 229 -12.79 4.28 27.23
N MET C 230 -12.87 5.06 26.15
CA MET C 230 -13.94 6.02 25.92
C MET C 230 -15.17 5.26 25.48
N LEU C 231 -16.38 5.78 25.75
CA LEU C 231 -17.59 5.17 25.19
C LEU C 231 -17.76 5.56 23.70
N THR C 232 -17.73 6.87 23.43
CA THR C 232 -17.78 7.39 22.08
C THR C 232 -16.67 8.42 21.87
N ILE C 233 -16.29 8.60 20.62
CA ILE C 233 -15.26 9.56 20.26
C ILE C 233 -15.73 10.37 19.07
N SER C 234 -16.05 11.61 19.35
CA SER C 234 -16.58 12.51 18.37
C SER C 234 -15.45 13.42 17.86
N VAL C 235 -15.38 13.56 16.55
CA VAL C 235 -14.35 14.35 15.88
C VAL C 235 -15.03 15.54 15.30
N ILE C 236 -14.51 16.73 15.54
CA ILE C 236 -15.26 17.95 15.27
C ILE C 236 -14.43 18.86 14.37
N SER C 237 -14.83 18.90 13.10
CA SER C 237 -14.19 19.73 12.06
C SER C 237 -15.13 19.89 10.88
N PRO C 238 -14.81 20.76 9.92
CA PRO C 238 -15.62 20.84 8.68
C PRO C 238 -15.41 19.67 7.69
N TYR C 249 -1.87 16.11 -7.62
CA TYR C 249 -0.52 16.59 -7.41
C TYR C 249 -0.42 18.14 -7.31
N PHE C 250 -1.15 18.85 -8.18
CA PHE C 250 -1.15 20.33 -8.12
C PHE C 250 -1.79 20.83 -6.79
N GLU C 251 -2.64 20.00 -6.18
CA GLU C 251 -2.87 19.97 -4.71
C GLU C 251 -1.64 20.27 -3.85
N ASN C 252 -0.76 19.28 -3.75
CA ASN C 252 0.41 19.36 -2.91
C ASN C 252 1.35 20.39 -3.47
N SER C 253 1.26 20.62 -4.78
CA SER C 253 2.08 21.64 -5.42
C SER C 253 1.71 23.06 -4.94
N LEU C 254 0.48 23.28 -4.49
CA LEU C 254 0.09 24.64 -4.03
C LEU C 254 0.74 24.98 -2.70
N PHE C 255 1.08 23.92 -1.95
CA PHE C 255 1.75 24.03 -0.65
C PHE C 255 3.22 24.32 -0.84
N SER C 256 3.86 23.68 -1.82
CA SER C 256 5.29 23.84 -1.98
C SER C 256 5.71 24.87 -3.03
N ASP C 257 4.83 25.15 -3.98
CA ASP C 257 5.00 26.26 -4.96
C ASP C 257 3.93 27.38 -4.85
N PRO C 258 4.23 28.45 -4.08
CA PRO C 258 3.20 29.44 -3.92
C PRO C 258 2.85 30.15 -5.22
N THR C 259 3.74 30.19 -6.19
CA THR C 259 3.39 30.79 -7.45
C THR C 259 2.17 30.09 -8.06
N LYS C 260 1.99 28.80 -7.81
CA LYS C 260 0.82 28.06 -8.33
C LYS C 260 -0.45 28.40 -7.60
N TRP C 261 -0.31 28.91 -6.39
CA TRP C 261 -1.41 29.45 -5.57
C TRP C 261 -1.90 30.84 -5.99
N ASN C 262 -0.97 31.71 -6.29
CA ASN C 262 -1.35 33.05 -6.54
C ASN C 262 -2.16 33.09 -7.86
N ALA C 263 -2.06 32.04 -8.69
CA ALA C 263 -2.90 31.85 -9.91
C ALA C 263 -4.36 31.46 -9.68
N LEU C 264 -4.74 31.23 -8.44
CA LEU C 264 -6.11 30.90 -8.08
C LEU C 264 -6.84 32.19 -7.67
N SER C 265 -8.12 32.27 -8.00
CA SER C 265 -8.97 33.39 -7.56
C SER C 265 -9.01 33.36 -6.04
N ILE C 266 -9.51 34.42 -5.41
CA ILE C 266 -9.60 34.46 -3.96
C ILE C 266 -10.58 33.44 -3.38
N GLN C 267 -11.71 33.23 -4.05
CA GLN C 267 -12.65 32.23 -3.60
C GLN C 267 -11.96 30.87 -3.68
N GLU C 268 -11.47 30.48 -4.86
CA GLU C 268 -10.76 29.21 -4.94
C GLU C 268 -9.81 29.06 -3.74
N ARG C 269 -9.00 30.08 -3.48
CA ARG C 269 -8.03 30.02 -2.38
C ARG C 269 -8.67 29.80 -0.99
N ARG C 270 -9.81 30.44 -0.71
CA ARG C 270 -10.48 30.21 0.58
C ARG C 270 -10.89 28.74 0.66
N ASP C 271 -11.54 28.26 -0.40
CA ASP C 271 -11.97 26.86 -0.46
C ASP C 271 -10.84 25.95 -0.03
N VAL C 272 -9.68 26.08 -0.66
CA VAL C 272 -8.52 25.26 -0.31
C VAL C 272 -8.02 25.64 1.09
N GLN C 286 -7.27 8.01 8.91
CA GLN C 286 -6.69 6.75 9.35
C GLN C 286 -7.62 5.56 9.17
N GLU C 287 -7.03 4.40 8.91
CA GLU C 287 -7.77 3.16 8.91
C GLU C 287 -8.22 2.81 10.35
N SER C 288 -7.45 3.19 11.36
CA SER C 288 -7.80 2.93 12.75
C SER C 288 -9.16 3.53 13.11
N LEU C 289 -9.32 4.84 12.88
CA LEU C 289 -10.57 5.58 13.17
C LEU C 289 -11.76 5.15 12.29
N LEU C 290 -11.47 4.77 11.05
CA LEU C 290 -12.42 4.02 10.23
C LEU C 290 -12.75 2.67 10.90
N GLY C 291 -11.73 1.96 11.40
CA GLY C 291 -11.93 0.64 12.01
C GLY C 291 -12.62 0.60 13.37
N ASP C 292 -12.75 1.76 14.02
CA ASP C 292 -13.31 1.84 15.39
C ASP C 292 -14.71 2.44 15.44
N ASN C 293 -15.70 1.63 15.83
CA ASN C 293 -17.09 2.07 15.81
C ASN C 293 -17.43 3.07 16.92
N ARG C 294 -16.47 3.32 17.82
CA ARG C 294 -16.62 4.39 18.81
C ARG C 294 -16.44 5.74 18.13
N VAL C 295 -15.59 5.76 17.11
CA VAL C 295 -15.21 6.99 16.49
C VAL C 295 -16.14 7.34 15.37
N HIS C 296 -16.56 8.60 15.37
CA HIS C 296 -17.41 9.12 14.33
C HIS C 296 -17.14 10.60 14.18
N HIS C 297 -17.67 11.15 13.09
CA HIS C 297 -17.40 12.51 12.70
C HIS C 297 -18.64 13.34 12.86
N LEU C 298 -18.48 14.55 13.40
CA LEU C 298 -19.56 15.54 13.41
C LEU C 298 -19.00 16.80 12.85
N GLN C 299 -19.44 17.19 11.66
CA GLN C 299 -18.85 18.38 11.08
C GLN C 299 -19.58 19.64 11.49
N GLY C 300 -18.84 20.74 11.53
CA GLY C 300 -19.31 22.03 12.03
C GLY C 300 -18.28 22.68 12.94
N ARG C 301 -17.80 23.86 12.56
CA ARG C 301 -16.94 24.64 13.47
C ARG C 301 -17.75 25.11 14.67
N VAL C 302 -17.08 25.20 15.81
CA VAL C 302 -17.74 25.42 17.07
C VAL C 302 -18.12 26.90 17.24
N THR C 303 -19.37 27.14 17.65
CA THR C 303 -19.85 28.50 17.92
C THR C 303 -19.84 28.81 19.41
N ARG C 304 -20.08 27.80 20.25
CA ARG C 304 -19.93 27.98 21.68
C ARG C 304 -19.68 26.68 22.46
N ILE C 305 -18.92 26.81 23.55
CA ILE C 305 -18.67 25.74 24.51
C ILE C 305 -19.00 26.27 25.91
N VAL C 306 -19.80 25.53 26.65
CA VAL C 306 -20.27 25.95 27.96
C VAL C 306 -20.47 24.72 28.85
N GLY C 307 -20.27 24.87 30.14
CA GLY C 307 -20.54 23.79 31.09
C GLY C 307 -22.02 23.47 31.14
N GLN C 308 -22.34 22.18 31.16
CA GLN C 308 -23.71 21.73 31.40
C GLN C 308 -23.68 20.67 32.50
N GLY C 309 -23.74 21.17 33.74
CA GLY C 309 -23.53 20.36 34.94
C GLY C 309 -22.33 19.47 34.74
N ASP C 310 -22.51 18.18 34.98
CA ASP C 310 -21.50 17.21 34.60
C ASP C 310 -21.61 17.02 33.09
N GLY C 311 -20.94 17.90 32.36
CA GLY C 311 -20.96 17.86 30.90
C GLY C 311 -20.60 19.17 30.24
N VAL C 312 -20.15 19.09 29.00
CA VAL C 312 -19.82 20.26 28.20
C VAL C 312 -20.72 20.27 26.96
N ALA C 313 -21.51 21.32 26.82
CA ALA C 313 -22.37 21.50 25.66
C ALA C 313 -21.56 22.24 24.63
N VAL C 314 -21.41 21.64 23.45
CA VAL C 314 -20.69 22.29 22.38
C VAL C 314 -21.64 22.50 21.24
N THR C 315 -21.77 23.76 20.84
CA THR C 315 -22.65 24.11 19.76
C THR C 315 -21.88 23.96 18.44
N LEU C 316 -22.47 23.19 17.52
CA LEU C 316 -21.97 23.07 16.16
C LEU C 316 -22.91 23.82 15.24
N ARG C 317 -22.34 24.60 14.32
CA ARG C 317 -23.14 25.31 13.32
C ARG C 317 -22.88 24.76 11.94
N ASN C 318 -23.96 24.66 11.14
CA ASN C 318 -23.87 24.41 9.71
C ASN C 318 -25.09 24.94 8.97
N ASP C 323 -28.45 23.70 13.54
CA ASP C 323 -27.71 23.97 14.76
C ASP C 323 -27.98 22.95 15.85
N GLN C 324 -26.92 22.29 16.30
CA GLN C 324 -27.02 21.17 17.24
C GLN C 324 -26.17 21.40 18.49
N VAL C 325 -26.80 21.21 19.64
CA VAL C 325 -26.08 21.05 20.90
C VAL C 325 -25.64 19.56 20.98
N HIS C 326 -24.35 19.35 21.23
CA HIS C 326 -23.81 18.03 21.55
C HIS C 326 -23.17 18.11 22.91
N ASN C 327 -23.52 17.14 23.75
CA ASN C 327 -22.98 17.10 25.09
C ASN C 327 -21.91 16.08 25.17
N PHE C 328 -20.90 16.40 25.97
CA PHE C 328 -19.74 15.54 26.15
C PHE C 328 -19.27 15.63 27.58
N ASP C 329 -18.70 14.54 28.07
CA ASP C 329 -18.05 14.53 29.38
C ASP C 329 -16.72 15.24 29.23
N LEU C 330 -16.15 15.09 28.05
CA LEU C 330 -14.75 15.43 27.83
C LEU C 330 -14.53 15.96 26.42
N VAL C 331 -13.87 17.10 26.32
CA VAL C 331 -13.57 17.74 25.06
C VAL C 331 -12.12 18.13 25.03
N VAL C 332 -11.47 17.90 23.90
CA VAL C 332 -10.04 18.09 23.77
C VAL C 332 -9.78 19.16 22.73
N ASP C 333 -9.07 20.23 23.06
CA ASP C 333 -8.71 21.20 22.02
C ASP C 333 -7.51 20.76 21.19
N ALA C 334 -7.78 20.10 20.08
CA ALA C 334 -6.70 19.61 19.23
C ALA C 334 -6.57 20.48 17.97
N THR C 335 -6.95 21.73 18.13
CA THR C 335 -7.03 22.65 17.01
C THR C 335 -5.66 23.01 16.42
N GLY C 336 -4.61 22.90 17.20
CA GLY C 336 -3.31 23.34 16.74
C GLY C 336 -3.14 24.79 17.12
N GLY C 337 -4.02 25.34 17.93
CA GLY C 337 -3.80 26.67 18.49
C GLY C 337 -4.56 27.84 17.91
N GLN C 338 -4.51 28.95 18.63
CA GLN C 338 -5.17 30.20 18.24
C GLN C 338 -4.19 31.12 17.50
N PRO C 339 -4.43 31.37 16.21
CA PRO C 339 -3.47 32.15 15.43
C PRO C 339 -3.20 33.56 15.90
N LEU C 340 -4.17 34.17 16.57
CA LEU C 340 -4.05 35.54 17.02
C LEU C 340 -3.37 35.65 18.38
N TRP C 341 -2.97 34.50 18.95
CA TRP C 341 -2.31 34.42 20.26
C TRP C 341 -1.26 35.45 20.45
N PHE C 342 -0.56 35.77 19.38
CA PHE C 342 0.59 36.64 19.43
C PHE C 342 0.21 38.09 19.71
N LEU C 343 -1.01 38.47 19.40
CA LEU C 343 -1.43 39.81 19.76
C LEU C 343 -1.35 40.01 21.25
N ASP C 344 -1.60 38.97 22.04
CA ASP C 344 -1.40 39.04 23.51
C ASP C 344 -0.06 39.67 23.93
N LEU C 345 0.99 39.45 23.13
CA LEU C 345 2.32 39.95 23.43
C LEU C 345 2.54 41.41 23.05
N PHE C 346 1.68 41.98 22.22
CA PHE C 346 1.86 43.35 21.80
C PHE C 346 1.39 44.26 22.93
N ASP C 347 1.80 45.53 22.88
CA ASP C 347 1.28 46.51 23.83
C ASP C 347 0.35 47.47 23.10
N SER C 348 -0.44 48.22 23.88
CA SER C 348 -1.45 49.11 23.32
C SER C 348 -0.88 49.97 22.19
N GLU C 349 0.15 50.72 22.50
CA GLU C 349 0.71 51.62 21.50
C GLU C 349 0.90 50.89 20.15
N SER C 350 1.55 49.73 20.14
CA SER C 350 1.80 48.98 18.88
C SER C 350 0.59 48.17 18.43
N ALA C 351 -0.08 47.49 19.36
CA ALA C 351 -1.34 46.81 19.03
C ALA C 351 -2.28 47.72 18.22
N ASP C 352 -2.25 49.00 18.54
CA ASP C 352 -3.12 49.97 17.90
C ASP C 352 -2.44 50.60 16.68
N LEU C 353 -1.11 50.75 16.73
CA LEU C 353 -0.34 51.18 15.56
C LEU C 353 -0.47 50.16 14.41
N LEU C 354 -0.75 48.90 14.78
CA LEU C 354 -1.04 47.81 13.86
C LEU C 354 -2.47 47.88 13.33
N GLU C 355 -3.40 48.20 14.23
CA GLU C 355 -4.80 48.42 13.83
C GLU C 355 -4.85 49.41 12.67
N LEU C 356 -3.95 50.38 12.68
CA LEU C 356 -3.90 51.39 11.62
C LEU C 356 -3.40 50.92 10.26
N ALA C 357 -2.37 50.09 10.25
CA ALA C 357 -1.82 49.59 8.98
C ALA C 357 -2.78 48.57 8.38
N VAL C 358 -3.52 47.89 9.25
CA VAL C 358 -4.35 46.77 8.85
C VAL C 358 -5.69 47.22 8.24
N GLY C 359 -6.09 48.45 8.57
CA GLY C 359 -7.31 49.06 8.02
C GLY C 359 -8.48 49.02 8.97
N GLY C 360 -8.27 48.48 10.16
CA GLY C 360 -9.37 48.28 11.09
C GLY C 360 -8.96 47.42 12.26
N PRO C 361 -9.96 46.90 13.02
CA PRO C 361 -9.73 46.08 14.22
C PRO C 361 -9.05 44.76 13.88
N LEU C 362 -8.44 44.13 14.88
CA LEU C 362 -7.45 43.09 14.61
C LEU C 362 -8.05 41.72 14.47
N THR C 363 -8.75 41.52 13.36
CA THR C 363 -9.31 40.22 13.07
C THR C 363 -8.40 39.43 12.16
N GLN C 364 -8.61 38.13 12.16
CA GLN C 364 -7.76 37.27 11.37
C GLN C 364 -7.93 37.69 9.93
N GLN C 365 -9.16 37.80 9.51
CA GLN C 365 -9.48 38.34 8.20
C GLN C 365 -8.58 39.53 7.88
N ARG C 366 -8.59 40.54 8.74
CA ARG C 366 -7.94 41.78 8.41
C ARG C 366 -6.43 41.59 8.41
N ILE C 367 -5.91 40.85 9.38
CA ILE C 367 -4.47 40.59 9.47
C ILE C 367 -3.93 39.74 8.31
N GLU C 368 -4.66 38.68 7.91
CA GLU C 368 -4.39 37.89 6.68
C GLU C 368 -4.28 38.73 5.40
N SER C 369 -5.14 39.71 5.31
CA SER C 369 -5.26 40.49 4.09
C SER C 369 -4.12 41.44 3.92
N SER C 370 -3.49 41.78 5.02
CA SER C 370 -2.42 42.74 5.01
C SER C 370 -1.05 42.12 4.71
N ILE C 371 -0.98 40.79 4.56
CA ILE C 371 0.33 40.13 4.40
C ILE C 371 0.83 40.26 2.97
N GLY C 372 1.92 40.99 2.84
CA GLY C 372 2.57 41.21 1.56
C GLY C 372 3.48 40.10 1.11
N TYR C 373 4.19 40.36 0.02
CA TYR C 373 5.01 39.36 -0.61
C TYR C 373 6.09 38.84 0.33
N ASP C 374 6.68 39.73 1.11
CA ASP C 374 7.76 39.33 2.01
C ASP C 374 7.25 38.72 3.31
N LEU C 375 5.97 38.38 3.34
CA LEU C 375 5.26 37.87 4.52
C LEU C 375 5.16 38.90 5.64
N ALA C 376 5.51 40.14 5.35
CA ALA C 376 5.38 41.20 6.33
C ALA C 376 4.12 41.95 6.07
N VAL C 377 3.55 42.50 7.14
CA VAL C 377 2.34 43.28 7.09
C VAL C 377 2.60 44.53 6.28
N THR C 378 1.78 44.77 5.25
CA THR C 378 1.98 45.95 4.43
C THR C 378 1.46 47.19 5.15
N GLY C 379 2.18 48.27 5.03
CA GLY C 379 1.73 49.52 5.62
C GLY C 379 2.18 49.73 7.05
N LEU C 380 2.88 48.76 7.66
CA LEU C 380 3.32 48.96 9.02
C LEU C 380 4.67 49.68 9.02
N GLY C 381 4.94 50.45 10.07
CA GLY C 381 6.14 51.28 10.14
C GLY C 381 7.40 50.46 10.12
N ALA C 382 7.36 49.30 10.77
CA ALA C 382 8.49 48.38 10.83
C ALA C 382 8.04 47.00 10.35
N LYS C 383 8.97 46.22 9.81
CA LYS C 383 8.63 44.89 9.27
C LYS C 383 8.31 43.93 10.41
N LEU C 384 7.08 43.41 10.37
CA LEU C 384 6.58 42.38 11.27
C LEU C 384 6.21 41.23 10.38
N TYR C 385 6.92 40.12 10.51
CA TYR C 385 6.79 39.00 9.59
C TYR C 385 5.87 38.00 10.25
N LEU C 386 4.79 37.64 9.54
CA LEU C 386 3.71 36.85 10.10
C LEU C 386 3.37 35.71 9.19
N PRO C 387 4.30 34.74 9.02
CA PRO C 387 4.15 33.67 8.01
C PRO C 387 3.01 32.76 8.33
N ASN C 388 2.71 32.66 9.60
CA ASN C 388 1.58 31.84 10.04
C ASN C 388 0.26 32.36 9.67
N MET C 389 0.22 33.61 9.23
CA MET C 389 -0.98 34.32 8.78
C MET C 389 -1.07 34.48 7.26
N ALA C 390 -0.19 33.81 6.53
CA ALA C 390 0.07 34.15 5.13
C ALA C 390 -0.57 33.21 4.17
N ALA C 391 -1.40 32.30 4.65
CA ALA C 391 -1.88 31.29 3.71
C ALA C 391 -2.72 31.93 2.57
N LEU C 392 -3.71 32.76 2.91
CA LEU C 392 -4.62 33.22 1.89
C LEU C 392 -3.92 34.15 0.92
N ALA C 393 -3.25 35.14 1.45
CA ALA C 393 -2.69 36.14 0.56
C ALA C 393 -1.46 35.63 -0.23
N GLN C 394 -0.66 34.72 0.36
CA GLN C 394 0.65 34.37 -0.20
C GLN C 394 0.89 32.91 -0.61
N GLY C 395 0.36 31.96 0.15
CA GLY C 395 0.57 30.55 -0.14
C GLY C 395 0.35 29.75 1.14
N PRO C 396 -0.46 28.69 1.04
CA PRO C 396 -0.93 27.91 2.19
C PRO C 396 0.13 27.01 2.79
N GLY C 397 1.29 26.92 2.15
CA GLY C 397 2.50 26.35 2.77
C GLY C 397 3.23 27.16 3.81
N PHE C 398 3.17 28.48 3.72
CA PHE C 398 3.94 29.36 4.58
C PHE C 398 3.76 29.15 6.08
N PRO C 399 2.55 28.80 6.53
CA PRO C 399 2.36 28.49 7.96
C PRO C 399 2.98 27.18 8.43
N ASN C 400 3.36 26.33 7.52
CA ASN C 400 3.78 25.01 7.92
C ASN C 400 5.18 24.61 7.43
N LEU C 401 5.40 23.33 7.22
CA LEU C 401 6.69 22.80 6.82
C LEU C 401 6.85 22.63 5.32
N SER C 402 5.83 23.03 4.58
CA SER C 402 5.78 22.76 3.15
C SER C 402 6.73 23.55 2.27
N CYS C 403 7.12 24.75 2.64
CA CYS C 403 8.06 25.52 1.81
C CYS C 403 8.90 26.48 2.63
N LEU C 404 9.54 25.94 3.64
CA LEU C 404 10.38 26.78 4.48
C LEU C 404 11.45 27.56 3.66
N GLY C 405 12.03 26.97 2.63
CA GLY C 405 13.01 27.72 1.81
C GLY C 405 12.41 28.91 1.07
N GLU C 406 11.14 28.78 0.73
CA GLU C 406 10.40 29.82 0.08
C GLU C 406 10.03 30.89 1.09
N LEU C 407 9.65 30.47 2.29
CA LEU C 407 9.45 31.40 3.40
C LEU C 407 10.69 32.24 3.72
N SER C 408 11.86 31.62 3.82
CA SER C 408 13.11 32.40 4.08
C SER C 408 13.47 33.34 2.93
N ASP C 409 13.18 32.94 1.68
CA ASP C 409 13.32 33.82 0.51
C ASP C 409 12.46 35.05 0.63
N ARG C 410 11.23 34.85 1.06
CA ARG C 410 10.33 35.94 1.13
C ARG C 410 10.80 36.92 2.22
N VAL C 411 11.24 36.42 3.38
CA VAL C 411 11.55 37.34 4.47
C VAL C 411 12.88 37.96 4.33
N LEU C 412 13.71 37.45 3.42
CA LEU C 412 15.06 38.00 3.23
C LEU C 412 15.29 38.69 1.89
N ARG C 413 14.21 39.14 1.27
CA ARG C 413 14.26 39.91 0.01
C ARG C 413 14.19 38.95 -1.18
N GLU D 2 -16.59 -42.93 20.04
CA GLU D 2 -17.88 -42.17 20.09
C GLU D 2 -17.99 -41.04 21.14
N THR D 3 -16.91 -40.70 21.83
CA THR D 3 -16.96 -39.60 22.81
C THR D 3 -15.57 -38.98 22.99
N LEU D 4 -15.48 -37.67 22.73
CA LEU D 4 -14.21 -36.95 22.73
C LEU D 4 -14.24 -35.72 23.66
N LEU D 5 -13.38 -35.75 24.68
CA LEU D 5 -13.31 -34.69 25.68
C LEU D 5 -12.24 -33.69 25.36
N VAL D 6 -12.56 -32.45 25.61
CA VAL D 6 -11.71 -31.35 25.26
C VAL D 6 -11.52 -30.49 26.47
N VAL D 7 -10.26 -30.23 26.80
CA VAL D 7 -9.96 -29.31 27.87
C VAL D 7 -9.89 -27.94 27.26
N GLY D 8 -10.80 -27.07 27.70
CA GLY D 8 -10.93 -25.71 27.19
C GLY D 8 -11.97 -25.64 26.09
N ALA D 9 -12.76 -24.57 26.09
CA ALA D 9 -13.72 -24.29 25.00
C ALA D 9 -13.21 -23.07 24.24
N GLY D 10 -12.13 -23.29 23.50
CA GLY D 10 -11.60 -22.27 22.62
C GLY D 10 -11.82 -22.57 21.15
N PRO D 11 -11.00 -21.94 20.31
CA PRO D 11 -11.08 -22.12 18.86
C PRO D 11 -10.97 -23.58 18.42
N LYS D 12 -10.06 -24.30 19.04
CA LYS D 12 -9.81 -25.69 18.66
C LYS D 12 -10.98 -26.55 19.08
N ALA D 13 -11.37 -26.43 20.34
CA ALA D 13 -12.56 -27.13 20.83
C ALA D 13 -13.75 -26.94 19.87
N LEU D 14 -14.01 -25.68 19.53
CA LEU D 14 -15.12 -25.35 18.69
C LEU D 14 -14.86 -25.87 17.29
N ALA D 15 -13.61 -25.79 16.86
CA ALA D 15 -13.25 -26.30 15.54
C ALA D 15 -13.57 -27.78 15.40
N VAL D 16 -13.27 -28.53 16.45
CA VAL D 16 -13.52 -29.96 16.42
C VAL D 16 -15.02 -30.25 16.55
N ALA D 17 -15.64 -29.57 17.51
CA ALA D 17 -17.06 -29.75 17.74
C ALA D 17 -17.89 -29.48 16.47
N ALA D 18 -17.61 -28.35 15.83
CA ALA D 18 -18.40 -27.91 14.72
C ALA D 18 -18.31 -28.93 13.61
N LYS D 19 -17.10 -29.38 13.31
CA LYS D 19 -16.88 -30.36 12.23
C LYS D 19 -17.59 -31.66 12.51
N SER D 20 -17.64 -32.00 13.79
CA SER D 20 -18.36 -33.19 14.24
C SER D 20 -19.87 -33.03 14.02
N HIS D 21 -20.38 -31.85 14.37
CA HIS D 21 -21.80 -31.52 14.18
C HIS D 21 -22.27 -31.72 12.74
N VAL D 22 -21.45 -31.32 11.76
CA VAL D 22 -21.82 -31.45 10.34
C VAL D 22 -21.73 -32.90 9.86
N LEU D 23 -20.62 -33.55 10.19
CA LEU D 23 -20.37 -34.93 9.79
C LEU D 23 -21.58 -35.80 10.14
N ARG D 24 -21.90 -35.88 11.43
CA ARG D 24 -23.00 -36.75 11.87
C ARG D 24 -24.32 -36.32 11.26
N GLN D 25 -24.49 -35.02 11.10
CA GLN D 25 -25.72 -34.49 10.53
C GLN D 25 -25.79 -34.69 9.01
N LEU D 26 -24.75 -35.29 8.43
CA LEU D 26 -24.68 -35.57 7.01
C LEU D 26 -24.68 -37.08 6.74
N GLY D 27 -25.22 -37.85 7.68
CA GLY D 27 -25.18 -39.31 7.62
C GLY D 27 -23.86 -39.96 8.01
N LEU D 28 -22.82 -39.17 8.30
CA LEU D 28 -21.48 -39.72 8.55
C LEU D 28 -21.25 -39.89 10.05
N SER D 29 -20.24 -40.66 10.41
CA SER D 29 -19.98 -40.86 11.83
C SER D 29 -18.91 -39.90 12.31
N ALA D 30 -19.01 -39.56 13.59
CA ALA D 30 -18.11 -38.62 14.24
C ALA D 30 -18.29 -38.70 15.75
N PRO D 31 -17.21 -38.50 16.52
CA PRO D 31 -17.31 -38.45 17.97
C PRO D 31 -18.37 -37.50 18.45
N ARG D 32 -19.07 -37.85 19.52
CA ARG D 32 -19.80 -36.87 20.29
C ARG D 32 -18.71 -36.00 20.92
N VAL D 33 -18.88 -34.68 20.93
CA VAL D 33 -17.81 -33.78 21.34
C VAL D 33 -18.23 -32.97 22.56
N ILE D 34 -17.41 -33.06 23.61
CA ILE D 34 -17.68 -32.40 24.89
C ILE D 34 -16.48 -31.60 25.37
N ALA D 35 -16.69 -30.31 25.58
CA ALA D 35 -15.65 -29.46 26.11
C ALA D 35 -15.93 -29.14 27.54
N VAL D 36 -14.90 -29.27 28.37
CA VAL D 36 -14.90 -28.83 29.74
C VAL D 36 -14.14 -27.51 29.79
N GLU D 37 -14.73 -26.54 30.49
CA GLU D 37 -14.30 -25.16 30.37
C GLU D 37 -14.46 -24.42 31.69
N ALA D 38 -13.31 -24.02 32.25
CA ALA D 38 -13.23 -23.46 33.61
C ALA D 38 -13.95 -22.12 33.75
N HIS D 39 -14.04 -21.38 32.65
CA HIS D 39 -14.32 -19.95 32.66
C HIS D 39 -15.52 -19.60 31.74
N ALA D 40 -15.33 -19.66 30.43
CA ALA D 40 -16.46 -19.45 29.52
C ALA D 40 -16.00 -19.83 28.13
N VAL D 41 -16.94 -20.13 27.25
CA VAL D 41 -16.57 -20.30 25.84
C VAL D 41 -15.82 -19.06 25.41
N GLY D 42 -14.74 -19.25 24.70
CA GLY D 42 -13.89 -18.09 24.32
C GLY D 42 -13.17 -17.37 25.46
N GLY D 43 -13.05 -18.01 26.62
CA GLY D 43 -12.46 -17.41 27.85
C GLY D 43 -11.11 -16.70 27.75
N ASN D 44 -10.17 -17.28 27.01
CA ASN D 44 -8.81 -16.72 26.89
C ASN D 44 -8.72 -15.51 25.99
N TRP D 45 -9.84 -15.12 25.40
CA TRP D 45 -9.86 -13.94 24.58
C TRP D 45 -10.54 -12.77 25.28
N LEU D 46 -10.96 -13.00 26.52
CA LEU D 46 -11.65 -12.01 27.33
C LEU D 46 -10.68 -11.40 28.33
N ALA D 47 -10.98 -10.17 28.77
CA ALA D 47 -10.22 -9.49 29.81
C ALA D 47 -9.97 -10.39 31.04
N SER D 48 -11.03 -11.00 31.52
CA SER D 48 -11.00 -11.83 32.73
C SER D 48 -10.26 -13.14 32.49
N GLY D 49 -9.84 -13.40 31.27
CA GLY D 49 -8.99 -14.54 30.96
C GLY D 49 -7.52 -14.32 31.30
N GLY D 50 -7.08 -13.05 31.40
CA GLY D 50 -5.73 -12.69 31.84
C GLY D 50 -4.60 -12.62 30.81
N TRP D 51 -4.83 -13.21 29.63
CA TRP D 51 -3.86 -13.23 28.52
C TRP D 51 -3.88 -11.97 27.69
N THR D 52 -4.94 -11.20 27.84
CA THR D 52 -5.08 -9.96 27.09
C THR D 52 -6.04 -9.05 27.82
N ASP D 53 -6.03 -7.77 27.48
CA ASP D 53 -7.05 -6.85 28.01
C ASP D 53 -8.40 -7.07 27.28
N GLY D 54 -8.38 -7.73 26.12
CA GLY D 54 -9.58 -7.90 25.30
C GLY D 54 -9.71 -6.83 24.20
N ARG D 55 -8.83 -5.83 24.26
CA ARG D 55 -8.92 -4.63 23.44
C ARG D 55 -8.00 -4.71 22.24
N HIS D 56 -6.85 -5.39 22.37
CA HIS D 56 -5.92 -5.55 21.24
C HIS D 56 -6.52 -6.46 20.18
N ARG D 57 -5.97 -6.34 18.97
CA ARG D 57 -6.57 -6.95 17.81
C ARG D 57 -5.90 -8.26 17.43
N LEU D 58 -6.75 -9.20 17.01
CA LEU D 58 -6.33 -10.44 16.41
C LEU D 58 -5.28 -10.08 15.40
N GLY D 59 -4.26 -10.90 15.37
CA GLY D 59 -3.04 -10.64 14.63
C GLY D 59 -3.00 -11.46 13.37
N THR D 60 -3.89 -12.42 13.22
CA THR D 60 -4.13 -13.00 11.89
C THR D 60 -5.50 -12.59 11.32
N SER D 61 -5.73 -12.88 10.05
CA SER D 61 -7.00 -12.52 9.45
C SER D 61 -8.15 -13.35 9.98
N PRO D 62 -9.25 -12.70 10.38
CA PRO D 62 -10.35 -13.36 11.04
C PRO D 62 -11.03 -14.38 10.16
N GLU D 63 -10.90 -14.23 8.86
CA GLU D 63 -11.27 -15.32 7.97
C GLU D 63 -10.60 -16.61 8.46
N LYS D 64 -9.40 -16.54 9.00
CA LYS D 64 -8.77 -17.77 9.53
C LYS D 64 -9.50 -18.14 10.79
N ASP D 65 -10.56 -18.91 10.59
CA ASP D 65 -11.54 -19.16 11.61
C ASP D 65 -11.76 -20.68 11.79
N ILE D 66 -12.85 -21.02 12.45
CA ILE D 66 -13.16 -22.37 12.92
C ILE D 66 -13.17 -23.44 11.85
N GLY D 67 -13.50 -23.03 10.62
CA GLY D 67 -13.58 -23.91 9.45
C GLY D 67 -12.50 -23.69 8.40
N PHE D 68 -11.65 -22.71 8.60
CA PHE D 68 -10.65 -22.34 7.61
C PHE D 68 -9.59 -23.45 7.46
N PRO D 69 -9.18 -23.77 6.23
CA PRO D 69 -9.57 -23.03 5.02
C PRO D 69 -10.66 -23.72 4.18
N TYR D 70 -11.58 -24.45 4.81
CA TYR D 70 -12.71 -25.06 4.12
C TYR D 70 -12.28 -25.85 2.88
N HIS D 71 -11.25 -26.68 3.05
CA HIS D 71 -10.64 -27.44 1.96
C HIS D 71 -9.66 -28.53 2.47
N SER D 72 -9.62 -29.67 1.78
CA SER D 72 -8.62 -30.66 2.06
C SER D 72 -7.93 -31.13 0.80
N THR D 73 -6.61 -31.18 0.84
CA THR D 73 -5.80 -31.76 -0.23
C THR D 73 -6.01 -33.30 -0.30
N TRP D 74 -6.44 -33.89 0.80
CA TRP D 74 -6.37 -35.36 0.94
C TRP D 74 -7.69 -36.06 1.34
N ALA D 75 -8.73 -35.31 1.71
CA ALA D 75 -9.87 -35.94 2.39
C ALA D 75 -10.71 -36.85 1.48
N ARG D 76 -11.68 -37.53 2.08
CA ARG D 76 -12.43 -38.59 1.41
C ARG D 76 -13.91 -38.45 1.65
N GLY D 77 -14.70 -38.72 0.61
CA GLY D 77 -16.16 -38.71 0.70
C GLY D 77 -16.82 -37.40 0.28
N HIS D 78 -17.44 -36.72 1.26
CA HIS D 78 -18.41 -35.65 1.00
C HIS D 78 -17.79 -34.25 1.14
N ASN D 79 -16.67 -34.01 0.48
CA ASN D 79 -15.94 -32.78 0.72
C ASN D 79 -16.71 -31.50 0.38
N ARG D 80 -17.39 -31.47 -0.76
CA ARG D 80 -18.13 -30.28 -1.17
C ARG D 80 -19.12 -29.87 -0.07
N GLU D 81 -19.88 -30.85 0.40
CA GLU D 81 -21.02 -30.55 1.27
C GLU D 81 -20.57 -30.22 2.69
N ILE D 82 -19.50 -30.84 3.18
CA ILE D 82 -19.01 -30.51 4.51
C ILE D 82 -18.54 -29.07 4.55
N ASN D 83 -17.69 -28.68 3.59
CA ASN D 83 -17.23 -27.29 3.44
C ASN D 83 -18.40 -26.31 3.51
N GLU D 84 -19.41 -26.63 2.70
CA GLU D 84 -20.54 -25.76 2.55
C GLU D 84 -21.22 -25.66 3.89
N ALA D 85 -21.69 -26.78 4.42
CA ALA D 85 -22.21 -26.80 5.79
C ALA D 85 -21.39 -25.92 6.75
N MET D 86 -20.07 -26.10 6.71
CA MET D 86 -19.16 -25.48 7.70
C MET D 86 -19.13 -23.97 7.60
N MET D 87 -19.25 -23.44 6.39
CA MET D 87 -19.18 -21.98 6.19
C MET D 87 -20.29 -21.24 6.94
N ALA D 88 -21.33 -22.00 7.31
CA ALA D 88 -22.34 -21.54 8.24
C ALA D 88 -21.76 -21.07 9.55
N PHE D 89 -20.63 -21.62 9.99
CA PHE D 89 -20.08 -21.21 11.29
C PHE D 89 -18.89 -20.25 11.16
N SER D 90 -18.66 -19.75 9.95
CA SER D 90 -17.54 -18.85 9.65
C SER D 90 -17.66 -17.45 10.27
N TRP D 91 -16.55 -16.72 10.18
CA TRP D 91 -16.48 -15.32 10.62
C TRP D 91 -17.46 -14.51 9.84
N THR D 92 -17.44 -14.68 8.51
CA THR D 92 -18.35 -13.93 7.65
C THR D 92 -19.82 -14.31 7.95
N SER D 93 -20.09 -15.60 8.09
CA SER D 93 -21.40 -16.03 8.56
C SER D 93 -21.78 -15.39 9.89
N PHE D 94 -20.83 -15.24 10.80
CA PHE D 94 -21.11 -14.57 12.06
C PHE D 94 -21.54 -13.13 11.82
N LEU D 95 -20.77 -12.40 11.02
CA LEU D 95 -21.05 -10.98 10.83
C LEU D 95 -22.42 -10.79 10.23
N VAL D 96 -22.77 -11.70 9.33
CA VAL D 96 -24.04 -11.61 8.60
C VAL D 96 -25.27 -11.95 9.45
N GLU D 97 -25.19 -12.93 10.36
CA GLU D 97 -26.22 -13.12 11.40
C GLU D 97 -26.39 -11.88 12.23
N HIS D 98 -25.29 -11.25 12.62
CA HIS D 98 -25.41 -10.02 13.38
C HIS D 98 -25.64 -8.74 12.55
N GLY D 99 -25.65 -8.85 11.24
CA GLY D 99 -25.98 -7.70 10.35
C GLY D 99 -24.97 -6.59 10.39
N THR D 100 -23.71 -6.98 10.54
CA THR D 100 -22.61 -6.05 10.70
C THR D 100 -21.54 -6.32 9.64
N TYR D 101 -21.84 -7.25 8.72
CA TYR D 101 -20.94 -7.60 7.63
C TYR D 101 -20.59 -6.45 6.72
N ALA D 102 -21.58 -5.59 6.43
CA ALA D 102 -21.33 -4.38 5.64
C ALA D 102 -20.49 -3.42 6.43
N GLU D 103 -20.85 -3.22 7.69
CA GLU D 103 -20.00 -2.36 8.51
C GLU D 103 -18.53 -2.84 8.47
N TRP D 104 -18.30 -4.15 8.65
CA TRP D 104 -16.94 -4.74 8.60
C TRP D 104 -16.23 -4.39 7.30
N ILE D 105 -16.89 -4.68 6.19
CA ILE D 105 -16.33 -4.37 4.87
C ILE D 105 -16.11 -2.90 4.72
N ASP D 106 -17.09 -2.10 5.11
CA ASP D 106 -17.01 -0.66 4.92
C ASP D 106 -15.96 -0.01 5.80
N ARG D 107 -15.60 -0.62 6.92
CA ARG D 107 -14.60 -0.05 7.79
C ARG D 107 -13.16 -0.41 7.38
N GLY D 108 -13.05 -1.28 6.37
CA GLY D 108 -11.79 -1.66 5.82
C GLY D 108 -11.37 -3.02 6.35
N ARG D 109 -12.34 -3.83 6.77
CA ARG D 109 -12.11 -5.17 7.31
C ARG D 109 -11.26 -5.16 8.54
N PRO D 110 -11.55 -4.29 9.52
CA PRO D 110 -10.59 -4.28 10.65
C PRO D 110 -10.47 -5.62 11.33
N SER D 111 -9.25 -5.96 11.74
CA SER D 111 -9.01 -7.15 12.55
C SER D 111 -9.73 -6.98 13.90
N PRO D 112 -10.48 -7.99 14.33
CA PRO D 112 -11.32 -7.83 15.50
C PRO D 112 -10.56 -7.84 16.84
N GLN D 113 -11.16 -7.17 17.81
CA GLN D 113 -10.63 -7.18 19.16
C GLN D 113 -10.74 -8.59 19.68
N HIS D 114 -9.91 -8.89 20.66
CA HIS D 114 -9.85 -10.22 21.20
C HIS D 114 -11.26 -10.52 21.76
N HIS D 115 -11.84 -9.56 22.48
CA HIS D 115 -13.17 -9.75 23.07
C HIS D 115 -14.28 -10.03 22.03
N VAL D 116 -14.17 -9.52 20.81
CA VAL D 116 -15.18 -9.82 19.78
C VAL D 116 -14.90 -11.20 19.16
N TRP D 117 -13.62 -11.50 18.93
CA TRP D 117 -13.28 -12.85 18.54
C TRP D 117 -13.95 -13.86 19.51
N ALA D 118 -14.06 -13.47 20.78
CA ALA D 118 -14.77 -14.27 21.79
C ALA D 118 -16.25 -14.44 21.45
N LYS D 119 -16.92 -13.31 21.25
CA LYS D 119 -18.32 -13.31 20.80
C LYS D 119 -18.52 -14.30 19.65
N TYR D 120 -17.54 -14.34 18.75
CA TYR D 120 -17.54 -15.27 17.64
C TYR D 120 -17.62 -16.74 18.14
N LEU D 121 -16.66 -17.07 18.99
CA LEU D 121 -16.55 -18.39 19.54
C LEU D 121 -17.84 -18.73 20.25
N GLN D 122 -18.26 -17.90 21.18
CA GLN D 122 -19.54 -18.11 21.85
C GLN D 122 -20.72 -18.33 20.88
N TRP D 123 -20.76 -17.52 19.81
CA TRP D 123 -21.78 -17.67 18.80
C TRP D 123 -21.74 -19.06 18.11
N VAL D 124 -20.58 -19.47 17.66
CA VAL D 124 -20.41 -20.85 17.13
C VAL D 124 -20.92 -21.93 18.11
N ALA D 125 -20.70 -21.73 19.42
CA ALA D 125 -21.18 -22.64 20.43
C ALA D 125 -22.70 -22.70 20.41
N ARG D 126 -23.32 -21.53 20.44
CA ARG D 126 -24.77 -21.48 20.30
C ARG D 126 -25.19 -22.19 19.01
N LYS D 127 -24.50 -21.93 17.90
CA LYS D 127 -24.91 -22.44 16.60
C LYS D 127 -24.85 -23.97 16.47
N ILE D 128 -23.91 -24.60 17.19
CA ILE D 128 -23.79 -26.05 17.14
C ILE D 128 -24.31 -26.70 18.42
N ASP D 129 -25.05 -25.92 19.21
CA ASP D 129 -25.40 -26.24 20.59
C ASP D 129 -24.35 -27.14 21.30
N LEU D 130 -23.13 -26.59 21.34
CA LEU D 130 -21.98 -27.13 22.06
C LEU D 130 -22.41 -27.81 23.34
N GLU D 131 -22.01 -29.06 23.49
CA GLU D 131 -22.24 -29.81 24.74
C GLU D 131 -21.16 -29.36 25.71
N LEU D 132 -21.52 -28.55 26.68
CA LEU D 132 -20.53 -27.82 27.45
C LEU D 132 -20.57 -28.20 28.93
N VAL D 133 -19.43 -28.55 29.50
CA VAL D 133 -19.34 -28.80 30.94
C VAL D 133 -18.60 -27.62 31.56
N LEU D 134 -19.31 -26.83 32.36
CA LEU D 134 -18.63 -25.78 33.11
C LEU D 134 -17.96 -26.42 34.33
N GLY D 135 -16.65 -26.31 34.37
CA GLY D 135 -15.88 -26.86 35.45
C GLY D 135 -14.43 -26.83 35.07
N LYS D 136 -13.60 -27.14 36.06
CA LYS D 136 -12.16 -27.13 35.88
C LYS D 136 -11.64 -28.56 35.95
N VAL D 137 -11.07 -29.00 34.84
CA VAL D 137 -10.36 -30.26 34.76
C VAL D 137 -9.32 -30.21 35.87
N ARG D 138 -9.36 -31.18 36.79
CA ARG D 138 -8.41 -31.27 37.88
C ARG D 138 -7.30 -32.28 37.57
N THR D 139 -7.71 -33.52 37.28
CA THR D 139 -6.78 -34.58 36.92
C THR D 139 -7.31 -35.44 35.78
N ILE D 140 -6.37 -36.01 35.03
CA ILE D 140 -6.65 -36.83 33.84
C ILE D 140 -5.99 -38.18 34.04
N ARG D 141 -6.60 -39.24 33.54
CA ARG D 141 -6.08 -40.59 33.69
C ARG D 141 -6.77 -41.54 32.71
N GLN D 142 -6.10 -42.65 32.39
CA GLN D 142 -6.67 -43.74 31.55
C GLN D 142 -7.52 -44.78 32.32
N GLY D 150 -9.32 -45.08 26.47
CA GLY D 150 -10.03 -44.72 27.67
C GLY D 150 -9.35 -43.60 28.47
N TRP D 151 -10.10 -42.53 28.73
CA TRP D 151 -9.69 -41.49 29.68
C TRP D 151 -10.79 -41.23 30.70
N SER D 152 -10.40 -40.81 31.89
CA SER D 152 -11.36 -40.35 32.89
C SER D 152 -10.89 -39.03 33.45
N VAL D 153 -11.73 -38.00 33.35
CA VAL D 153 -11.31 -36.67 33.74
C VAL D 153 -12.03 -36.15 34.99
N GLU D 154 -11.24 -35.70 35.94
CA GLU D 154 -11.82 -35.20 37.16
C GLU D 154 -12.10 -33.74 36.95
N VAL D 155 -13.38 -33.37 36.98
CA VAL D 155 -13.78 -31.98 36.82
C VAL D 155 -14.33 -31.41 38.13
N ALA D 156 -13.76 -30.28 38.54
CA ALA D 156 -14.17 -29.57 39.75
C ALA D 156 -15.20 -28.50 39.40
N GLY D 157 -16.46 -28.71 39.82
CA GLY D 157 -17.57 -27.84 39.43
C GLY D 157 -17.86 -26.80 40.50
N THR D 162 -17.13 -31.67 42.98
CA THR D 162 -16.15 -32.27 42.06
C THR D 162 -16.59 -33.66 41.55
N THR D 163 -16.35 -33.91 40.26
CA THR D 163 -16.95 -35.07 39.57
C THR D 163 -16.08 -35.58 38.39
N GLU D 164 -16.41 -36.76 37.87
CA GLU D 164 -15.61 -37.38 36.80
C GLU D 164 -16.37 -37.66 35.49
N LEU D 165 -15.66 -37.57 34.37
CA LEU D 165 -16.27 -37.85 33.06
C LEU D 165 -15.44 -38.82 32.24
N GLU D 166 -16.07 -39.85 31.72
CA GLU D 166 -15.37 -40.87 30.97
C GLU D 166 -15.52 -40.49 29.51
N ALA D 167 -14.42 -40.49 28.78
CA ALA D 167 -14.47 -40.35 27.33
C ALA D 167 -13.43 -41.25 26.69
N ASP D 168 -13.60 -41.53 25.39
CA ASP D 168 -12.71 -42.42 24.64
C ASP D 168 -11.49 -41.69 24.04
N GLY D 169 -11.69 -40.47 23.53
CA GLY D 169 -10.59 -39.63 23.03
C GLY D 169 -10.53 -38.37 23.88
N LEU D 170 -9.39 -37.68 23.82
CA LEU D 170 -9.13 -36.50 24.67
C LEU D 170 -8.29 -35.49 23.93
N MET D 171 -8.71 -34.21 23.97
CA MET D 171 -7.96 -33.15 23.34
C MET D 171 -7.61 -32.14 24.39
N ILE D 172 -6.40 -31.64 24.31
CA ILE D 172 -5.94 -30.59 25.17
C ILE D 172 -5.79 -29.35 24.33
N THR D 173 -6.33 -28.24 24.84
CA THR D 173 -6.19 -26.95 24.20
C THR D 173 -5.77 -25.94 25.25
N GLY D 174 -5.43 -24.75 24.76
CA GLY D 174 -4.95 -23.66 25.58
C GLY D 174 -3.42 -23.63 25.76
N PRO D 175 -2.89 -22.43 26.08
CA PRO D 175 -1.48 -22.25 26.35
C PRO D 175 -1.20 -22.37 27.83
N GLY D 176 -2.24 -22.66 28.63
CA GLY D 176 -2.14 -22.82 30.09
C GLY D 176 -2.89 -21.78 30.90
N GLN D 177 -2.23 -21.25 31.92
CA GLN D 177 -2.80 -20.26 32.82
C GLN D 177 -1.99 -18.97 32.69
N SER D 178 -2.72 -17.86 32.55
CA SER D 178 -2.08 -16.56 32.35
C SER D 178 -1.43 -16.11 33.64
N THR D 179 -1.88 -16.70 34.75
CA THR D 179 -1.33 -16.51 36.11
C THR D 179 0.04 -17.16 36.37
N LYS D 180 0.31 -18.32 35.76
CA LYS D 180 1.56 -19.07 36.01
C LYS D 180 2.75 -18.66 35.11
N ALA D 181 3.72 -17.91 35.63
CA ALA D 181 4.89 -17.50 34.82
C ALA D 181 5.95 -18.61 34.67
N LEU D 189 5.86 -9.75 35.96
CA LEU D 189 4.87 -10.54 36.69
C LEU D 189 4.40 -11.68 35.84
N SER D 190 3.25 -12.27 36.19
CA SER D 190 2.54 -13.10 35.21
C SER D 190 1.78 -12.12 34.32
N ILE D 191 1.67 -12.47 33.05
CA ILE D 191 0.81 -11.71 32.16
C ILE D 191 -0.53 -11.41 32.86
N ALA D 192 -1.13 -12.40 33.51
CA ALA D 192 -2.45 -12.18 34.17
C ALA D 192 -2.42 -11.01 35.12
N GLU D 193 -1.39 -10.96 35.97
CA GLU D 193 -1.16 -9.84 36.91
C GLU D 193 -0.85 -8.54 36.18
N PHE D 194 -0.09 -8.65 35.08
CA PHE D 194 0.32 -7.51 34.27
C PHE D 194 -0.83 -6.61 33.75
N TRP D 195 -2.02 -7.17 33.53
CA TRP D 195 -3.17 -6.39 32.99
C TRP D 195 -4.05 -5.75 34.09
N ASP D 196 -3.81 -6.06 35.36
CA ASP D 196 -4.39 -5.27 36.45
C ASP D 196 -3.65 -3.92 36.55
N LEU D 197 -2.41 -3.91 36.07
CA LEU D 197 -1.59 -2.71 36.07
C LEU D 197 -0.63 -2.67 34.88
N ALA D 210 12.79 -5.42 30.04
CA ALA D 210 12.63 -6.61 30.87
C ALA D 210 11.26 -7.28 30.67
N VAL D 211 11.00 -7.74 29.44
CA VAL D 211 9.76 -8.49 29.12
C VAL D 211 10.09 -9.62 28.11
N ILE D 212 9.45 -10.78 28.28
CA ILE D 212 9.88 -12.00 27.60
C ILE D 212 8.89 -12.62 26.59
N GLY D 213 9.39 -12.99 25.41
CA GLY D 213 8.59 -13.76 24.43
C GLY D 213 8.60 -13.21 23.01
N GLU D 216 3.31 -12.99 20.07
CA GLU D 216 2.14 -12.12 19.95
C GLU D 216 1.79 -11.49 21.28
N THR D 217 1.46 -12.34 22.25
CA THR D 217 1.28 -11.92 23.64
C THR D 217 2.39 -10.99 24.09
N ALA D 218 3.61 -11.30 23.66
CA ALA D 218 4.76 -10.44 23.90
C ALA D 218 4.52 -9.14 23.18
N GLY D 219 4.13 -9.25 21.90
CA GLY D 219 3.75 -8.12 21.05
C GLY D 219 2.79 -7.15 21.73
N SER D 220 1.65 -7.65 22.18
CA SER D 220 0.67 -6.84 22.93
C SER D 220 1.38 -6.10 24.05
N ALA D 221 1.61 -6.78 25.17
CA ALA D 221 2.03 -6.16 26.46
C ALA D 221 3.29 -5.29 26.39
N LEU D 222 4.18 -5.58 25.44
CA LEU D 222 5.27 -4.66 25.09
C LEU D 222 4.66 -3.33 24.66
N ASP D 223 3.63 -3.43 23.82
CA ASP D 223 2.79 -2.30 23.44
C ASP D 223 2.37 -1.47 24.65
N GLU D 224 1.56 -2.02 25.56
CA GLU D 224 1.04 -1.20 26.67
C GLU D 224 2.07 -0.91 27.77
N LEU D 225 3.35 -1.16 27.48
CA LEU D 225 4.42 -0.84 28.41
C LEU D 225 5.18 0.45 28.01
N VAL D 226 5.48 0.66 26.73
CA VAL D 226 6.26 1.85 26.35
C VAL D 226 5.65 3.12 26.95
N ARG D 227 4.34 3.08 27.21
CA ARG D 227 3.62 4.14 27.93
C ARG D 227 3.79 4.07 29.44
N HIS D 228 3.67 2.86 30.01
CA HIS D 228 3.88 2.63 31.45
C HIS D 228 5.36 2.71 31.83
N TYR D 249 5.67 -16.12 -0.17
CA TYR D 249 4.36 -16.69 0.07
C TYR D 249 4.43 -18.15 0.62
N PHE D 250 5.58 -18.84 0.49
CA PHE D 250 5.61 -20.29 0.72
C PHE D 250 5.43 -20.72 2.18
N GLU D 251 6.16 -20.07 3.07
CA GLU D 251 6.06 -20.32 4.53
C GLU D 251 4.63 -20.12 5.01
N ASN D 252 4.04 -19.04 4.53
CA ASN D 252 2.69 -18.70 4.97
C ASN D 252 1.70 -19.74 4.52
N SER D 253 1.91 -20.27 3.31
CA SER D 253 1.03 -21.30 2.74
C SER D 253 0.94 -22.50 3.67
N LEU D 254 2.07 -22.86 4.24
CA LEU D 254 2.12 -24.06 5.06
C LEU D 254 1.33 -23.92 6.34
N PHE D 255 1.23 -22.70 6.87
CA PHE D 255 0.51 -22.47 8.11
C PHE D 255 -0.97 -22.81 7.93
N SER D 256 -1.48 -22.50 6.74
CA SER D 256 -2.86 -22.79 6.43
C SER D 256 -2.98 -24.11 5.66
N ASP D 257 -1.93 -24.51 4.93
CA ASP D 257 -1.93 -25.80 4.21
C ASP D 257 -0.63 -26.60 4.41
N PRO D 258 -0.59 -27.43 5.45
CA PRO D 258 0.62 -28.15 5.74
C PRO D 258 0.59 -29.58 5.22
N THR D 259 0.29 -29.78 3.94
CA THR D 259 0.27 -31.14 3.38
C THR D 259 1.49 -31.35 2.51
N LYS D 260 2.32 -30.32 2.36
CA LYS D 260 3.67 -30.46 1.81
C LYS D 260 4.73 -30.40 2.94
N TRP D 261 4.25 -30.34 4.17
CA TRP D 261 5.13 -30.21 5.34
C TRP D 261 6.24 -31.27 5.36
N ASN D 262 5.89 -32.56 5.37
CA ASN D 262 6.92 -33.62 5.32
C ASN D 262 7.48 -33.86 3.91
N ALA D 263 8.06 -32.81 3.33
CA ALA D 263 8.91 -32.93 2.15
C ALA D 263 9.95 -31.79 2.12
N LEU D 264 10.40 -31.38 3.31
CA LEU D 264 11.50 -30.43 3.48
C LEU D 264 12.16 -30.75 4.82
N SER D 265 13.47 -30.50 4.93
CA SER D 265 14.24 -31.09 6.03
C SER D 265 13.73 -30.66 7.41
N ILE D 266 14.02 -31.48 8.42
CA ILE D 266 13.70 -31.17 9.80
C ILE D 266 14.38 -29.85 10.19
N GLN D 267 15.59 -29.64 9.69
CA GLN D 267 16.25 -28.34 9.83
C GLN D 267 15.35 -27.21 9.29
N GLU D 268 14.79 -27.40 8.09
CA GLU D 268 13.91 -26.41 7.46
C GLU D 268 12.65 -26.10 8.28
N ARG D 269 11.94 -27.16 8.66
CA ARG D 269 10.70 -27.02 9.43
C ARG D 269 10.93 -26.27 10.73
N ARG D 270 11.89 -26.76 11.52
CA ARG D 270 12.25 -26.12 12.79
C ARG D 270 12.51 -24.62 12.61
N ASP D 271 13.04 -24.25 11.46
CA ASP D 271 13.26 -22.85 11.11
C ASP D 271 11.94 -22.13 10.93
N VAL D 272 10.98 -22.77 10.28
CA VAL D 272 9.65 -22.15 10.09
C VAL D 272 8.94 -21.96 11.44
N ILE D 273 9.15 -22.93 12.34
CA ILE D 273 8.68 -22.85 13.72
C ILE D 273 9.42 -21.80 14.54
N ARG D 274 10.75 -21.84 14.54
CA ARG D 274 11.53 -20.67 14.90
C ARG D 274 10.98 -19.53 14.04
N ARG D 275 11.09 -18.29 14.52
CA ARG D 275 10.62 -17.09 13.75
C ARG D 275 9.10 -16.99 13.61
N THR D 276 8.37 -18.10 13.79
CA THR D 276 6.91 -18.14 13.96
C THR D 276 6.42 -17.06 14.95
N ASP D 277 7.21 -16.85 16.01
CA ASP D 277 6.96 -15.80 17.00
C ASP D 277 7.78 -14.59 16.63
N GLN D 338 3.60 -21.14 28.12
CA GLN D 338 3.96 -22.22 29.05
C GLN D 338 3.55 -23.62 28.55
N PRO D 339 4.25 -24.12 27.53
CA PRO D 339 3.79 -25.22 26.71
C PRO D 339 3.48 -26.55 27.37
N LEU D 340 4.23 -26.98 28.38
CA LEU D 340 3.91 -28.29 28.95
C LEU D 340 2.91 -28.21 30.11
N TRP D 341 2.35 -27.03 30.36
CA TRP D 341 1.50 -26.79 31.52
C TRP D 341 0.59 -27.99 31.81
N PHE D 342 0.07 -28.56 30.73
CA PHE D 342 -0.91 -29.66 30.80
C PHE D 342 -0.38 -30.92 31.50
N LEU D 343 0.92 -31.21 31.38
CA LEU D 343 1.50 -32.39 32.09
C LEU D 343 0.95 -32.53 33.50
N ASP D 344 0.86 -31.42 34.25
CA ASP D 344 0.30 -31.40 35.61
C ASP D 344 -1.05 -32.06 35.77
N LEU D 345 -1.86 -32.04 34.74
CA LEU D 345 -3.19 -32.59 34.82
C LEU D 345 -3.19 -34.13 34.85
N PHE D 346 -2.12 -34.72 34.31
CA PHE D 346 -1.96 -36.17 34.32
C PHE D 346 -1.46 -36.65 35.68
N ASP D 347 -2.11 -37.67 36.22
CA ASP D 347 -1.49 -38.37 37.34
C ASP D 347 -0.18 -39.04 36.90
N SER D 348 0.64 -39.36 37.89
CA SER D 348 1.94 -40.01 37.69
C SER D 348 1.79 -41.26 36.83
N GLU D 349 0.72 -41.99 37.11
CA GLU D 349 0.36 -43.20 36.37
C GLU D 349 0.21 -42.97 34.86
N SER D 350 -0.47 -41.88 34.50
CA SER D 350 -0.73 -41.60 33.11
C SER D 350 0.41 -40.83 32.47
N ALA D 351 1.15 -40.05 33.25
CA ALA D 351 2.32 -39.38 32.71
C ALA D 351 3.39 -40.43 32.40
N ASP D 352 3.52 -41.42 33.30
CA ASP D 352 4.32 -42.61 33.05
C ASP D 352 3.99 -43.20 31.70
N LEU D 353 2.71 -43.52 31.51
CA LEU D 353 2.26 -44.16 30.27
C LEU D 353 2.56 -43.34 28.99
N LEU D 354 2.65 -42.02 29.18
CA LEU D 354 3.02 -41.03 28.16
C LEU D 354 4.55 -40.96 27.92
N GLU D 355 5.33 -40.98 29.00
CA GLU D 355 6.80 -41.22 28.94
C GLU D 355 7.17 -42.44 28.10
N LEU D 356 6.38 -43.52 28.18
CA LEU D 356 6.66 -44.74 27.43
C LEU D 356 6.54 -44.52 25.90
N ALA D 357 5.33 -44.24 25.44
CA ALA D 357 5.09 -44.09 24.00
C ALA D 357 6.10 -43.13 23.38
N VAL D 358 6.21 -41.96 23.99
CA VAL D 358 7.18 -40.91 23.62
C VAL D 358 8.63 -41.45 23.54
N GLY D 359 8.97 -42.41 24.39
CA GLY D 359 10.24 -43.11 24.29
C GLY D 359 11.36 -42.50 25.12
N GLY D 360 10.97 -41.75 26.16
CA GLY D 360 11.92 -41.08 27.04
C GLY D 360 11.23 -40.01 27.89
N PRO D 361 12.01 -39.21 28.64
CA PRO D 361 11.43 -38.13 29.48
C PRO D 361 10.71 -37.07 28.66
N LEU D 362 9.75 -36.38 29.27
CA LEU D 362 8.82 -35.54 28.55
C LEU D 362 9.37 -34.13 28.28
N THR D 363 10.32 -34.03 27.37
CA THR D 363 10.76 -32.74 26.84
C THR D 363 9.89 -32.48 25.62
N GLN D 364 10.32 -31.67 24.67
CA GLN D 364 9.51 -31.62 23.47
C GLN D 364 10.19 -31.97 22.16
N GLN D 365 11.52 -32.06 22.13
CA GLN D 365 12.11 -32.82 21.04
C GLN D 365 11.30 -34.12 21.06
N ARG D 366 10.99 -34.59 22.28
CA ARG D 366 10.36 -35.88 22.43
C ARG D 366 8.87 -35.86 22.18
N ILE D 367 8.15 -35.05 22.94
CA ILE D 367 6.70 -34.89 22.73
C ILE D 367 6.33 -34.55 21.24
N GLU D 368 6.96 -33.53 20.68
CA GLU D 368 6.59 -33.06 19.31
C GLU D 368 6.72 -34.18 18.27
N SER D 369 7.83 -34.93 18.37
CA SER D 369 8.19 -35.89 17.30
C SER D 369 7.26 -37.12 17.35
N SER D 370 6.60 -37.26 18.52
CA SER D 370 5.69 -38.38 18.79
C SER D 370 4.37 -38.25 18.08
N ILE D 371 4.04 -37.01 17.74
CA ILE D 371 2.68 -36.64 17.36
C ILE D 371 2.34 -37.05 15.93
N GLY D 372 1.36 -37.96 15.81
CA GLY D 372 0.95 -38.49 14.51
C GLY D 372 0.06 -37.58 13.69
N TYR D 373 -0.19 -38.02 12.47
CA TYR D 373 -1.00 -37.32 11.45
C TYR D 373 -2.39 -36.86 11.92
N ASP D 374 -3.03 -37.62 12.81
CA ASP D 374 -4.34 -37.19 13.38
C ASP D 374 -4.21 -36.25 14.62
N LEU D 375 -2.96 -35.81 14.88
CA LEU D 375 -2.59 -34.89 15.98
C LEU D 375 -2.50 -35.61 17.34
N ALA D 376 -2.84 -36.91 17.31
CA ALA D 376 -2.74 -37.75 18.48
C ALA D 376 -1.38 -38.39 18.46
N VAL D 377 -0.80 -38.47 19.67
CA VAL D 377 0.41 -39.29 19.95
C VAL D 377 0.29 -40.67 19.31
N THR D 378 -0.79 -41.40 19.67
CA THR D 378 -1.09 -42.73 19.08
C THR D 378 0.08 -43.75 19.30
N GLY D 379 0.69 -43.66 20.48
CA GLY D 379 1.44 -44.74 21.03
C GLY D 379 0.65 -45.30 22.20
N LEU D 380 -0.46 -44.66 22.60
CA LEU D 380 -1.20 -45.12 23.77
C LEU D 380 -2.43 -45.94 23.41
N GLY D 381 -3.04 -46.53 24.44
CA GLY D 381 -4.30 -47.25 24.32
C GLY D 381 -5.46 -46.31 24.04
N ALA D 382 -5.25 -45.03 24.29
CA ALA D 382 -6.26 -44.00 24.04
C ALA D 382 -5.65 -42.80 23.33
N LYS D 383 -6.47 -42.09 22.59
CA LYS D 383 -5.97 -40.98 21.82
C LYS D 383 -5.92 -39.73 22.68
N LEU D 384 -4.74 -39.13 22.71
CA LEU D 384 -4.50 -37.84 23.33
C LEU D 384 -4.11 -36.83 22.21
N TYR D 385 -4.98 -35.86 21.94
CA TYR D 385 -4.69 -34.90 20.89
C TYR D 385 -4.00 -33.67 21.45
N LEU D 386 -2.77 -33.40 20.97
CA LEU D 386 -1.98 -32.21 21.39
C LEU D 386 -1.58 -31.28 20.23
N PRO D 387 -2.60 -30.64 19.60
CA PRO D 387 -2.35 -29.80 18.45
C PRO D 387 -1.31 -28.70 18.76
N ASN D 388 -1.37 -28.11 19.93
CA ASN D 388 -0.35 -27.14 20.37
C ASN D 388 1.11 -27.58 20.30
N MET D 389 1.33 -28.87 20.03
CA MET D 389 2.68 -29.38 19.86
C MET D 389 2.87 -30.16 18.56
N ALA D 390 2.02 -29.84 17.56
CA ALA D 390 2.03 -30.52 16.22
C ALA D 390 2.65 -29.68 15.07
N ALA D 391 3.29 -28.59 15.49
CA ALA D 391 4.04 -27.73 14.59
C ALA D 391 5.15 -28.47 13.82
N LEU D 392 6.14 -28.98 14.54
CA LEU D 392 7.30 -29.63 13.94
C LEU D 392 6.94 -30.92 13.20
N ALA D 393 6.03 -31.71 13.78
CA ALA D 393 5.69 -32.98 13.16
C ALA D 393 4.82 -32.74 11.95
N GLN D 394 3.68 -32.08 12.13
CA GLN D 394 2.56 -32.11 11.15
C GLN D 394 2.22 -30.85 10.33
N GLY D 395 2.35 -29.69 10.97
CA GLY D 395 2.17 -28.41 10.29
C GLY D 395 2.21 -27.25 11.27
N PRO D 396 2.85 -26.14 10.89
CA PRO D 396 3.06 -25.05 11.82
C PRO D 396 1.82 -24.20 12.17
N GLY D 397 0.70 -24.41 11.49
CA GLY D 397 -0.53 -23.68 11.83
C GLY D 397 -1.37 -24.31 12.92
N PHE D 398 -1.27 -25.65 13.07
CA PHE D 398 -2.05 -26.43 14.05
C PHE D 398 -2.07 -25.89 15.48
N PRO D 399 -0.96 -25.30 15.95
CA PRO D 399 -0.97 -24.69 17.29
C PRO D 399 -1.90 -23.51 17.46
N ASN D 400 -2.29 -22.86 16.37
CA ASN D 400 -3.00 -21.61 16.45
C ASN D 400 -4.21 -21.54 15.46
N LEU D 401 -4.49 -20.36 14.92
CA LEU D 401 -5.75 -20.15 14.19
C LEU D 401 -5.51 -20.23 12.68
N SER D 402 -4.26 -20.48 12.29
CA SER D 402 -3.89 -20.56 10.90
C SER D 402 -4.63 -21.60 10.09
N CYS D 403 -5.14 -22.66 10.71
CA CYS D 403 -5.84 -23.70 9.92
C CYS D 403 -6.75 -24.62 10.70
N LEU D 404 -7.63 -24.06 11.49
CA LEU D 404 -8.44 -24.86 12.37
C LEU D 404 -9.20 -25.95 11.66
N GLY D 405 -9.46 -25.80 10.36
CA GLY D 405 -10.24 -26.75 9.58
C GLY D 405 -9.49 -28.03 9.20
N GLU D 406 -8.15 -27.98 9.08
CA GLU D 406 -7.37 -29.20 8.86
C GLU D 406 -7.27 -29.89 10.21
N LEU D 407 -7.05 -29.09 11.26
CA LEU D 407 -7.03 -29.61 12.63
C LEU D 407 -8.27 -30.43 12.84
N SER D 408 -9.45 -29.85 12.60
CA SER D 408 -10.69 -30.62 12.83
C SER D 408 -10.69 -31.85 11.92
N ASP D 409 -10.31 -31.63 10.67
CA ASP D 409 -10.16 -32.71 9.71
C ASP D 409 -9.27 -33.83 10.23
N ARG D 410 -8.23 -33.48 10.99
CA ARG D 410 -7.24 -34.47 11.38
C ARG D 410 -7.83 -35.41 12.41
N VAL D 411 -8.52 -34.84 13.40
CA VAL D 411 -8.96 -35.63 14.54
C VAL D 411 -10.27 -36.36 14.29
N LEU D 412 -10.98 -35.99 13.23
CA LEU D 412 -12.26 -36.60 12.98
C LEU D 412 -12.34 -37.48 11.74
N ARG D 413 -11.39 -37.37 10.82
CA ARG D 413 -11.47 -38.05 9.51
C ARG D 413 -10.40 -39.13 9.34
#